data_5HRP
# 
_entry.id   5HRP 
# 
_audit_conform.dict_name       mmcif_pdbx.dic 
_audit_conform.dict_version    5.387 
_audit_conform.dict_location   http://mmcif.pdb.org/dictionaries/ascii/mmcif_pdbx.dic 
# 
loop_
_database_2.database_id 
_database_2.database_code 
_database_2.pdbx_database_accession 
_database_2.pdbx_DOI 
PDB   5HRP         pdb_00005hrp 10.2210/pdb5hrp/pdb 
WWPDB D_1000217617 ?            ?                   
# 
loop_
_pdbx_audit_revision_history.ordinal 
_pdbx_audit_revision_history.data_content_type 
_pdbx_audit_revision_history.major_revision 
_pdbx_audit_revision_history.minor_revision 
_pdbx_audit_revision_history.revision_date 
1 'Structure model' 1 0 2016-12-14 
2 'Structure model' 1 1 2016-12-21 
3 'Structure model' 1 2 2024-03-06 
# 
_pdbx_audit_revision_details.ordinal             1 
_pdbx_audit_revision_details.revision_ordinal    1 
_pdbx_audit_revision_details.data_content_type   'Structure model' 
_pdbx_audit_revision_details.provider            repository 
_pdbx_audit_revision_details.type                'Initial release' 
_pdbx_audit_revision_details.description         ? 
_pdbx_audit_revision_details.details             ? 
# 
loop_
_pdbx_audit_revision_group.ordinal 
_pdbx_audit_revision_group.revision_ordinal 
_pdbx_audit_revision_group.data_content_type 
_pdbx_audit_revision_group.group 
1 2 'Structure model' 'Database references' 
2 3 'Structure model' 'Data collection'     
3 3 'Structure model' 'Database references' 
# 
loop_
_pdbx_audit_revision_category.ordinal 
_pdbx_audit_revision_category.revision_ordinal 
_pdbx_audit_revision_category.data_content_type 
_pdbx_audit_revision_category.category 
1 3 'Structure model' chem_comp_atom 
2 3 'Structure model' chem_comp_bond 
3 3 'Structure model' database_2     
# 
loop_
_pdbx_audit_revision_item.ordinal 
_pdbx_audit_revision_item.revision_ordinal 
_pdbx_audit_revision_item.data_content_type 
_pdbx_audit_revision_item.item 
1 3 'Structure model' '_database_2.pdbx_DOI'                
2 3 'Structure model' '_database_2.pdbx_database_accession' 
# 
_pdbx_database_status.status_code                     REL 
_pdbx_database_status.status_code_sf                  REL 
_pdbx_database_status.status_code_mr                  ? 
_pdbx_database_status.entry_id                        5HRP 
_pdbx_database_status.recvd_initial_deposition_date   2016-01-24 
_pdbx_database_status.SG_entry                        N 
_pdbx_database_status.deposit_site                    RCSB 
_pdbx_database_status.process_site                    RCSB 
_pdbx_database_status.status_code_cs                  ? 
_pdbx_database_status.methods_development_category    ? 
_pdbx_database_status.pdb_format_compatible           Y 
_pdbx_database_status.status_code_nmr_data            ? 
# 
loop_
_pdbx_database_related.content_type 
_pdbx_database_related.db_id 
_pdbx_database_related.db_name 
_pdbx_database_related.details 
unspecified 5HOT PDB . 
unspecified 5HRN PDB . 
unspecified 5HRR PDB . 
unspecified 5HRS PDB . 
# 
_audit_author.name           'Nolte, R.T.' 
_audit_author.pdbx_ordinal   1 
# 
_citation.abstract                  ? 
_citation.abstract_id_CAS           ? 
_citation.book_id_ISBN              ? 
_citation.book_publisher            ? 
_citation.book_publisher_city       ? 
_citation.book_title                ? 
_citation.coordinate_linkage        ? 
_citation.country                   US 
_citation.database_id_Medline       ? 
_citation.details                   ? 
_citation.id                        primary 
_citation.journal_abbrev            'PLoS Biol.' 
_citation.journal_id_ASTM           ? 
_citation.journal_id_CSD            ? 
_citation.journal_id_ISSN           1545-7885 
_citation.journal_full              ? 
_citation.journal_issue             ? 
_citation.journal_volume            14 
_citation.language                  ? 
_citation.page_first                e1002584 
_citation.page_last                 e1002584 
_citation.title                     'Structural Basis for Inhibitor-Induced Aggregation of HIV Integrase.' 
_citation.year                      2016 
_citation.database_id_CSD           ? 
_citation.pdbx_database_id_DOI      10.1371/journal.pbio.1002584 
_citation.pdbx_database_id_PubMed   27935939 
_citation.unpublished_flag          ? 
# 
loop_
_citation_author.citation_id 
_citation_author.name 
_citation_author.ordinal 
_citation_author.identifier_ORCID 
primary 'Gupta, K.'        1  ? 
primary 'Turkki, V.'       2  ? 
primary 'Sherrill-Mix, S.' 3  ? 
primary 'Hwang, Y.'        4  ? 
primary 'Eilers, G.'       5  ? 
primary 'Taylor, L.'       6  ? 
primary 'McDanal, C.'      7  ? 
primary 'Wang, P.'         8  ? 
primary 'Temelkoff, D.'    9  ? 
primary 'Nolte, R.T.'      10 ? 
primary 'Velthuisen, E.'   11 ? 
primary 'Jeffrey, J.'      12 ? 
primary 'Van Duyne, G.D.'  13 ? 
primary 'Bushman, F.D.'    14 ? 
# 
loop_
_entity.id 
_entity.type 
_entity.src_method 
_entity.pdbx_description 
_entity.formula_weight 
_entity.pdbx_number_of_molecules 
_entity.pdbx_ec 
_entity.pdbx_mutation 
_entity.pdbx_fragment 
_entity.details 
1 polymer     man Integrase 17969.533 1   ? 'F185K, A124T' ? ? 
2 non-polymer syn 'CACODYLATE ION' 136.989   2   ? ?              ? ? 
3 non-polymer syn 'SULFATE ION' 96.063    4   ? ?              ? ? 
4 non-polymer syn 1,2-ETHANEDIOL 62.068    3   ? ?              ? ? 
5 non-polymer syn 
'(2S)-tert-butoxy[1-(3,4-difluorobenzyl)-6-methyl-4-(5-methyl-3,4-dihydro-2H-chromen-6-yl)-1H-pyrrolo[2,3-b]pyridin-5-yl]acetic acid' 
534.594   1   ? ?              ? ? 
6 water       nat water 18.015    119 ? ?              ? ? 
# 
_entity_poly.entity_id                      1 
_entity_poly.type                           'polypeptide(L)' 
_entity_poly.nstd_linkage                   no 
_entity_poly.nstd_monomer                   no 
_entity_poly.pdbx_seq_one_letter_code       
;GMHGQVDCSPGIWQLDCTHLEGKVILVAVHVASGYIEAEVIPAETGQETAYFLLKLAGRWPVKTIHTDNGSNFTSTTVKA
ACWWAGIKQEFGIPYNPQSQGVVESMNKELKKIIGQVRDQAEHLKTAVQMAVFIHNKKRKGGIGGYSAGERIVDIIATDI
QTKE
;
_entity_poly.pdbx_seq_one_letter_code_can   
;GMHGQVDCSPGIWQLDCTHLEGKVILVAVHVASGYIEAEVIPAETGQETAYFLLKLAGRWPVKTIHTDNGSNFTSTTVKA
ACWWAGIKQEFGIPYNPQSQGVVESMNKELKKIIGQVRDQAEHLKTAVQMAVFIHNKKRKGGIGGYSAGERIVDIIATDI
QTKE
;
_entity_poly.pdbx_strand_id                 A 
_entity_poly.pdbx_target_identifier         ? 
# 
loop_
_pdbx_entity_nonpoly.entity_id 
_pdbx_entity_nonpoly.name 
_pdbx_entity_nonpoly.comp_id 
2 'CACODYLATE ION' CAC 
3 'SULFATE ION' SO4 
4 1,2-ETHANEDIOL EDO 
5 
'(2S)-tert-butoxy[1-(3,4-difluorobenzyl)-6-methyl-4-(5-methyl-3,4-dihydro-2H-chromen-6-yl)-1H-pyrrolo[2,3-b]pyridin-5-yl]acetic acid' 
65P 
6 water HOH 
# 
loop_
_entity_poly_seq.entity_id 
_entity_poly_seq.num 
_entity_poly_seq.mon_id 
_entity_poly_seq.hetero 
1 1   GLY n 
1 2   MET n 
1 3   HIS n 
1 4   GLY n 
1 5   GLN n 
1 6   VAL n 
1 7   ASP n 
1 8   CYS n 
1 9   SER n 
1 10  PRO n 
1 11  GLY n 
1 12  ILE n 
1 13  TRP n 
1 14  GLN n 
1 15  LEU n 
1 16  ASP n 
1 17  CYS n 
1 18  THR n 
1 19  HIS n 
1 20  LEU n 
1 21  GLU n 
1 22  GLY n 
1 23  LYS n 
1 24  VAL n 
1 25  ILE n 
1 26  LEU n 
1 27  VAL n 
1 28  ALA n 
1 29  VAL n 
1 30  HIS n 
1 31  VAL n 
1 32  ALA n 
1 33  SER n 
1 34  GLY n 
1 35  TYR n 
1 36  ILE n 
1 37  GLU n 
1 38  ALA n 
1 39  GLU n 
1 40  VAL n 
1 41  ILE n 
1 42  PRO n 
1 43  ALA n 
1 44  GLU n 
1 45  THR n 
1 46  GLY n 
1 47  GLN n 
1 48  GLU n 
1 49  THR n 
1 50  ALA n 
1 51  TYR n 
1 52  PHE n 
1 53  LEU n 
1 54  LEU n 
1 55  LYS n 
1 56  LEU n 
1 57  ALA n 
1 58  GLY n 
1 59  ARG n 
1 60  TRP n 
1 61  PRO n 
1 62  VAL n 
1 63  LYS n 
1 64  THR n 
1 65  ILE n 
1 66  HIS n 
1 67  THR n 
1 68  ASP n 
1 69  ASN n 
1 70  GLY n 
1 71  SER n 
1 72  ASN n 
1 73  PHE n 
1 74  THR n 
1 75  SER n 
1 76  THR n 
1 77  THR n 
1 78  VAL n 
1 79  LYS n 
1 80  ALA n 
1 81  ALA n 
1 82  CYS n 
1 83  TRP n 
1 84  TRP n 
1 85  ALA n 
1 86  GLY n 
1 87  ILE n 
1 88  LYS n 
1 89  GLN n 
1 90  GLU n 
1 91  PHE n 
1 92  GLY n 
1 93  ILE n 
1 94  PRO n 
1 95  TYR n 
1 96  ASN n 
1 97  PRO n 
1 98  GLN n 
1 99  SER n 
1 100 GLN n 
1 101 GLY n 
1 102 VAL n 
1 103 VAL n 
1 104 GLU n 
1 105 SER n 
1 106 MET n 
1 107 ASN n 
1 108 LYS n 
1 109 GLU n 
1 110 LEU n 
1 111 LYS n 
1 112 LYS n 
1 113 ILE n 
1 114 ILE n 
1 115 GLY n 
1 116 GLN n 
1 117 VAL n 
1 118 ARG n 
1 119 ASP n 
1 120 GLN n 
1 121 ALA n 
1 122 GLU n 
1 123 HIS n 
1 124 LEU n 
1 125 LYS n 
1 126 THR n 
1 127 ALA n 
1 128 VAL n 
1 129 GLN n 
1 130 MET n 
1 131 ALA n 
1 132 VAL n 
1 133 PHE n 
1 134 ILE n 
1 135 HIS n 
1 136 ASN n 
1 137 LYS n 
1 138 LYS n 
1 139 ARG n 
1 140 LYS n 
1 141 GLY n 
1 142 GLY n 
1 143 ILE n 
1 144 GLY n 
1 145 GLY n 
1 146 TYR n 
1 147 SER n 
1 148 ALA n 
1 149 GLY n 
1 150 GLU n 
1 151 ARG n 
1 152 ILE n 
1 153 VAL n 
1 154 ASP n 
1 155 ILE n 
1 156 ILE n 
1 157 ALA n 
1 158 THR n 
1 159 ASP n 
1 160 ILE n 
1 161 GLN n 
1 162 THR n 
1 163 LYS n 
1 164 GLU n 
# 
_entity_src_gen.entity_id                          1 
_entity_src_gen.pdbx_src_id                        1 
_entity_src_gen.pdbx_alt_source_flag               sample 
_entity_src_gen.pdbx_seq_type                      'Biological sequence' 
_entity_src_gen.pdbx_beg_seq_num                   1 
_entity_src_gen.pdbx_end_seq_num                   164 
_entity_src_gen.gene_src_common_name               HIV-1 
_entity_src_gen.gene_src_genus                     ? 
_entity_src_gen.pdbx_gene_src_gene                 gag-pol 
_entity_src_gen.gene_src_species                   ? 
_entity_src_gen.gene_src_strain                    ? 
_entity_src_gen.gene_src_tissue                    ? 
_entity_src_gen.gene_src_tissue_fraction           ? 
_entity_src_gen.gene_src_details                   ? 
_entity_src_gen.pdbx_gene_src_fragment             ? 
_entity_src_gen.pdbx_gene_src_scientific_name      'Human immunodeficiency virus 1' 
_entity_src_gen.pdbx_gene_src_ncbi_taxonomy_id     11706 
_entity_src_gen.pdbx_gene_src_variant              ? 
_entity_src_gen.pdbx_gene_src_cell_line            ? 
_entity_src_gen.pdbx_gene_src_atcc                 ? 
_entity_src_gen.pdbx_gene_src_organ                ? 
_entity_src_gen.pdbx_gene_src_organelle            ? 
_entity_src_gen.pdbx_gene_src_cell                 ? 
_entity_src_gen.pdbx_gene_src_cellular_location    ? 
_entity_src_gen.host_org_common_name               ? 
_entity_src_gen.pdbx_host_org_scientific_name      'Escherichia coli' 
_entity_src_gen.pdbx_host_org_ncbi_taxonomy_id     562 
_entity_src_gen.host_org_genus                     ? 
_entity_src_gen.pdbx_host_org_gene                 ? 
_entity_src_gen.pdbx_host_org_organ                ? 
_entity_src_gen.host_org_species                   ? 
_entity_src_gen.pdbx_host_org_tissue               ? 
_entity_src_gen.pdbx_host_org_tissue_fraction      ? 
_entity_src_gen.pdbx_host_org_strain               'BL21star(DE3)' 
_entity_src_gen.pdbx_host_org_variant              ? 
_entity_src_gen.pdbx_host_org_cell_line            ? 
_entity_src_gen.pdbx_host_org_atcc                 ? 
_entity_src_gen.pdbx_host_org_culture_collection   ? 
_entity_src_gen.pdbx_host_org_cell                 ? 
_entity_src_gen.pdbx_host_org_organelle            ? 
_entity_src_gen.pdbx_host_org_cellular_location    ? 
_entity_src_gen.pdbx_host_org_vector_type          plasmid 
_entity_src_gen.pdbx_host_org_vector               ? 
_entity_src_gen.host_org_details                   ? 
_entity_src_gen.expression_system_id               ? 
_entity_src_gen.plasmid_name                       pET24 
_entity_src_gen.plasmid_details                    ? 
_entity_src_gen.pdbx_description                   ? 
# 
loop_
_chem_comp.id 
_chem_comp.type 
_chem_comp.mon_nstd_flag 
_chem_comp.name 
_chem_comp.pdbx_synonyms 
_chem_comp.formula 
_chem_comp.formula_weight 
65P non-polymer         . 
'(2S)-tert-butoxy[1-(3,4-difluorobenzyl)-6-methyl-4-(5-methyl-3,4-dihydro-2H-chromen-6-yl)-1H-pyrrolo[2,3-b]pyridin-5-yl]acetic acid' 
?                 'C31 H32 F2 N2 O4' 534.594 
ALA 'L-peptide linking' y ALANINE ?                 'C3 H7 N O2'       89.093  
ARG 'L-peptide linking' y ARGININE ?                 'C6 H15 N4 O2 1'   175.209 
ASN 'L-peptide linking' y ASPARAGINE ?                 'C4 H8 N2 O3'      132.118 
ASP 'L-peptide linking' y 'ASPARTIC ACID' ?                 'C4 H7 N O4'       133.103 
CAC non-polymer         . 'CACODYLATE ION' dimethylarsinate  'C2 H6 As O2 -1'   136.989 
CYS 'L-peptide linking' y CYSTEINE ?                 'C3 H7 N O2 S'     121.158 
EDO non-polymer         . 1,2-ETHANEDIOL 'ETHYLENE GLYCOL' 'C2 H6 O2'         62.068  
GLN 'L-peptide linking' y GLUTAMINE ?                 'C5 H10 N2 O3'     146.144 
GLU 'L-peptide linking' y 'GLUTAMIC ACID' ?                 'C5 H9 N O4'       147.129 
GLY 'peptide linking'   y GLYCINE ?                 'C2 H5 N O2'       75.067  
HIS 'L-peptide linking' y HISTIDINE ?                 'C6 H10 N3 O2 1'   156.162 
HOH non-polymer         . WATER ?                 'H2 O'             18.015  
ILE 'L-peptide linking' y ISOLEUCINE ?                 'C6 H13 N O2'      131.173 
LEU 'L-peptide linking' y LEUCINE ?                 'C6 H13 N O2'      131.173 
LYS 'L-peptide linking' y LYSINE ?                 'C6 H15 N2 O2 1'   147.195 
MET 'L-peptide linking' y METHIONINE ?                 'C5 H11 N O2 S'    149.211 
PHE 'L-peptide linking' y PHENYLALANINE ?                 'C9 H11 N O2'      165.189 
PRO 'L-peptide linking' y PROLINE ?                 'C5 H9 N O2'       115.130 
SER 'L-peptide linking' y SERINE ?                 'C3 H7 N O3'       105.093 
SO4 non-polymer         . 'SULFATE ION' ?                 'O4 S -2'          96.063  
THR 'L-peptide linking' y THREONINE ?                 'C4 H9 N O3'       119.119 
TRP 'L-peptide linking' y TRYPTOPHAN ?                 'C11 H12 N2 O2'    204.225 
TYR 'L-peptide linking' y TYROSINE ?                 'C9 H11 N O3'      181.189 
VAL 'L-peptide linking' y VALINE ?                 'C5 H11 N O2'      117.146 
# 
loop_
_pdbx_poly_seq_scheme.asym_id 
_pdbx_poly_seq_scheme.entity_id 
_pdbx_poly_seq_scheme.seq_id 
_pdbx_poly_seq_scheme.mon_id 
_pdbx_poly_seq_scheme.ndb_seq_num 
_pdbx_poly_seq_scheme.pdb_seq_num 
_pdbx_poly_seq_scheme.auth_seq_num 
_pdbx_poly_seq_scheme.pdb_mon_id 
_pdbx_poly_seq_scheme.auth_mon_id 
_pdbx_poly_seq_scheme.pdb_strand_id 
_pdbx_poly_seq_scheme.pdb_ins_code 
_pdbx_poly_seq_scheme.hetero 
A 1 1   GLY 1   49  ?   ?   ?   A . n 
A 1 2   MET 2   50  ?   ?   ?   A . n 
A 1 3   HIS 3   51  ?   ?   ?   A . n 
A 1 4   GLY 4   52  ?   ?   ?   A . n 
A 1 5   GLN 5   53  ?   ?   ?   A . n 
A 1 6   VAL 6   54  ?   ?   ?   A . n 
A 1 7   ASP 7   55  ?   ?   ?   A . n 
A 1 8   CYS 8   56  56  CYS CYS A . n 
A 1 9   SER 9   57  57  SER SER A . n 
A 1 10  PRO 10  58  58  PRO PRO A . n 
A 1 11  GLY 11  59  59  GLY GLY A . n 
A 1 12  ILE 12  60  60  ILE ILE A . n 
A 1 13  TRP 13  61  61  TRP TRP A . n 
A 1 14  GLN 14  62  62  GLN GLN A . n 
A 1 15  LEU 15  63  63  LEU LEU A . n 
A 1 16  ASP 16  64  64  ASP ASP A . n 
A 1 17  CYS 17  65  65  CYS CYS A . n 
A 1 18  THR 18  66  66  THR THR A . n 
A 1 19  HIS 19  67  67  HIS HIS A . n 
A 1 20  LEU 20  68  68  LEU LEU A . n 
A 1 21  GLU 21  69  69  GLU GLU A . n 
A 1 22  GLY 22  70  70  GLY GLY A . n 
A 1 23  LYS 23  71  71  LYS LYS A . n 
A 1 24  VAL 24  72  72  VAL VAL A . n 
A 1 25  ILE 25  73  73  ILE ILE A . n 
A 1 26  LEU 26  74  74  LEU LEU A . n 
A 1 27  VAL 27  75  75  VAL VAL A . n 
A 1 28  ALA 28  76  76  ALA ALA A . n 
A 1 29  VAL 29  77  77  VAL VAL A . n 
A 1 30  HIS 30  78  78  HIS HIS A . n 
A 1 31  VAL 31  79  79  VAL VAL A . n 
A 1 32  ALA 32  80  80  ALA ALA A . n 
A 1 33  SER 33  81  81  SER SER A . n 
A 1 34  GLY 34  82  82  GLY GLY A . n 
A 1 35  TYR 35  83  83  TYR TYR A . n 
A 1 36  ILE 36  84  84  ILE ILE A . n 
A 1 37  GLU 37  85  85  GLU GLU A . n 
A 1 38  ALA 38  86  86  ALA ALA A . n 
A 1 39  GLU 39  87  87  GLU GLU A . n 
A 1 40  VAL 40  88  88  VAL VAL A . n 
A 1 41  ILE 41  89  89  ILE ILE A . n 
A 1 42  PRO 42  90  90  PRO PRO A . n 
A 1 43  ALA 43  91  91  ALA ALA A . n 
A 1 44  GLU 44  92  92  GLU GLU A . n 
A 1 45  THR 45  93  93  THR THR A . n 
A 1 46  GLY 46  94  94  GLY GLY A . n 
A 1 47  GLN 47  95  95  GLN GLN A . n 
A 1 48  GLU 48  96  96  GLU GLU A . n 
A 1 49  THR 49  97  97  THR THR A . n 
A 1 50  ALA 50  98  98  ALA ALA A . n 
A 1 51  TYR 51  99  99  TYR TYR A . n 
A 1 52  PHE 52  100 100 PHE PHE A . n 
A 1 53  LEU 53  101 101 LEU LEU A . n 
A 1 54  LEU 54  102 102 LEU LEU A . n 
A 1 55  LYS 55  103 103 LYS LYS A . n 
A 1 56  LEU 56  104 104 LEU LEU A . n 
A 1 57  ALA 57  105 105 ALA ALA A . n 
A 1 58  GLY 58  106 106 GLY GLY A . n 
A 1 59  ARG 59  107 107 ARG ARG A . n 
A 1 60  TRP 60  108 108 TRP TRP A . n 
A 1 61  PRO 61  109 109 PRO PRO A . n 
A 1 62  VAL 62  110 110 VAL VAL A . n 
A 1 63  LYS 63  111 111 LYS LYS A . n 
A 1 64  THR 64  112 112 THR THR A . n 
A 1 65  ILE 65  113 113 ILE ILE A . n 
A 1 66  HIS 66  114 114 HIS HIS A . n 
A 1 67  THR 67  115 115 THR THR A . n 
A 1 68  ASP 68  116 116 ASP ASP A . n 
A 1 69  ASN 69  117 117 ASN ASN A . n 
A 1 70  GLY 70  118 118 GLY GLY A . n 
A 1 71  SER 71  119 119 SER SER A . n 
A 1 72  ASN 72  120 120 ASN ASN A . n 
A 1 73  PHE 73  121 121 PHE PHE A . n 
A 1 74  THR 74  122 122 THR THR A . n 
A 1 75  SER 75  123 123 SER SER A . n 
A 1 76  THR 76  124 124 THR THR A . n 
A 1 77  THR 77  125 125 THR THR A . n 
A 1 78  VAL 78  126 126 VAL VAL A . n 
A 1 79  LYS 79  127 127 LYS LYS A . n 
A 1 80  ALA 80  128 128 ALA ALA A . n 
A 1 81  ALA 81  129 129 ALA ALA A . n 
A 1 82  CYS 82  130 130 CYS CYS A . n 
A 1 83  TRP 83  131 131 TRP TRP A . n 
A 1 84  TRP 84  132 132 TRP TRP A . n 
A 1 85  ALA 85  133 133 ALA ALA A . n 
A 1 86  GLY 86  134 134 GLY GLY A . n 
A 1 87  ILE 87  135 135 ILE ILE A . n 
A 1 88  LYS 88  136 136 LYS LYS A . n 
A 1 89  GLN 89  137 137 GLN GLN A . n 
A 1 90  GLU 90  138 ?   ?   ?   A . n 
A 1 91  PHE 91  139 ?   ?   ?   A . n 
A 1 92  GLY 92  140 ?   ?   ?   A . n 
A 1 93  ILE 93  141 ?   ?   ?   A . n 
A 1 94  PRO 94  142 ?   ?   ?   A . n 
A 1 95  TYR 95  143 ?   ?   ?   A . n 
A 1 96  ASN 96  144 ?   ?   ?   A . n 
A 1 97  PRO 97  145 ?   ?   ?   A . n 
A 1 98  GLN 98  146 ?   ?   ?   A . n 
A 1 99  SER 99  147 ?   ?   ?   A . n 
A 1 100 GLN 100 148 ?   ?   ?   A . n 
A 1 101 GLY 101 149 149 GLY GLY A . n 
A 1 102 VAL 102 150 150 VAL VAL A . n 
A 1 103 VAL 103 151 151 VAL VAL A . n 
A 1 104 GLU 104 152 152 GLU GLU A . n 
A 1 105 SER 105 153 153 SER SER A . n 
A 1 106 MET 106 154 154 MET MET A . n 
A 1 107 ASN 107 155 155 ASN ASN A . n 
A 1 108 LYS 108 156 156 LYS LYS A . n 
A 1 109 GLU 109 157 157 GLU GLU A . n 
A 1 110 LEU 110 158 158 LEU LEU A . n 
A 1 111 LYS 111 159 159 LYS LYS A . n 
A 1 112 LYS 112 160 160 LYS LYS A . n 
A 1 113 ILE 113 161 161 ILE ILE A . n 
A 1 114 ILE 114 162 162 ILE ILE A . n 
A 1 115 GLY 115 163 163 GLY GLY A . n 
A 1 116 GLN 116 164 164 GLN GLN A . n 
A 1 117 VAL 117 165 165 VAL VAL A . n 
A 1 118 ARG 118 166 166 ARG ARG A . n 
A 1 119 ASP 119 167 167 ASP ASP A . n 
A 1 120 GLN 120 168 168 GLN GLN A . n 
A 1 121 ALA 121 169 169 ALA ALA A . n 
A 1 122 GLU 122 170 170 GLU GLU A . n 
A 1 123 HIS 123 171 171 HIS HIS A . n 
A 1 124 LEU 124 172 172 LEU LEU A . n 
A 1 125 LYS 125 173 173 LYS LYS A . n 
A 1 126 THR 126 174 174 THR THR A . n 
A 1 127 ALA 127 175 175 ALA ALA A . n 
A 1 128 VAL 128 176 176 VAL VAL A . n 
A 1 129 GLN 129 177 177 GLN GLN A . n 
A 1 130 MET 130 178 178 MET MET A . n 
A 1 131 ALA 131 179 179 ALA ALA A . n 
A 1 132 VAL 132 180 180 VAL VAL A . n 
A 1 133 PHE 133 181 181 PHE PHE A . n 
A 1 134 ILE 134 182 182 ILE ILE A . n 
A 1 135 HIS 135 183 183 HIS HIS A . n 
A 1 136 ASN 136 184 184 ASN ASN A . n 
A 1 137 LYS 137 185 185 LYS LYS A . n 
A 1 138 LYS 138 186 186 LYS LYS A . n 
A 1 139 ARG 139 187 187 ARG ARG A . n 
A 1 140 LYS 140 188 188 LYS LYS A . n 
A 1 141 GLY 141 189 ?   ?   ?   A . n 
A 1 142 GLY 142 190 ?   ?   ?   A . n 
A 1 143 ILE 143 191 ?   ?   ?   A . n 
A 1 144 GLY 144 192 ?   ?   ?   A . n 
A 1 145 GLY 145 193 193 GLY GLY A . n 
A 1 146 TYR 146 194 194 TYR TYR A . n 
A 1 147 SER 147 195 195 SER SER A . n 
A 1 148 ALA 148 196 196 ALA ALA A . n 
A 1 149 GLY 149 197 197 GLY GLY A . n 
A 1 150 GLU 150 198 198 GLU GLU A . n 
A 1 151 ARG 151 199 199 ARG ARG A . n 
A 1 152 ILE 152 200 200 ILE ILE A . n 
A 1 153 VAL 153 201 201 VAL VAL A . n 
A 1 154 ASP 154 202 202 ASP ASP A . n 
A 1 155 ILE 155 203 203 ILE ILE A . n 
A 1 156 ILE 156 204 204 ILE ILE A . n 
A 1 157 ALA 157 205 205 ALA ALA A . n 
A 1 158 THR 158 206 206 THR THR A . n 
A 1 159 ASP 159 207 207 ASP ASP A . n 
A 1 160 ILE 160 208 208 ILE ILE A . n 
A 1 161 GLN 161 209 209 GLN GLN A . n 
A 1 162 THR 162 210 ?   ?   ?   A . n 
A 1 163 LYS 163 211 ?   ?   ?   A . n 
A 1 164 GLU 164 212 ?   ?   ?   A . n 
# 
loop_
_pdbx_nonpoly_scheme.asym_id 
_pdbx_nonpoly_scheme.entity_id 
_pdbx_nonpoly_scheme.mon_id 
_pdbx_nonpoly_scheme.ndb_seq_num 
_pdbx_nonpoly_scheme.pdb_seq_num 
_pdbx_nonpoly_scheme.auth_seq_num 
_pdbx_nonpoly_scheme.pdb_mon_id 
_pdbx_nonpoly_scheme.auth_mon_id 
_pdbx_nonpoly_scheme.pdb_strand_id 
_pdbx_nonpoly_scheme.pdb_ins_code 
B 2 CAC 1   301 1   CAC CAC A . 
C 2 CAC 1   302 2   CAC CAC A . 
D 3 SO4 1   303 1   SO4 SO4 A . 
E 3 SO4 1   304 2   SO4 SO4 A . 
F 3 SO4 1   305 3   SO4 SO4 A . 
G 3 SO4 1   306 4   SO4 SO4 A . 
H 4 EDO 1   307 1   EDO EDO A . 
I 4 EDO 1   308 2   EDO EDO A . 
J 4 EDO 1   309 3   EDO EDO A . 
K 5 65P 1   310 1   65P LIG A . 
L 6 HOH 1   401 101 HOH HOH A . 
L 6 HOH 2   402 53  HOH HOH A . 
L 6 HOH 3   403 77  HOH HOH A . 
L 6 HOH 4   404 46  HOH HOH A . 
L 6 HOH 5   405 115 HOH HOH A . 
L 6 HOH 6   406 99  HOH HOH A . 
L 6 HOH 7   407 105 HOH HOH A . 
L 6 HOH 8   408 9   HOH HOH A . 
L 6 HOH 9   409 61  HOH HOH A . 
L 6 HOH 10  410 52  HOH HOH A . 
L 6 HOH 11  411 73  HOH HOH A . 
L 6 HOH 12  412 130 HOH HOH A . 
L 6 HOH 13  413 20  HOH HOH A . 
L 6 HOH 14  414 127 HOH HOH A . 
L 6 HOH 15  415 128 HOH HOH A . 
L 6 HOH 16  416 147 HOH HOH A . 
L 6 HOH 17  417 30  HOH HOH A . 
L 6 HOH 18  418 76  HOH HOH A . 
L 6 HOH 19  419 143 HOH HOH A . 
L 6 HOH 20  420 85  HOH HOH A . 
L 6 HOH 21  421 15  HOH HOH A . 
L 6 HOH 22  422 146 HOH HOH A . 
L 6 HOH 23  423 150 HOH HOH A . 
L 6 HOH 24  424 94  HOH HOH A . 
L 6 HOH 25  425 31  HOH HOH A . 
L 6 HOH 26  426 108 HOH HOH A . 
L 6 HOH 27  427 6   HOH HOH A . 
L 6 HOH 28  428 98  HOH HOH A . 
L 6 HOH 29  429 68  HOH HOH A . 
L 6 HOH 30  430 5   HOH HOH A . 
L 6 HOH 31  431 27  HOH HOH A . 
L 6 HOH 32  432 43  HOH HOH A . 
L 6 HOH 33  433 92  HOH HOH A . 
L 6 HOH 34  434 91  HOH HOH A . 
L 6 HOH 35  435 104 HOH HOH A . 
L 6 HOH 36  436 62  HOH HOH A . 
L 6 HOH 37  437 129 HOH HOH A . 
L 6 HOH 38  438 26  HOH HOH A . 
L 6 HOH 39  439 4   HOH HOH A . 
L 6 HOH 40  440 10  HOH HOH A . 
L 6 HOH 41  441 59  HOH HOH A . 
L 6 HOH 42  442 24  HOH HOH A . 
L 6 HOH 43  443 14  HOH HOH A . 
L 6 HOH 44  444 79  HOH HOH A . 
L 6 HOH 45  445 34  HOH HOH A . 
L 6 HOH 46  446 149 HOH HOH A . 
L 6 HOH 47  447 25  HOH HOH A . 
L 6 HOH 48  448 2   HOH HOH A . 
L 6 HOH 49  449 148 HOH HOH A . 
L 6 HOH 50  450 47  HOH HOH A . 
L 6 HOH 51  451 54  HOH HOH A . 
L 6 HOH 52  452 113 HOH HOH A . 
L 6 HOH 53  453 1   HOH HOH A . 
L 6 HOH 54  454 19  HOH HOH A . 
L 6 HOH 55  455 48  HOH HOH A . 
L 6 HOH 56  456 49  HOH HOH A . 
L 6 HOH 57  457 60  HOH HOH A . 
L 6 HOH 58  458 57  HOH HOH A . 
L 6 HOH 59  459 16  HOH HOH A . 
L 6 HOH 60  460 32  HOH HOH A . 
L 6 HOH 61  461 39  HOH HOH A . 
L 6 HOH 62  462 3   HOH HOH A . 
L 6 HOH 63  463 8   HOH HOH A . 
L 6 HOH 64  464 7   HOH HOH A . 
L 6 HOH 65  465 109 HOH HOH A . 
L 6 HOH 66  466 40  HOH HOH A . 
L 6 HOH 67  467 139 HOH HOH A . 
L 6 HOH 68  468 56  HOH HOH A . 
L 6 HOH 69  469 33  HOH HOH A . 
L 6 HOH 70  470 100 HOH HOH A . 
L 6 HOH 71  471 106 HOH HOH A . 
L 6 HOH 72  472 45  HOH HOH A . 
L 6 HOH 73  473 63  HOH HOH A . 
L 6 HOH 74  474 44  HOH HOH A . 
L 6 HOH 75  475 126 HOH HOH A . 
L 6 HOH 76  476 29  HOH HOH A . 
L 6 HOH 77  477 74  HOH HOH A . 
L 6 HOH 78  478 22  HOH HOH A . 
L 6 HOH 79  479 88  HOH HOH A . 
L 6 HOH 80  480 72  HOH HOH A . 
L 6 HOH 81  481 116 HOH HOH A . 
L 6 HOH 82  482 23  HOH HOH A . 
L 6 HOH 83  483 28  HOH HOH A . 
L 6 HOH 84  484 93  HOH HOH A . 
L 6 HOH 85  485 84  HOH HOH A . 
L 6 HOH 86  486 120 HOH HOH A . 
L 6 HOH 87  487 83  HOH HOH A . 
L 6 HOH 88  488 97  HOH HOH A . 
L 6 HOH 89  489 78  HOH HOH A . 
L 6 HOH 90  490 36  HOH HOH A . 
L 6 HOH 91  491 136 HOH HOH A . 
L 6 HOH 92  492 137 HOH HOH A . 
L 6 HOH 93  493 151 HOH HOH A . 
L 6 HOH 94  494 110 HOH HOH A . 
L 6 HOH 95  495 64  HOH HOH A . 
L 6 HOH 96  496 18  HOH HOH A . 
L 6 HOH 97  497 141 HOH HOH A . 
L 6 HOH 98  498 51  HOH HOH A . 
L 6 HOH 99  499 81  HOH HOH A . 
L 6 HOH 100 500 138 HOH HOH A . 
L 6 HOH 101 501 144 HOH HOH A . 
L 6 HOH 102 502 123 HOH HOH A . 
L 6 HOH 103 503 95  HOH HOH A . 
L 6 HOH 104 504 80  HOH HOH A . 
L 6 HOH 105 505 65  HOH HOH A . 
L 6 HOH 106 506 82  HOH HOH A . 
L 6 HOH 107 507 38  HOH HOH A . 
L 6 HOH 108 508 71  HOH HOH A . 
L 6 HOH 109 509 96  HOH HOH A . 
L 6 HOH 110 510 75  HOH HOH A . 
L 6 HOH 111 511 142 HOH HOH A . 
L 6 HOH 112 512 135 HOH HOH A . 
L 6 HOH 113 513 133 HOH HOH A . 
L 6 HOH 114 514 58  HOH HOH A . 
L 6 HOH 115 515 89  HOH HOH A . 
L 6 HOH 116 516 50  HOH HOH A . 
L 6 HOH 117 517 132 HOH HOH A . 
L 6 HOH 118 518 125 HOH HOH A . 
L 6 HOH 119 519 122 HOH HOH A . 
# 
loop_
_pdbx_unobs_or_zero_occ_atoms.id 
_pdbx_unobs_or_zero_occ_atoms.PDB_model_num 
_pdbx_unobs_or_zero_occ_atoms.polymer_flag 
_pdbx_unobs_or_zero_occ_atoms.occupancy_flag 
_pdbx_unobs_or_zero_occ_atoms.auth_asym_id 
_pdbx_unobs_or_zero_occ_atoms.auth_comp_id 
_pdbx_unobs_or_zero_occ_atoms.auth_seq_id 
_pdbx_unobs_or_zero_occ_atoms.PDB_ins_code 
_pdbx_unobs_or_zero_occ_atoms.auth_atom_id 
_pdbx_unobs_or_zero_occ_atoms.label_alt_id 
_pdbx_unobs_or_zero_occ_atoms.label_asym_id 
_pdbx_unobs_or_zero_occ_atoms.label_comp_id 
_pdbx_unobs_or_zero_occ_atoms.label_seq_id 
_pdbx_unobs_or_zero_occ_atoms.label_atom_id 
1  1 Y 1 A CYS 56  ? SG  ? A CYS 8   SG  
2  1 Y 1 A LYS 136 ? CD  ? A LYS 88  CD  
3  1 Y 1 A LYS 136 ? CE  ? A LYS 88  CE  
4  1 Y 1 A LYS 136 ? NZ  ? A LYS 88  NZ  
5  1 Y 1 A LYS 159 ? CE  ? A LYS 111 CE  
6  1 Y 1 A LYS 159 ? NZ  ? A LYS 111 NZ  
7  1 Y 1 A GLN 209 ? CG  ? A GLN 161 CG  
8  1 Y 1 A GLN 209 ? CD  ? A GLN 161 CD  
9  1 Y 1 A GLN 209 ? OE1 ? A GLN 161 OE1 
10 1 Y 1 A GLN 209 ? NE2 ? A GLN 161 NE2 
# 
loop_
_software.citation_id 
_software.classification 
_software.compiler_name 
_software.compiler_version 
_software.contact_author 
_software.contact_author_email 
_software.date 
_software.description 
_software.dependencies 
_software.hardware 
_software.language 
_software.location 
_software.mods 
_software.name 
_software.os 
_software.os_version 
_software.type 
_software.version 
_software.pdbx_ordinal 
? 'data collection' ? ? ? ? ? ? ? ? ? ? ? HKL-2000    ? ? ? .      1 
? 'data scaling'    ? ? ? ? ? ? ? ? ? ? ? SCALEPACK   ? ? ? .      2 
? refinement        ? ? ? ? ? ? ? ? ? ? ? BUSTER      ? ? ? 2.11.2 3 
? 'data extraction' ? ? ? ? ? ? ? ? ? ? ? PDB_EXTRACT ? ? ? 3.20   4 
? 'model building'  ? ? ? ? ? ? ? ? ? ? ? Coot        ? ? ? .      5 
? phasing           ? ? ? ? ? ? ? ? ? ? ? PHASER      ? ? ? .      6 
? 'data reduction'  ? ? ? ? ? ? ? ? ? ? ? DENZO       ? ? ? .      7 
# 
_cell.angle_alpha                  90.000 
_cell.angle_alpha_esd              ? 
_cell.angle_beta                   90.000 
_cell.angle_beta_esd               ? 
_cell.angle_gamma                  120.000 
_cell.angle_gamma_esd              ? 
_cell.entry_id                     5HRP 
_cell.details                      ? 
_cell.formula_units_Z              ? 
_cell.length_a                     72.817 
_cell.length_a_esd                 ? 
_cell.length_b                     72.817 
_cell.length_b_esd                 ? 
_cell.length_c                     65.867 
_cell.length_c_esd                 ? 
_cell.volume                       ? 
_cell.volume_esd                   ? 
_cell.Z_PDB                        6 
_cell.reciprocal_angle_alpha       ? 
_cell.reciprocal_angle_beta        ? 
_cell.reciprocal_angle_gamma       ? 
_cell.reciprocal_angle_alpha_esd   ? 
_cell.reciprocal_angle_beta_esd    ? 
_cell.reciprocal_angle_gamma_esd   ? 
_cell.reciprocal_length_a          ? 
_cell.reciprocal_length_b          ? 
_cell.reciprocal_length_c          ? 
_cell.reciprocal_length_a_esd      ? 
_cell.reciprocal_length_b_esd      ? 
_cell.reciprocal_length_c_esd      ? 
_cell.pdbx_unique_axis             ? 
# 
_symmetry.entry_id                         5HRP 
_symmetry.cell_setting                     ? 
_symmetry.Int_Tables_number                152 
_symmetry.space_group_name_Hall            ? 
_symmetry.space_group_name_H-M             'P 31 2 1' 
_symmetry.pdbx_full_space_group_name_H-M   ? 
# 
_exptl.absorpt_coefficient_mu     ? 
_exptl.absorpt_correction_T_max   ? 
_exptl.absorpt_correction_T_min   ? 
_exptl.absorpt_correction_type    ? 
_exptl.absorpt_process_details    ? 
_exptl.entry_id                   5HRP 
_exptl.crystals_number            1 
_exptl.details                    ? 
_exptl.method                     'X-RAY DIFFRACTION' 
_exptl.method_details             ? 
# 
_exptl_crystal.colour                      ? 
_exptl_crystal.density_diffrn              ? 
_exptl_crystal.density_Matthews            2.86 
_exptl_crystal.density_method              ? 
_exptl_crystal.density_percent_sol         57.03 
_exptl_crystal.description                 ? 
_exptl_crystal.F_000                       ? 
_exptl_crystal.id                          1 
_exptl_crystal.preparation                 ? 
_exptl_crystal.size_max                    ? 
_exptl_crystal.size_mid                    ? 
_exptl_crystal.size_min                    ? 
_exptl_crystal.size_rad                    ? 
_exptl_crystal.colour_lustre               ? 
_exptl_crystal.colour_modifier             ? 
_exptl_crystal.colour_primary              ? 
_exptl_crystal.density_meas                ? 
_exptl_crystal.density_meas_esd            ? 
_exptl_crystal.density_meas_gt             ? 
_exptl_crystal.density_meas_lt             ? 
_exptl_crystal.density_meas_temp           ? 
_exptl_crystal.density_meas_temp_esd       ? 
_exptl_crystal.density_meas_temp_gt        ? 
_exptl_crystal.density_meas_temp_lt        ? 
_exptl_crystal.pdbx_crystal_image_url      ? 
_exptl_crystal.pdbx_crystal_image_format   ? 
_exptl_crystal.pdbx_mosaicity              ? 
_exptl_crystal.pdbx_mosaicity_esd          ? 
# 
_exptl_crystal_grow.apparatus       ? 
_exptl_crystal_grow.atmosphere      ? 
_exptl_crystal_grow.crystal_id      1 
_exptl_crystal_grow.details         ? 
_exptl_crystal_grow.method          'VAPOR DIFFUSION, HANGING DROP' 
_exptl_crystal_grow.method_ref      ? 
_exptl_crystal_grow.pH              6.5 
_exptl_crystal_grow.pressure        ? 
_exptl_crystal_grow.pressure_esd    ? 
_exptl_crystal_grow.seeding         ? 
_exptl_crystal_grow.seeding_ref     ? 
_exptl_crystal_grow.temp            298 
_exptl_crystal_grow.temp_details    ? 
_exptl_crystal_grow.temp_esd        ? 
_exptl_crystal_grow.time            ? 
_exptl_crystal_grow.pdbx_details    
;Apo crystals grown in
0.1M Ammonium Sulfate, 0.1M Cacidylate pH 6.5, 7.5% Peg8K,
5mM each of MgCl2 MnCl2, DTT

375mM compound in DMSO was added to 
crystal cryo buffer (20:1) and soaked overnight

cryo contained the above with the addition of 30% ethylene glycol
;
_exptl_crystal_grow.pdbx_pH_range   ? 
# 
_diffrn.ambient_environment    ? 
_diffrn.ambient_temp           100 
_diffrn.ambient_temp_details   ? 
_diffrn.ambient_temp_esd       ? 
_diffrn.crystal_id             1 
_diffrn.crystal_support        ? 
_diffrn.crystal_treatment      ? 
_diffrn.details                ? 
_diffrn.id                     1 
_diffrn.ambient_pressure       ? 
_diffrn.ambient_pressure_esd   ? 
_diffrn.ambient_pressure_gt    ? 
_diffrn.ambient_pressure_lt    ? 
_diffrn.ambient_temp_gt        ? 
_diffrn.ambient_temp_lt        ? 
# 
_diffrn_detector.details                      ? 
_diffrn_detector.detector                     CCD 
_diffrn_detector.diffrn_id                    1 
_diffrn_detector.type                         'RAYONIX MX-225' 
_diffrn_detector.area_resol_mean              ? 
_diffrn_detector.dtime                        ? 
_diffrn_detector.pdbx_frames_total            ? 
_diffrn_detector.pdbx_collection_time_total   ? 
_diffrn_detector.pdbx_collection_date         2012-04-24 
# 
_diffrn_radiation.collimation                      ? 
_diffrn_radiation.diffrn_id                        1 
_diffrn_radiation.filter_edge                      ? 
_diffrn_radiation.inhomogeneity                    ? 
_diffrn_radiation.monochromator                    ? 
_diffrn_radiation.polarisn_norm                    ? 
_diffrn_radiation.polarisn_ratio                   ? 
_diffrn_radiation.probe                            ? 
_diffrn_radiation.type                             ? 
_diffrn_radiation.xray_symbol                      ? 
_diffrn_radiation.wavelength_id                    1 
_diffrn_radiation.pdbx_monochromatic_or_laue_m_l   M 
_diffrn_radiation.pdbx_wavelength_list             ? 
_diffrn_radiation.pdbx_wavelength                  ? 
_diffrn_radiation.pdbx_diffrn_protocol             'SINGLE WAVELENGTH' 
_diffrn_radiation.pdbx_analyzer                    ? 
_diffrn_radiation.pdbx_scattering_type             x-ray 
# 
_diffrn_radiation_wavelength.id           1 
_diffrn_radiation_wavelength.wavelength   1.0781 
_diffrn_radiation_wavelength.wt           1.0 
# 
_diffrn_source.current                     ? 
_diffrn_source.details                     ? 
_diffrn_source.diffrn_id                   1 
_diffrn_source.power                       ? 
_diffrn_source.size                        ? 
_diffrn_source.source                      SYNCHROTRON 
_diffrn_source.target                      ? 
_diffrn_source.type                        'APS BEAMLINE 21-ID-F' 
_diffrn_source.voltage                     ? 
_diffrn_source.take-off_angle              ? 
_diffrn_source.pdbx_wavelength_list        1.0781 
_diffrn_source.pdbx_wavelength             ? 
_diffrn_source.pdbx_synchrotron_beamline   21-ID-F 
_diffrn_source.pdbx_synchrotron_site       APS 
# 
_reflns.B_iso_Wilson_estimate            31.920 
_reflns.entry_id                         5HRP 
_reflns.data_reduction_details           ? 
_reflns.data_reduction_method            ? 
_reflns.d_resolution_high                1.750 
_reflns.d_resolution_low                 50.000 
_reflns.details                          ? 
_reflns.limit_h_max                      ? 
_reflns.limit_h_min                      ? 
_reflns.limit_k_max                      ? 
_reflns.limit_k_min                      ? 
_reflns.limit_l_max                      ? 
_reflns.limit_l_min                      ? 
_reflns.number_all                       ? 
_reflns.number_obs                       20804 
_reflns.observed_criterion               ? 
_reflns.observed_criterion_F_max         ? 
_reflns.observed_criterion_F_min         ? 
_reflns.observed_criterion_I_max         ? 
_reflns.observed_criterion_I_min         ? 
_reflns.observed_criterion_sigma_F       ? 
_reflns.observed_criterion_sigma_I       ? 
_reflns.percent_possible_obs             99.900 
_reflns.R_free_details                   ? 
_reflns.Rmerge_F_all                     ? 
_reflns.Rmerge_F_obs                     ? 
_reflns.Friedel_coverage                 ? 
_reflns.number_gt                        ? 
_reflns.threshold_expression             ? 
_reflns.pdbx_redundancy                  7.300 
_reflns.pdbx_Rmerge_I_obs                0.061 
_reflns.pdbx_Rmerge_I_all                ? 
_reflns.pdbx_Rsym_value                  ? 
_reflns.pdbx_netI_over_av_sigmaI         25.515 
_reflns.pdbx_netI_over_sigmaI            15.600 
_reflns.pdbx_res_netI_over_av_sigmaI_2   ? 
_reflns.pdbx_res_netI_over_sigmaI_2      ? 
_reflns.pdbx_chi_squared                 0.997 
_reflns.pdbx_scaling_rejects             ? 
_reflns.pdbx_d_res_high_opt              ? 
_reflns.pdbx_d_res_low_opt               ? 
_reflns.pdbx_d_res_opt_method            ? 
_reflns.phase_calculation_details        ? 
_reflns.pdbx_Rrim_I_all                  ? 
_reflns.pdbx_Rpim_I_all                  ? 
_reflns.pdbx_d_opt                       ? 
_reflns.pdbx_number_measured_all         151487 
_reflns.pdbx_diffrn_id                   1 
_reflns.pdbx_ordinal                     1 
_reflns.pdbx_CC_half                     ? 
_reflns.pdbx_R_split                     ? 
# 
loop_
_reflns_shell.d_res_high 
_reflns_shell.d_res_low 
_reflns_shell.meanI_over_sigI_all 
_reflns_shell.meanI_over_sigI_obs 
_reflns_shell.number_measured_all 
_reflns_shell.number_measured_obs 
_reflns_shell.number_possible 
_reflns_shell.number_unique_all 
_reflns_shell.number_unique_obs 
_reflns_shell.percent_possible_all 
_reflns_shell.percent_possible_obs 
_reflns_shell.Rmerge_F_all 
_reflns_shell.Rmerge_F_obs 
_reflns_shell.Rmerge_I_all 
_reflns_shell.Rmerge_I_obs 
_reflns_shell.meanI_over_sigI_gt 
_reflns_shell.meanI_over_uI_all 
_reflns_shell.meanI_over_uI_gt 
_reflns_shell.number_measured_gt 
_reflns_shell.number_unique_gt 
_reflns_shell.percent_possible_gt 
_reflns_shell.Rmerge_F_gt 
_reflns_shell.Rmerge_I_gt 
_reflns_shell.pdbx_redundancy 
_reflns_shell.pdbx_Rsym_value 
_reflns_shell.pdbx_chi_squared 
_reflns_shell.pdbx_netI_over_sigmaI_all 
_reflns_shell.pdbx_netI_over_sigmaI_obs 
_reflns_shell.pdbx_Rrim_I_all 
_reflns_shell.pdbx_Rpim_I_all 
_reflns_shell.pdbx_rejects 
_reflns_shell.pdbx_ordinal 
_reflns_shell.pdbx_diffrn_id 
_reflns_shell.pdbx_CC_half 
_reflns_shell.pdbx_R_split 
1.750 1.810  ? ? ? ? ? 2062 ? 100.000 ? ? ? ? 0.591 ? ? ? ? ? ? ? ? 7.300 ? 0.946 ? ? ? ? 0 1  1 ? ? 
1.810 1.890  ? ? ? ? ? 2033 ? 100.000 ? ? ? ? 0.386 ? ? ? ? ? ? ? ? 7.300 ? 1.008 ? ? ? ? 0 2  1 ? ? 
1.890 1.970  ? ? ? ? ? 2056 ? 100.000 ? ? ? ? 0.262 ? ? ? ? ? ? ? ? 7.300 ? 0.999 ? ? ? ? 0 3  1 ? ? 
1.970 2.070  ? ? ? ? ? 2066 ? 100.000 ? ? ? ? 0.166 ? ? ? ? ? ? ? ? 7.300 ? 0.988 ? ? ? ? 0 4  1 ? ? 
2.070 2.200  ? ? ? ? ? 2053 ? 100.000 ? ? ? ? 0.122 ? ? ? ? ? ? ? ? 7.300 ? 1.000 ? ? ? ? 0 5  1 ? ? 
2.200 2.380  ? ? ? ? ? 2060 ? 100.000 ? ? ? ? 0.097 ? ? ? ? ? ? ? ? 7.300 ? 1.016 ? ? ? ? 0 6  1 ? ? 
2.380 2.610  ? ? ? ? ? 2073 ? 100.000 ? ? ? ? 0.071 ? ? ? ? ? ? ? ? 7.400 ? 1.000 ? ? ? ? 0 7  1 ? ? 
2.610 2.990  ? ? ? ? ? 2096 ? 100.000 ? ? ? ? 0.066 ? ? ? ? ? ? ? ? 7.300 ? 1.005 ? ? ? ? 0 8  1 ? ? 
2.990 3.770  ? ? ? ? ? 2106 ? 100.000 ? ? ? ? 0.058 ? ? ? ? ? ? ? ? 7.300 ? 1.006 ? ? ? ? 0 9  1 ? ? 
3.770 50.000 ? ? ? ? ? 2199 ? 99.300  ? ? ? ? 0.045 ? ? ? ? ? ? ? ? 6.900 ? 0.999 ? ? ? ? 0 10 1 ? ? 
# 
_refine.aniso_B[1][1]                            -2.6604 
_refine.aniso_B[1][2]                            0.0000 
_refine.aniso_B[1][3]                            0.0000 
_refine.aniso_B[2][2]                            -2.6604 
_refine.aniso_B[2][3]                            0.0000 
_refine.aniso_B[3][3]                            5.3207 
_refine.B_iso_max                                121.710 
_refine.B_iso_mean                               37.4500 
_refine.B_iso_min                                18.880 
_refine.correlation_coeff_Fo_to_Fc               0.9531 
_refine.correlation_coeff_Fo_to_Fc_free          0.9418 
_refine.details                                  ? 
_refine.diff_density_max                         ? 
_refine.diff_density_max_esd                     ? 
_refine.diff_density_min                         ? 
_refine.diff_density_min_esd                     ? 
_refine.diff_density_rms                         ? 
_refine.diff_density_rms_esd                     ? 
_refine.entry_id                                 5HRP 
_refine.pdbx_refine_id                           'X-RAY DIFFRACTION' 
_refine.ls_abs_structure_details                 ? 
_refine.ls_abs_structure_Flack                   ? 
_refine.ls_abs_structure_Flack_esd               ? 
_refine.ls_abs_structure_Rogers                  ? 
_refine.ls_abs_structure_Rogers_esd              ? 
_refine.ls_d_res_high                            1.8100 
_refine.ls_d_res_low                             18.1700 
_refine.ls_extinction_coef                       ? 
_refine.ls_extinction_coef_esd                   ? 
_refine.ls_extinction_expression                 ? 
_refine.ls_extinction_method                     ? 
_refine.ls_goodness_of_fit_all                   ? 
_refine.ls_goodness_of_fit_all_esd               ? 
_refine.ls_goodness_of_fit_obs                   ? 
_refine.ls_goodness_of_fit_obs_esd               ? 
_refine.ls_hydrogen_treatment                    ? 
_refine.ls_matrix_type                           ? 
_refine.ls_number_constraints                    ? 
_refine.ls_number_parameters                     ? 
_refine.ls_number_reflns_all                     ? 
_refine.ls_number_reflns_obs                     18755 
_refine.ls_number_reflns_R_free                  601 
_refine.ls_number_reflns_R_work                  ? 
_refine.ls_number_restraints                     ? 
_refine.ls_percent_reflns_obs                    99.9500 
_refine.ls_percent_reflns_R_free                 3.2000 
_refine.ls_R_factor_all                          ? 
_refine.ls_R_factor_obs                          0.1969 
_refine.ls_R_factor_R_free                       0.2239 
_refine.ls_R_factor_R_free_error                 ? 
_refine.ls_R_factor_R_free_error_details         ? 
_refine.ls_R_factor_R_work                       0.1961 
_refine.ls_R_Fsqd_factor_obs                     ? 
_refine.ls_R_I_factor_obs                        ? 
_refine.ls_redundancy_reflns_all                 ? 
_refine.ls_redundancy_reflns_obs                 ? 
_refine.ls_restrained_S_all                      ? 
_refine.ls_restrained_S_obs                      ? 
_refine.ls_shift_over_esd_max                    ? 
_refine.ls_shift_over_esd_mean                   ? 
_refine.ls_structure_factor_coef                 ? 
_refine.ls_weighting_details                     ? 
_refine.ls_weighting_scheme                      ? 
_refine.ls_wR_factor_all                         ? 
_refine.ls_wR_factor_obs                         ? 
_refine.ls_wR_factor_R_free                      ? 
_refine.ls_wR_factor_R_work                      ? 
_refine.occupancy_max                            ? 
_refine.occupancy_min                            ? 
_refine.solvent_model_details                    ? 
_refine.solvent_model_param_bsol                 ? 
_refine.solvent_model_param_ksol                 ? 
_refine.ls_R_factor_gt                           ? 
_refine.ls_goodness_of_fit_gt                    ? 
_refine.ls_goodness_of_fit_ref                   ? 
_refine.ls_shift_over_su_max                     ? 
_refine.ls_shift_over_su_max_lt                  ? 
_refine.ls_shift_over_su_mean                    ? 
_refine.ls_shift_over_su_mean_lt                 ? 
_refine.pdbx_ls_sigma_I                          ? 
_refine.pdbx_ls_sigma_F                          0.000 
_refine.pdbx_ls_sigma_Fsqd                       ? 
_refine.pdbx_data_cutoff_high_absF               ? 
_refine.pdbx_data_cutoff_high_rms_absF           ? 
_refine.pdbx_data_cutoff_low_absF                ? 
_refine.pdbx_isotropic_thermal_model             ? 
_refine.pdbx_ls_cross_valid_method               THROUGHOUT 
_refine.pdbx_method_to_determine_struct          'FOURIER SYNTHESIS' 
_refine.pdbx_starting_model                      ? 
_refine.pdbx_stereochemistry_target_values       ? 
_refine.pdbx_R_Free_selection_details            RANDOM 
_refine.pdbx_stereochem_target_val_spec_case     ? 
_refine.pdbx_overall_ESU_R                       ? 
_refine.pdbx_overall_ESU_R_Free                  ? 
_refine.pdbx_solvent_vdw_probe_radii             ? 
_refine.pdbx_solvent_ion_probe_radii             ? 
_refine.pdbx_solvent_shrinkage_radii             ? 
_refine.pdbx_real_space_R                        ? 
_refine.pdbx_density_correlation                 ? 
_refine.pdbx_pd_number_of_powder_patterns        ? 
_refine.pdbx_pd_number_of_points                 ? 
_refine.pdbx_pd_meas_number_of_points            ? 
_refine.pdbx_pd_proc_ls_prof_R_factor            ? 
_refine.pdbx_pd_proc_ls_prof_wR_factor           ? 
_refine.pdbx_pd_Marquardt_correlation_coeff      ? 
_refine.pdbx_pd_Fsqrd_R_factor                   ? 
_refine.pdbx_pd_ls_matrix_band_width             ? 
_refine.pdbx_overall_phase_error                 ? 
_refine.pdbx_overall_SU_R_free_Cruickshank_DPI   0.1050 
_refine.pdbx_overall_SU_R_free_Blow_DPI          0.1090 
_refine.pdbx_overall_SU_R_Blow_DPI               0.1140 
_refine.pdbx_TLS_residual_ADP_flag               ? 
_refine.pdbx_diffrn_id                           1 
_refine.overall_SU_B                             ? 
_refine.overall_SU_ML                            ? 
_refine.overall_SU_R_Cruickshank_DPI             0.1080 
_refine.overall_SU_R_free                        ? 
_refine.overall_FOM_free_R_set                   ? 
_refine.overall_FOM_work_R_set                   ? 
_refine.pdbx_average_fsc_overall                 ? 
_refine.pdbx_average_fsc_work                    ? 
_refine.pdbx_average_fsc_free                    ? 
# 
_refine_analyze.entry_id                        5HRP 
_refine_analyze.pdbx_refine_id                  'X-RAY DIFFRACTION' 
_refine_analyze.Luzzati_coordinate_error_free   ? 
_refine_analyze.Luzzati_coordinate_error_obs    0.218 
_refine_analyze.Luzzati_d_res_low_free          ? 
_refine_analyze.Luzzati_d_res_low_obs           ? 
_refine_analyze.Luzzati_sigma_a_free            ? 
_refine_analyze.Luzzati_sigma_a_free_details    ? 
_refine_analyze.Luzzati_sigma_a_obs             ? 
_refine_analyze.Luzzati_sigma_a_obs_details     ? 
_refine_analyze.number_disordered_residues      ? 
_refine_analyze.occupancy_sum_hydrogen          ? 
_refine_analyze.occupancy_sum_non_hydrogen      ? 
_refine_analyze.RG_d_res_high                   ? 
_refine_analyze.RG_d_res_low                    ? 
_refine_analyze.RG_free                         ? 
_refine_analyze.RG_work                         ? 
_refine_analyze.RG_free_work_ratio              ? 
_refine_analyze.pdbx_Luzzati_d_res_high_obs     ? 
# 
_refine_hist.cycle_id                         final 
_refine_hist.pdbx_refine_id                   'X-RAY DIFFRACTION' 
_refine_hist.d_res_high                       1.8100 
_refine_hist.d_res_low                        18.1700 
_refine_hist.pdbx_number_atoms_ligand         77 
_refine_hist.number_atoms_solvent             119 
_refine_hist.number_atoms_total               1263 
_refine_hist.pdbx_number_residues_total       139 
_refine_hist.pdbx_B_iso_mean_ligand           54.80 
_refine_hist.pdbx_B_iso_mean_solvent          48.25 
_refine_hist.pdbx_number_atoms_protein        1067 
_refine_hist.pdbx_number_atoms_nucleic_acid   0 
# 
loop_
_refine_ls_restr.pdbx_refine_id 
_refine_ls_restr.criterion 
_refine_ls_restr.dev_ideal 
_refine_ls_restr.dev_ideal_target 
_refine_ls_restr.number 
_refine_ls_restr.rejects 
_refine_ls_restr.type 
_refine_ls_restr.weight 
_refine_ls_restr.pdbx_restraint_function 
'X-RAY DIFFRACTION' ? ?     ? 528  ? t_dihedral_angle_d        2.000  SINUSOIDAL   
'X-RAY DIFFRACTION' ? ?     ? 25   ? t_trig_c_planes           2.000  HARMONIC     
'X-RAY DIFFRACTION' ? ?     ? 166  ? t_gen_planes              5.000  HARMONIC     
'X-RAY DIFFRACTION' ? ?     ? 1179 ? t_it                      20.000 HARMONIC     
'X-RAY DIFFRACTION' ? ?     ? ?    ? t_nbd                     ?      ?            
'X-RAY DIFFRACTION' ? ?     ? ?    ? t_improper_torsion        ?      ?            
'X-RAY DIFFRACTION' ? ?     ? ?    ? t_pseud_angle             ?      ?            
'X-RAY DIFFRACTION' ? ?     ? 155  ? t_chiral_improper_torsion 5.000  SEMIHARMONIC 
'X-RAY DIFFRACTION' ? ?     ? ?    ? t_sum_occupancies         ?      ?            
'X-RAY DIFFRACTION' ? ?     ? ?    ? t_utility_distance        ?      ?            
'X-RAY DIFFRACTION' ? ?     ? ?    ? t_utility_angle           ?      ?            
'X-RAY DIFFRACTION' ? ?     ? ?    ? t_utility_torsion         ?      ?            
'X-RAY DIFFRACTION' ? ?     ? 1451 ? t_ideal_dist_contact      4.000  SEMIHARMONIC 
'X-RAY DIFFRACTION' ? 0.010 ? 1179 ? t_bond_d                  2.000  HARMONIC     
'X-RAY DIFFRACTION' ? 0.930 ? 1600 ? t_angle_deg               2.000  HARMONIC     
'X-RAY DIFFRACTION' ? 3.180 ? ?    ? t_omega_torsion           ?      ?            
'X-RAY DIFFRACTION' ? 2.750 ? ?    ? t_other_torsion           ?      ?            
# 
_refine_ls_shell.pdbx_refine_id                   'X-RAY DIFFRACTION' 
_refine_ls_shell.d_res_high                       1.8100 
_refine_ls_shell.d_res_low                        1.9200 
_refine_ls_shell.number_reflns_all                3011 
_refine_ls_shell.number_reflns_obs                ? 
_refine_ls_shell.number_reflns_R_free             111 
_refine_ls_shell.number_reflns_R_work             2900 
_refine_ls_shell.percent_reflns_obs               99.9500 
_refine_ls_shell.percent_reflns_R_free            3.6900 
_refine_ls_shell.R_factor_all                     0.2357 
_refine_ls_shell.R_factor_obs                     ? 
_refine_ls_shell.R_factor_R_free                  0.3011 
_refine_ls_shell.R_factor_R_free_error            ? 
_refine_ls_shell.R_factor_R_work                  0.2334 
_refine_ls_shell.redundancy_reflns_all            ? 
_refine_ls_shell.redundancy_reflns_obs            ? 
_refine_ls_shell.wR_factor_all                    ? 
_refine_ls_shell.wR_factor_obs                    ? 
_refine_ls_shell.wR_factor_R_free                 ? 
_refine_ls_shell.wR_factor_R_work                 ? 
_refine_ls_shell.pdbx_total_number_of_bins_used   9 
_refine_ls_shell.pdbx_phase_error                 ? 
_refine_ls_shell.pdbx_fsc_work                    ? 
_refine_ls_shell.pdbx_fsc_free                    ? 
# 
_struct.entry_id                     5HRP 
_struct.title                        'HIV Integrase Catalytic Domain containing F185K + A124T mutations complexed with GSK0002' 
_struct.pdbx_model_details           ? 
_struct.pdbx_formula_weight          ? 
_struct.pdbx_formula_weight_method   ? 
_struct.pdbx_model_type_details      ? 
_struct.pdbx_CASP_flag               ? 
# 
_struct_keywords.entry_id        5HRP 
_struct_keywords.text            'Viral DNA integration, DNA Binding, LEDGF Binding, VIRAL PROTEIN, TRANSFERASE-INHIBITOR complex' 
_struct_keywords.pdbx_keywords   TRANSFERASE/INHIBITOR 
# 
loop_
_struct_asym.id 
_struct_asym.pdbx_blank_PDB_chainid_flag 
_struct_asym.pdbx_modified 
_struct_asym.entity_id 
_struct_asym.details 
A N N 1 ? 
B N N 2 ? 
C N N 2 ? 
D N N 3 ? 
E N N 3 ? 
F N N 3 ? 
G N N 3 ? 
H N N 4 ? 
I N N 4 ? 
J N N 4 ? 
K N N 5 ? 
L N N 6 ? 
# 
_struct_ref.id                         1 
_struct_ref.db_name                    UNP 
_struct_ref.db_code                    POL_HV1H2 
_struct_ref.pdbx_db_accession          P04585 
_struct_ref.pdbx_db_isoform            ? 
_struct_ref.entity_id                  1 
_struct_ref.pdbx_seq_one_letter_code   
;MHGQVDCSPGIWQLDCTHLEGKVILVAVHVASGYIEAEVIPAETGQETAYFLLKLAGRWPVKTIHTDNGSNFTGATVRAA
CWWAGIKQEFGIPYNPQSQGVVESMNKELKKIIGQVRDQAEHLKTAVQMAVFIHNFKRKGGIGGYSAGERIVDIIATDIQ
TKE
;
_struct_ref.pdbx_align_begin           1197 
# 
_struct_ref_seq.align_id                      1 
_struct_ref_seq.ref_id                        1 
_struct_ref_seq.pdbx_PDB_id_code              5HRP 
_struct_ref_seq.pdbx_strand_id                A 
_struct_ref_seq.seq_align_beg                 2 
_struct_ref_seq.pdbx_seq_align_beg_ins_code   ? 
_struct_ref_seq.seq_align_end                 164 
_struct_ref_seq.pdbx_seq_align_end_ins_code   ? 
_struct_ref_seq.pdbx_db_accession             P04585 
_struct_ref_seq.db_align_beg                  1197 
_struct_ref_seq.pdbx_db_align_beg_ins_code    ? 
_struct_ref_seq.db_align_end                  1359 
_struct_ref_seq.pdbx_db_align_end_ins_code    ? 
_struct_ref_seq.pdbx_auth_seq_align_beg       50 
_struct_ref_seq.pdbx_auth_seq_align_end       212 
# 
loop_
_struct_ref_seq_dif.align_id 
_struct_ref_seq_dif.pdbx_pdb_id_code 
_struct_ref_seq_dif.mon_id 
_struct_ref_seq_dif.pdbx_pdb_strand_id 
_struct_ref_seq_dif.seq_num 
_struct_ref_seq_dif.pdbx_pdb_ins_code 
_struct_ref_seq_dif.pdbx_seq_db_name 
_struct_ref_seq_dif.pdbx_seq_db_accession_code 
_struct_ref_seq_dif.db_mon_id 
_struct_ref_seq_dif.pdbx_seq_db_seq_num 
_struct_ref_seq_dif.details 
_struct_ref_seq_dif.pdbx_auth_seq_num 
_struct_ref_seq_dif.pdbx_ordinal 
1 5HRP GLY A 1   ? UNP P04585 ?   ?    'expression tag'      49  1 
1 5HRP SER A 75  ? UNP P04585 GLY 1270 conflict              123 2 
1 5HRP THR A 76  ? UNP P04585 ALA 1271 'engineered mutation' 124 3 
1 5HRP LYS A 79  ? UNP P04585 ARG 1274 conflict              127 4 
1 5HRP LYS A 137 ? UNP P04585 PHE 1332 'engineered mutation' 185 5 
# 
_pdbx_struct_assembly.id                   1 
_pdbx_struct_assembly.details              author_and_software_defined_assembly 
_pdbx_struct_assembly.method_details       PISA 
_pdbx_struct_assembly.oligomeric_details   dimeric 
_pdbx_struct_assembly.oligomeric_count     2 
# 
loop_
_pdbx_struct_assembly_prop.biol_id 
_pdbx_struct_assembly_prop.type 
_pdbx_struct_assembly_prop.value 
_pdbx_struct_assembly_prop.details 
1 'ABSA (A^2)' 6870  ? 
1 MORE         -98   ? 
1 'SSA (A^2)'  12740 ? 
# 
_pdbx_struct_assembly_gen.assembly_id       1 
_pdbx_struct_assembly_gen.oper_expression   1,2 
_pdbx_struct_assembly_gen.asym_id_list      A,B,C,D,E,F,G,H,I,J,K,L 
# 
loop_
_pdbx_struct_oper_list.id 
_pdbx_struct_oper_list.type 
_pdbx_struct_oper_list.name 
_pdbx_struct_oper_list.symmetry_operation 
_pdbx_struct_oper_list.matrix[1][1] 
_pdbx_struct_oper_list.matrix[1][2] 
_pdbx_struct_oper_list.matrix[1][3] 
_pdbx_struct_oper_list.vector[1] 
_pdbx_struct_oper_list.matrix[2][1] 
_pdbx_struct_oper_list.matrix[2][2] 
_pdbx_struct_oper_list.matrix[2][3] 
_pdbx_struct_oper_list.vector[2] 
_pdbx_struct_oper_list.matrix[3][1] 
_pdbx_struct_oper_list.matrix[3][2] 
_pdbx_struct_oper_list.matrix[3][3] 
_pdbx_struct_oper_list.vector[3] 
1 'identity operation'         1_555 x,y,z         1.0000000000 0.0000000000 0.0000000000 0.0000000000  0.0000000000 1.0000000000  0.0000000000 0.0000000000  0.0000000000 0.0000000000 1.0000000000  0.0000000000  
2 'crystal symmetry operation' 5_555 x-y,-y,-z+2/3 0.5632707635 0.7439090238 0.3596184245 -8.8338837560 0.7439090238 -0.6459982182 0.1711305536 13.2886709254 0.3596184245 0.1711305536 -0.9172725453 10.9120938206 
# 
loop_
_struct_conf.conf_type_id 
_struct_conf.id 
_struct_conf.pdbx_PDB_helix_id 
_struct_conf.beg_label_comp_id 
_struct_conf.beg_label_asym_id 
_struct_conf.beg_label_seq_id 
_struct_conf.pdbx_beg_PDB_ins_code 
_struct_conf.end_label_comp_id 
_struct_conf.end_label_asym_id 
_struct_conf.end_label_seq_id 
_struct_conf.pdbx_end_PDB_ins_code 
_struct_conf.beg_auth_comp_id 
_struct_conf.beg_auth_asym_id 
_struct_conf.beg_auth_seq_id 
_struct_conf.end_auth_comp_id 
_struct_conf.end_auth_asym_id 
_struct_conf.end_auth_seq_id 
_struct_conf.pdbx_PDB_helix_class 
_struct_conf.details 
_struct_conf.pdbx_PDB_helix_length 
HELX_P HELX_P1 AA1 THR A 45  ? TRP A 60  ? THR A 93  TRP A 108 1 ? 16 
HELX_P HELX_P2 AA2 ASN A 69  ? THR A 74  ? ASN A 117 THR A 122 5 ? 6  
HELX_P HELX_P3 AA3 SER A 75  ? GLY A 86  ? SER A 123 GLY A 134 1 ? 12 
HELX_P HELX_P4 AA4 VAL A 102 ? ARG A 118 ? VAL A 150 ARG A 166 1 ? 17 
HELX_P HELX_P5 AA5 ASP A 119 ? ALA A 121 ? ASP A 167 ALA A 169 5 ? 3  
HELX_P HELX_P6 AA6 HIS A 123 ? LYS A 138 ? HIS A 171 LYS A 186 1 ? 16 
HELX_P HELX_P7 AA7 SER A 147 ? GLN A 161 ? SER A 195 GLN A 209 1 ? 15 
# 
_struct_conf_type.id          HELX_P 
_struct_conf_type.criteria    ? 
_struct_conf_type.reference   ? 
# 
loop_
_struct_conn.id 
_struct_conn.conn_type_id 
_struct_conn.pdbx_leaving_atom_flag 
_struct_conn.pdbx_PDB_id 
_struct_conn.ptnr1_label_asym_id 
_struct_conn.ptnr1_label_comp_id 
_struct_conn.ptnr1_label_seq_id 
_struct_conn.ptnr1_label_atom_id 
_struct_conn.pdbx_ptnr1_label_alt_id 
_struct_conn.pdbx_ptnr1_PDB_ins_code 
_struct_conn.pdbx_ptnr1_standard_comp_id 
_struct_conn.ptnr1_symmetry 
_struct_conn.ptnr2_label_asym_id 
_struct_conn.ptnr2_label_comp_id 
_struct_conn.ptnr2_label_seq_id 
_struct_conn.ptnr2_label_atom_id 
_struct_conn.pdbx_ptnr2_label_alt_id 
_struct_conn.pdbx_ptnr2_PDB_ins_code 
_struct_conn.ptnr1_auth_asym_id 
_struct_conn.ptnr1_auth_comp_id 
_struct_conn.ptnr1_auth_seq_id 
_struct_conn.ptnr2_auth_asym_id 
_struct_conn.ptnr2_auth_comp_id 
_struct_conn.ptnr2_auth_seq_id 
_struct_conn.ptnr2_symmetry 
_struct_conn.pdbx_ptnr3_label_atom_id 
_struct_conn.pdbx_ptnr3_label_seq_id 
_struct_conn.pdbx_ptnr3_label_comp_id 
_struct_conn.pdbx_ptnr3_label_asym_id 
_struct_conn.pdbx_ptnr3_label_alt_id 
_struct_conn.pdbx_ptnr3_PDB_ins_code 
_struct_conn.details 
_struct_conn.pdbx_dist_value 
_struct_conn.pdbx_value_order 
_struct_conn.pdbx_role 
metalc1 metalc ? ? A CYS 17 SG ? ? ? 1_555 B CAC . AS ? ? A CYS 65  A CAC 301 1_555 ? ? ? ? ? ? ? 2.306 sing ? 
metalc2 metalc ? ? A CYS 82 SG ? ? ? 1_555 C CAC . AS ? ? A CYS 130 A CAC 302 1_555 ? ? ? ? ? ? ? 2.254 sing ? 
# 
_struct_conn_type.id          metalc 
_struct_conn_type.criteria    ? 
_struct_conn_type.reference   ? 
# 
loop_
_pdbx_struct_conn_angle.id 
_pdbx_struct_conn_angle.ptnr1_label_atom_id 
_pdbx_struct_conn_angle.ptnr1_label_alt_id 
_pdbx_struct_conn_angle.ptnr1_label_asym_id 
_pdbx_struct_conn_angle.ptnr1_label_comp_id 
_pdbx_struct_conn_angle.ptnr1_label_seq_id 
_pdbx_struct_conn_angle.ptnr1_auth_atom_id 
_pdbx_struct_conn_angle.ptnr1_auth_asym_id 
_pdbx_struct_conn_angle.ptnr1_auth_comp_id 
_pdbx_struct_conn_angle.ptnr1_auth_seq_id 
_pdbx_struct_conn_angle.ptnr1_PDB_ins_code 
_pdbx_struct_conn_angle.ptnr1_symmetry 
_pdbx_struct_conn_angle.ptnr2_label_atom_id 
_pdbx_struct_conn_angle.ptnr2_label_alt_id 
_pdbx_struct_conn_angle.ptnr2_label_asym_id 
_pdbx_struct_conn_angle.ptnr2_label_comp_id 
_pdbx_struct_conn_angle.ptnr2_label_seq_id 
_pdbx_struct_conn_angle.ptnr2_auth_atom_id 
_pdbx_struct_conn_angle.ptnr2_auth_asym_id 
_pdbx_struct_conn_angle.ptnr2_auth_comp_id 
_pdbx_struct_conn_angle.ptnr2_auth_seq_id 
_pdbx_struct_conn_angle.ptnr2_PDB_ins_code 
_pdbx_struct_conn_angle.ptnr2_symmetry 
_pdbx_struct_conn_angle.ptnr3_label_atom_id 
_pdbx_struct_conn_angle.ptnr3_label_alt_id 
_pdbx_struct_conn_angle.ptnr3_label_asym_id 
_pdbx_struct_conn_angle.ptnr3_label_comp_id 
_pdbx_struct_conn_angle.ptnr3_label_seq_id 
_pdbx_struct_conn_angle.ptnr3_auth_atom_id 
_pdbx_struct_conn_angle.ptnr3_auth_asym_id 
_pdbx_struct_conn_angle.ptnr3_auth_comp_id 
_pdbx_struct_conn_angle.ptnr3_auth_seq_id 
_pdbx_struct_conn_angle.ptnr3_PDB_ins_code 
_pdbx_struct_conn_angle.ptnr3_symmetry 
_pdbx_struct_conn_angle.value 
_pdbx_struct_conn_angle.value_esd 
1 SG ? A CYS 17 ? A CYS 65  ? 1_555 AS ? B CAC . ? A CAC 301 ? 1_555 C1 ? B CAC . ? A CAC 301 ? 1_555 104.1 ? 
2 SG ? A CYS 17 ? A CYS 65  ? 1_555 AS ? B CAC . ? A CAC 301 ? 1_555 C2 ? B CAC . ? A CAC 301 ? 1_555 97.5  ? 
3 C1 ? B CAC .  ? A CAC 301 ? 1_555 AS ? B CAC . ? A CAC 301 ? 1_555 C2 ? B CAC . ? A CAC 301 ? 1_555 96.6  ? 
4 SG ? A CYS 82 ? A CYS 130 ? 1_555 AS ? C CAC . ? A CAC 302 ? 1_555 C1 ? C CAC . ? A CAC 302 ? 1_555 107.0 ? 
5 SG ? A CYS 82 ? A CYS 130 ? 1_555 AS ? C CAC . ? A CAC 302 ? 1_555 C2 ? C CAC . ? A CAC 302 ? 1_555 106.9 ? 
6 C1 ? C CAC .  ? A CAC 302 ? 1_555 AS ? C CAC . ? A CAC 302 ? 1_555 C2 ? C CAC . ? A CAC 302 ? 1_555 94.4  ? 
# 
_struct_sheet.id               AA1 
_struct_sheet.type             ? 
_struct_sheet.number_strands   4 
_struct_sheet.details          ? 
# 
loop_
_struct_sheet_order.sheet_id 
_struct_sheet_order.range_id_1 
_struct_sheet_order.range_id_2 
_struct_sheet_order.offset 
_struct_sheet_order.sense 
AA1 1 2 ? anti-parallel 
AA1 2 3 ? anti-parallel 
AA1 3 4 ? parallel      
# 
loop_
_struct_sheet_range.sheet_id 
_struct_sheet_range.id 
_struct_sheet_range.beg_label_comp_id 
_struct_sheet_range.beg_label_asym_id 
_struct_sheet_range.beg_label_seq_id 
_struct_sheet_range.pdbx_beg_PDB_ins_code 
_struct_sheet_range.end_label_comp_id 
_struct_sheet_range.end_label_asym_id 
_struct_sheet_range.end_label_seq_id 
_struct_sheet_range.pdbx_end_PDB_ins_code 
_struct_sheet_range.beg_auth_comp_id 
_struct_sheet_range.beg_auth_asym_id 
_struct_sheet_range.beg_auth_seq_id 
_struct_sheet_range.end_auth_comp_id 
_struct_sheet_range.end_auth_asym_id 
_struct_sheet_range.end_auth_seq_id 
AA1 1 ILE A 36 ? ILE A 41 ? ILE A 84  ILE A 89  
AA1 2 LYS A 23 ? HIS A 30 ? LYS A 71  HIS A 78  
AA1 3 ILE A 12 ? LEU A 20 ? ILE A 60  LEU A 68  
AA1 4 THR A 64 ? HIS A 66 ? THR A 112 HIS A 114 
# 
loop_
_pdbx_struct_sheet_hbond.sheet_id 
_pdbx_struct_sheet_hbond.range_id_1 
_pdbx_struct_sheet_hbond.range_id_2 
_pdbx_struct_sheet_hbond.range_1_label_atom_id 
_pdbx_struct_sheet_hbond.range_1_label_comp_id 
_pdbx_struct_sheet_hbond.range_1_label_asym_id 
_pdbx_struct_sheet_hbond.range_1_label_seq_id 
_pdbx_struct_sheet_hbond.range_1_PDB_ins_code 
_pdbx_struct_sheet_hbond.range_1_auth_atom_id 
_pdbx_struct_sheet_hbond.range_1_auth_comp_id 
_pdbx_struct_sheet_hbond.range_1_auth_asym_id 
_pdbx_struct_sheet_hbond.range_1_auth_seq_id 
_pdbx_struct_sheet_hbond.range_2_label_atom_id 
_pdbx_struct_sheet_hbond.range_2_label_comp_id 
_pdbx_struct_sheet_hbond.range_2_label_asym_id 
_pdbx_struct_sheet_hbond.range_2_label_seq_id 
_pdbx_struct_sheet_hbond.range_2_PDB_ins_code 
_pdbx_struct_sheet_hbond.range_2_auth_atom_id 
_pdbx_struct_sheet_hbond.range_2_auth_comp_id 
_pdbx_struct_sheet_hbond.range_2_auth_asym_id 
_pdbx_struct_sheet_hbond.range_2_auth_seq_id 
AA1 1 2 O GLU A 37 ? O GLU A 85 N ALA A 28 ? N ALA A 76  
AA1 2 3 O VAL A 27 ? O VAL A 75 N ASP A 16 ? N ASP A 64  
AA1 3 4 N LEU A 15 ? N LEU A 63 O HIS A 66 ? O HIS A 114 
# 
loop_
_struct_site.id 
_struct_site.pdbx_evidence_code 
_struct_site.pdbx_auth_asym_id 
_struct_site.pdbx_auth_comp_id 
_struct_site.pdbx_auth_seq_id 
_struct_site.pdbx_auth_ins_code 
_struct_site.pdbx_num_residues 
_struct_site.details 
AC1 Software A CAC 301 ? 4  'binding site for residue CAC A 301' 
AC2 Software A CAC 302 ? 4  'binding site for residue CAC A 302' 
AC3 Software A SO4 303 ? 6  'binding site for residue SO4 A 303' 
AC4 Software A SO4 304 ? 4  'binding site for residue SO4 A 304' 
AC5 Software A SO4 305 ? 5  'binding site for residue SO4 A 305' 
AC6 Software A SO4 306 ? 2  'binding site for residue SO4 A 306' 
AC7 Software A EDO 307 ? 5  'binding site for residue EDO A 307' 
AC8 Software A EDO 308 ? 3  'binding site for residue EDO A 308' 
AC9 Software A EDO 309 ? 3  'binding site for residue EDO A 309' 
AD1 Software A 65P 310 ? 14 'binding site for residue 65P A 310' 
# 
loop_
_struct_site_gen.id 
_struct_site_gen.site_id 
_struct_site_gen.pdbx_num_res 
_struct_site_gen.label_comp_id 
_struct_site_gen.label_asym_id 
_struct_site_gen.label_seq_id 
_struct_site_gen.pdbx_auth_ins_code 
_struct_site_gen.auth_comp_id 
_struct_site_gen.auth_asym_id 
_struct_site_gen.auth_seq_id 
_struct_site_gen.label_atom_id 
_struct_site_gen.label_alt_id 
_struct_site_gen.symmetry 
_struct_site_gen.details 
1  AC1 4  CYS A 17  ? CYS A 65  . ? 1_555 ? 
2  AC1 4  GLU A 44  ? GLU A 92  . ? 1_555 ? 
3  AC1 4  THR A 49  ? THR A 97  . ? 1_555 ? 
4  AC1 4  ASN A 72  ? ASN A 120 . ? 1_555 ? 
5  AC2 4  CYS A 82  ? CYS A 130 . ? 1_555 ? 
6  AC2 4  ILE A 87  ? ILE A 135 . ? 1_555 ? 
7  AC2 4  LYS A 88  ? LYS A 136 . ? 1_555 ? 
8  AC2 4  GLN A 89  ? GLN A 137 . ? 1_555 ? 
9  AC3 6  LYS A 23  ? LYS A 71  . ? 1_555 ? 
10 AC3 6  GLU A 122 ? GLU A 170 . ? 1_555 ? 
11 AC3 6  HIS A 123 ? HIS A 171 . ? 1_555 ? 
12 AC3 6  LEU A 124 ? LEU A 172 . ? 1_555 ? 
13 AC3 6  HOH L .   ? HOH A 419 . ? 1_555 ? 
14 AC3 6  HOH L .   ? HOH A 463 . ? 1_555 ? 
15 AC4 4  ALA A 80  ? ALA A 128 . ? 5_555 ? 
16 AC4 4  TRP A 83  ? TRP A 131 . ? 5_555 ? 
17 AC4 4  65P K .   ? 65P A 310 . ? 1_555 ? 
18 AC4 4  HOH L .   ? HOH A 411 . ? 1_555 ? 
19 AC5 5  THR A 76  ? THR A 124 . ? 6_445 ? 
20 AC5 5  LYS A 112 ? LYS A 160 . ? 1_555 ? 
21 AC5 5  GLN A 116 ? GLN A 164 . ? 1_555 ? 
22 AC5 5  EDO H .   ? EDO A 307 . ? 6_445 ? 
23 AC5 5  HOH L .   ? HOH A 423 . ? 1_555 ? 
24 AC6 2  THR A 18  ? THR A 66  . ? 1_555 ? 
25 AC6 2  HIS A 19  ? HIS A 67  . ? 1_555 ? 
26 AC7 5  SER A 75  ? SER A 123 . ? 1_555 ? 
27 AC7 5  THR A 76  ? THR A 124 . ? 1_555 ? 
28 AC7 5  THR A 77  ? THR A 125 . ? 1_555 ? 
29 AC7 5  SO4 F .   ? SO4 A 305 . ? 6_455 ? 
30 AC7 5  HOH L .   ? HOH A 426 . ? 6_455 ? 
31 AC8 3  ASP A 119 ? ASP A 167 . ? 1_555 ? 
32 AC8 3  GLN A 120 ? GLN A 168 . ? 1_555 ? 
33 AC8 3  HOH L .   ? HOH A 411 . ? 1_555 ? 
34 AC9 3  ARG A 118 ? ARG A 166 . ? 1_555 ? 
35 AC9 3  ALA A 121 ? ALA A 169 . ? 1_555 ? 
36 AC9 3  GLU A 122 ? GLU A 170 . ? 1_555 ? 
37 AD1 14 LEU A 54  ? LEU A 102 . ? 5_555 ? 
38 AD1 14 THR A 76  ? THR A 124 . ? 5_555 ? 
39 AD1 14 THR A 77  ? THR A 125 . ? 5_555 ? 
40 AD1 14 ALA A 81  ? ALA A 129 . ? 5_555 ? 
41 AD1 14 TRP A 84  ? TRP A 132 . ? 5_555 ? 
42 AD1 14 GLN A 120 ? GLN A 168 . ? 1_555 ? 
43 AD1 14 ALA A 121 ? ALA A 169 . ? 1_555 ? 
44 AD1 14 GLU A 122 ? GLU A 170 . ? 1_555 ? 
45 AD1 14 HIS A 123 ? HIS A 171 . ? 1_555 ? 
46 AD1 14 THR A 126 ? THR A 174 . ? 1_555 ? 
47 AD1 14 SO4 E .   ? SO4 A 304 . ? 1_555 ? 
48 AD1 14 HOH L .   ? HOH A 409 . ? 1_555 ? 
49 AD1 14 HOH L .   ? HOH A 442 . ? 1_555 ? 
50 AD1 14 HOH L .   ? HOH A 470 . ? 1_555 ? 
# 
_pdbx_distant_solvent_atoms.id                                1 
_pdbx_distant_solvent_atoms.PDB_model_num                     1 
_pdbx_distant_solvent_atoms.auth_atom_id                      O 
_pdbx_distant_solvent_atoms.label_alt_id                      ? 
_pdbx_distant_solvent_atoms.auth_asym_id                      A 
_pdbx_distant_solvent_atoms.auth_comp_id                      HOH 
_pdbx_distant_solvent_atoms.auth_seq_id                       519 
_pdbx_distant_solvent_atoms.PDB_ins_code                      ? 
_pdbx_distant_solvent_atoms.neighbor_macromolecule_distance   7.34 
_pdbx_distant_solvent_atoms.neighbor_ligand_distance          . 
# 
loop_
_pdbx_unobs_or_zero_occ_residues.id 
_pdbx_unobs_or_zero_occ_residues.PDB_model_num 
_pdbx_unobs_or_zero_occ_residues.polymer_flag 
_pdbx_unobs_or_zero_occ_residues.occupancy_flag 
_pdbx_unobs_or_zero_occ_residues.auth_asym_id 
_pdbx_unobs_or_zero_occ_residues.auth_comp_id 
_pdbx_unobs_or_zero_occ_residues.auth_seq_id 
_pdbx_unobs_or_zero_occ_residues.PDB_ins_code 
_pdbx_unobs_or_zero_occ_residues.label_asym_id 
_pdbx_unobs_or_zero_occ_residues.label_comp_id 
_pdbx_unobs_or_zero_occ_residues.label_seq_id 
1  1 Y 1 A GLY 49  ? A GLY 1   
2  1 Y 1 A MET 50  ? A MET 2   
3  1 Y 1 A HIS 51  ? A HIS 3   
4  1 Y 1 A GLY 52  ? A GLY 4   
5  1 Y 1 A GLN 53  ? A GLN 5   
6  1 Y 1 A VAL 54  ? A VAL 6   
7  1 Y 1 A ASP 55  ? A ASP 7   
8  1 Y 1 A GLU 138 ? A GLU 90  
9  1 Y 1 A PHE 139 ? A PHE 91  
10 1 Y 1 A GLY 140 ? A GLY 92  
11 1 Y 1 A ILE 141 ? A ILE 93  
12 1 Y 1 A PRO 142 ? A PRO 94  
13 1 Y 1 A TYR 143 ? A TYR 95  
14 1 Y 1 A ASN 144 ? A ASN 96  
15 1 Y 1 A PRO 145 ? A PRO 97  
16 1 Y 1 A GLN 146 ? A GLN 98  
17 1 Y 1 A SER 147 ? A SER 99  
18 1 Y 1 A GLN 148 ? A GLN 100 
19 1 Y 1 A GLY 189 ? A GLY 141 
20 1 Y 1 A GLY 190 ? A GLY 142 
21 1 Y 1 A ILE 191 ? A ILE 143 
22 1 Y 1 A GLY 192 ? A GLY 144 
23 1 Y 1 A THR 210 ? A THR 162 
24 1 Y 1 A LYS 211 ? A LYS 163 
25 1 Y 1 A GLU 212 ? A GLU 164 
# 
loop_
_chem_comp_atom.comp_id 
_chem_comp_atom.atom_id 
_chem_comp_atom.type_symbol 
_chem_comp_atom.pdbx_aromatic_flag 
_chem_comp_atom.pdbx_stereo_config 
_chem_comp_atom.pdbx_ordinal 
65P C13  C  Y N 1   
65P C15  C  Y N 2   
65P C17  C  Y N 3   
65P C21  C  Y N 4   
65P C28  C  Y N 5   
65P C01  C  N N 6   
65P C05  C  Y N 7   
65P N06  N  Y N 8   
65P C07  C  Y N 9   
65P N08  N  Y N 10  
65P C09  C  N N 11  
65P C12  C  Y N 12  
65P F18  F  N N 13  
65P C19  C  Y N 14  
65P F20  F  N N 15  
65P C23  C  Y N 16  
65P C25  C  Y N 17  
65P C27  C  Y N 18  
65P C29  C  Y N 19  
65P C30  C  Y N 20  
65P C32  C  Y N 21  
65P C34  C  Y N 22  
65P O35  O  N N 23  
65P C36  C  N N 24  
65P C39  C  N N 25  
65P C42  C  N N 26  
65P C45  C  Y N 27  
65P C46  C  Y N 28  
65P C47  C  N N 29  
65P C51  C  Y N 30  
65P C52  C  N S 31  
65P O54  O  N N 32  
65P C55  C  N N 33  
65P C56  C  N N 34  
65P C60  C  N N 35  
65P C64  C  N N 36  
65P C68  C  N N 37  
65P O69  O  N N 38  
65P O71  O  N N 39  
65P H1   H  N N 40  
65P H2   H  N N 41  
65P H3   H  N N 42  
65P H4   H  N N 43  
65P H5   H  N N 44  
65P H6   H  N N 45  
65P H7   H  N N 46  
65P H8   H  N N 47  
65P H9   H  N N 48  
65P H10  H  N N 49  
65P H11  H  N N 50  
65P H12  H  N N 51  
65P H13  H  N N 52  
65P H14  H  N N 53  
65P H15  H  N N 54  
65P H16  H  N N 55  
65P H17  H  N N 56  
65P H18  H  N N 57  
65P H19  H  N N 58  
65P H20  H  N N 59  
65P H21  H  N N 60  
65P H22  H  N N 61  
65P H23  H  N N 62  
65P H24  H  N N 63  
65P H25  H  N N 64  
65P H26  H  N N 65  
65P H27  H  N N 66  
65P H28  H  N N 67  
65P H29  H  N N 68  
65P H30  H  N N 69  
65P H31  H  N N 70  
65P H32  H  N N 71  
ALA N    N  N N 72  
ALA CA   C  N S 73  
ALA C    C  N N 74  
ALA O    O  N N 75  
ALA CB   C  N N 76  
ALA OXT  O  N N 77  
ALA H    H  N N 78  
ALA H2   H  N N 79  
ALA HA   H  N N 80  
ALA HB1  H  N N 81  
ALA HB2  H  N N 82  
ALA HB3  H  N N 83  
ALA HXT  H  N N 84  
ARG N    N  N N 85  
ARG CA   C  N S 86  
ARG C    C  N N 87  
ARG O    O  N N 88  
ARG CB   C  N N 89  
ARG CG   C  N N 90  
ARG CD   C  N N 91  
ARG NE   N  N N 92  
ARG CZ   C  N N 93  
ARG NH1  N  N N 94  
ARG NH2  N  N N 95  
ARG OXT  O  N N 96  
ARG H    H  N N 97  
ARG H2   H  N N 98  
ARG HA   H  N N 99  
ARG HB2  H  N N 100 
ARG HB3  H  N N 101 
ARG HG2  H  N N 102 
ARG HG3  H  N N 103 
ARG HD2  H  N N 104 
ARG HD3  H  N N 105 
ARG HE   H  N N 106 
ARG HH11 H  N N 107 
ARG HH12 H  N N 108 
ARG HH21 H  N N 109 
ARG HH22 H  N N 110 
ARG HXT  H  N N 111 
ASN N    N  N N 112 
ASN CA   C  N S 113 
ASN C    C  N N 114 
ASN O    O  N N 115 
ASN CB   C  N N 116 
ASN CG   C  N N 117 
ASN OD1  O  N N 118 
ASN ND2  N  N N 119 
ASN OXT  O  N N 120 
ASN H    H  N N 121 
ASN H2   H  N N 122 
ASN HA   H  N N 123 
ASN HB2  H  N N 124 
ASN HB3  H  N N 125 
ASN HD21 H  N N 126 
ASN HD22 H  N N 127 
ASN HXT  H  N N 128 
ASP N    N  N N 129 
ASP CA   C  N S 130 
ASP C    C  N N 131 
ASP O    O  N N 132 
ASP CB   C  N N 133 
ASP CG   C  N N 134 
ASP OD1  O  N N 135 
ASP OD2  O  N N 136 
ASP OXT  O  N N 137 
ASP H    H  N N 138 
ASP H2   H  N N 139 
ASP HA   H  N N 140 
ASP HB2  H  N N 141 
ASP HB3  H  N N 142 
ASP HD2  H  N N 143 
ASP HXT  H  N N 144 
CAC AS   AS N N 145 
CAC O1   O  N N 146 
CAC O2   O  N N 147 
CAC C1   C  N N 148 
CAC C2   C  N N 149 
CAC H11  H  N N 150 
CAC H12  H  N N 151 
CAC H13  H  N N 152 
CAC H21  H  N N 153 
CAC H22  H  N N 154 
CAC H23  H  N N 155 
CYS N    N  N N 156 
CYS CA   C  N R 157 
CYS C    C  N N 158 
CYS O    O  N N 159 
CYS CB   C  N N 160 
CYS SG   S  N N 161 
CYS OXT  O  N N 162 
CYS H    H  N N 163 
CYS H2   H  N N 164 
CYS HA   H  N N 165 
CYS HB2  H  N N 166 
CYS HB3  H  N N 167 
CYS HG   H  N N 168 
CYS HXT  H  N N 169 
EDO C1   C  N N 170 
EDO O1   O  N N 171 
EDO C2   C  N N 172 
EDO O2   O  N N 173 
EDO H11  H  N N 174 
EDO H12  H  N N 175 
EDO HO1  H  N N 176 
EDO H21  H  N N 177 
EDO H22  H  N N 178 
EDO HO2  H  N N 179 
GLN N    N  N N 180 
GLN CA   C  N S 181 
GLN C    C  N N 182 
GLN O    O  N N 183 
GLN CB   C  N N 184 
GLN CG   C  N N 185 
GLN CD   C  N N 186 
GLN OE1  O  N N 187 
GLN NE2  N  N N 188 
GLN OXT  O  N N 189 
GLN H    H  N N 190 
GLN H2   H  N N 191 
GLN HA   H  N N 192 
GLN HB2  H  N N 193 
GLN HB3  H  N N 194 
GLN HG2  H  N N 195 
GLN HG3  H  N N 196 
GLN HE21 H  N N 197 
GLN HE22 H  N N 198 
GLN HXT  H  N N 199 
GLU N    N  N N 200 
GLU CA   C  N S 201 
GLU C    C  N N 202 
GLU O    O  N N 203 
GLU CB   C  N N 204 
GLU CG   C  N N 205 
GLU CD   C  N N 206 
GLU OE1  O  N N 207 
GLU OE2  O  N N 208 
GLU OXT  O  N N 209 
GLU H    H  N N 210 
GLU H2   H  N N 211 
GLU HA   H  N N 212 
GLU HB2  H  N N 213 
GLU HB3  H  N N 214 
GLU HG2  H  N N 215 
GLU HG3  H  N N 216 
GLU HE2  H  N N 217 
GLU HXT  H  N N 218 
GLY N    N  N N 219 
GLY CA   C  N N 220 
GLY C    C  N N 221 
GLY O    O  N N 222 
GLY OXT  O  N N 223 
GLY H    H  N N 224 
GLY H2   H  N N 225 
GLY HA2  H  N N 226 
GLY HA3  H  N N 227 
GLY HXT  H  N N 228 
HIS N    N  N N 229 
HIS CA   C  N S 230 
HIS C    C  N N 231 
HIS O    O  N N 232 
HIS CB   C  N N 233 
HIS CG   C  Y N 234 
HIS ND1  N  Y N 235 
HIS CD2  C  Y N 236 
HIS CE1  C  Y N 237 
HIS NE2  N  Y N 238 
HIS OXT  O  N N 239 
HIS H    H  N N 240 
HIS H2   H  N N 241 
HIS HA   H  N N 242 
HIS HB2  H  N N 243 
HIS HB3  H  N N 244 
HIS HD1  H  N N 245 
HIS HD2  H  N N 246 
HIS HE1  H  N N 247 
HIS HE2  H  N N 248 
HIS HXT  H  N N 249 
HOH O    O  N N 250 
HOH H1   H  N N 251 
HOH H2   H  N N 252 
ILE N    N  N N 253 
ILE CA   C  N S 254 
ILE C    C  N N 255 
ILE O    O  N N 256 
ILE CB   C  N S 257 
ILE CG1  C  N N 258 
ILE CG2  C  N N 259 
ILE CD1  C  N N 260 
ILE OXT  O  N N 261 
ILE H    H  N N 262 
ILE H2   H  N N 263 
ILE HA   H  N N 264 
ILE HB   H  N N 265 
ILE HG12 H  N N 266 
ILE HG13 H  N N 267 
ILE HG21 H  N N 268 
ILE HG22 H  N N 269 
ILE HG23 H  N N 270 
ILE HD11 H  N N 271 
ILE HD12 H  N N 272 
ILE HD13 H  N N 273 
ILE HXT  H  N N 274 
LEU N    N  N N 275 
LEU CA   C  N S 276 
LEU C    C  N N 277 
LEU O    O  N N 278 
LEU CB   C  N N 279 
LEU CG   C  N N 280 
LEU CD1  C  N N 281 
LEU CD2  C  N N 282 
LEU OXT  O  N N 283 
LEU H    H  N N 284 
LEU H2   H  N N 285 
LEU HA   H  N N 286 
LEU HB2  H  N N 287 
LEU HB3  H  N N 288 
LEU HG   H  N N 289 
LEU HD11 H  N N 290 
LEU HD12 H  N N 291 
LEU HD13 H  N N 292 
LEU HD21 H  N N 293 
LEU HD22 H  N N 294 
LEU HD23 H  N N 295 
LEU HXT  H  N N 296 
LYS N    N  N N 297 
LYS CA   C  N S 298 
LYS C    C  N N 299 
LYS O    O  N N 300 
LYS CB   C  N N 301 
LYS CG   C  N N 302 
LYS CD   C  N N 303 
LYS CE   C  N N 304 
LYS NZ   N  N N 305 
LYS OXT  O  N N 306 
LYS H    H  N N 307 
LYS H2   H  N N 308 
LYS HA   H  N N 309 
LYS HB2  H  N N 310 
LYS HB3  H  N N 311 
LYS HG2  H  N N 312 
LYS HG3  H  N N 313 
LYS HD2  H  N N 314 
LYS HD3  H  N N 315 
LYS HE2  H  N N 316 
LYS HE3  H  N N 317 
LYS HZ1  H  N N 318 
LYS HZ2  H  N N 319 
LYS HZ3  H  N N 320 
LYS HXT  H  N N 321 
MET N    N  N N 322 
MET CA   C  N S 323 
MET C    C  N N 324 
MET O    O  N N 325 
MET CB   C  N N 326 
MET CG   C  N N 327 
MET SD   S  N N 328 
MET CE   C  N N 329 
MET OXT  O  N N 330 
MET H    H  N N 331 
MET H2   H  N N 332 
MET HA   H  N N 333 
MET HB2  H  N N 334 
MET HB3  H  N N 335 
MET HG2  H  N N 336 
MET HG3  H  N N 337 
MET HE1  H  N N 338 
MET HE2  H  N N 339 
MET HE3  H  N N 340 
MET HXT  H  N N 341 
PHE N    N  N N 342 
PHE CA   C  N S 343 
PHE C    C  N N 344 
PHE O    O  N N 345 
PHE CB   C  N N 346 
PHE CG   C  Y N 347 
PHE CD1  C  Y N 348 
PHE CD2  C  Y N 349 
PHE CE1  C  Y N 350 
PHE CE2  C  Y N 351 
PHE CZ   C  Y N 352 
PHE OXT  O  N N 353 
PHE H    H  N N 354 
PHE H2   H  N N 355 
PHE HA   H  N N 356 
PHE HB2  H  N N 357 
PHE HB3  H  N N 358 
PHE HD1  H  N N 359 
PHE HD2  H  N N 360 
PHE HE1  H  N N 361 
PHE HE2  H  N N 362 
PHE HZ   H  N N 363 
PHE HXT  H  N N 364 
PRO N    N  N N 365 
PRO CA   C  N S 366 
PRO C    C  N N 367 
PRO O    O  N N 368 
PRO CB   C  N N 369 
PRO CG   C  N N 370 
PRO CD   C  N N 371 
PRO OXT  O  N N 372 
PRO H    H  N N 373 
PRO HA   H  N N 374 
PRO HB2  H  N N 375 
PRO HB3  H  N N 376 
PRO HG2  H  N N 377 
PRO HG3  H  N N 378 
PRO HD2  H  N N 379 
PRO HD3  H  N N 380 
PRO HXT  H  N N 381 
SER N    N  N N 382 
SER CA   C  N S 383 
SER C    C  N N 384 
SER O    O  N N 385 
SER CB   C  N N 386 
SER OG   O  N N 387 
SER OXT  O  N N 388 
SER H    H  N N 389 
SER H2   H  N N 390 
SER HA   H  N N 391 
SER HB2  H  N N 392 
SER HB3  H  N N 393 
SER HG   H  N N 394 
SER HXT  H  N N 395 
SO4 S    S  N N 396 
SO4 O1   O  N N 397 
SO4 O2   O  N N 398 
SO4 O3   O  N N 399 
SO4 O4   O  N N 400 
THR N    N  N N 401 
THR CA   C  N S 402 
THR C    C  N N 403 
THR O    O  N N 404 
THR CB   C  N R 405 
THR OG1  O  N N 406 
THR CG2  C  N N 407 
THR OXT  O  N N 408 
THR H    H  N N 409 
THR H2   H  N N 410 
THR HA   H  N N 411 
THR HB   H  N N 412 
THR HG1  H  N N 413 
THR HG21 H  N N 414 
THR HG22 H  N N 415 
THR HG23 H  N N 416 
THR HXT  H  N N 417 
TRP N    N  N N 418 
TRP CA   C  N S 419 
TRP C    C  N N 420 
TRP O    O  N N 421 
TRP CB   C  N N 422 
TRP CG   C  Y N 423 
TRP CD1  C  Y N 424 
TRP CD2  C  Y N 425 
TRP NE1  N  Y N 426 
TRP CE2  C  Y N 427 
TRP CE3  C  Y N 428 
TRP CZ2  C  Y N 429 
TRP CZ3  C  Y N 430 
TRP CH2  C  Y N 431 
TRP OXT  O  N N 432 
TRP H    H  N N 433 
TRP H2   H  N N 434 
TRP HA   H  N N 435 
TRP HB2  H  N N 436 
TRP HB3  H  N N 437 
TRP HD1  H  N N 438 
TRP HE1  H  N N 439 
TRP HE3  H  N N 440 
TRP HZ2  H  N N 441 
TRP HZ3  H  N N 442 
TRP HH2  H  N N 443 
TRP HXT  H  N N 444 
TYR N    N  N N 445 
TYR CA   C  N S 446 
TYR C    C  N N 447 
TYR O    O  N N 448 
TYR CB   C  N N 449 
TYR CG   C  Y N 450 
TYR CD1  C  Y N 451 
TYR CD2  C  Y N 452 
TYR CE1  C  Y N 453 
TYR CE2  C  Y N 454 
TYR CZ   C  Y N 455 
TYR OH   O  N N 456 
TYR OXT  O  N N 457 
TYR H    H  N N 458 
TYR H2   H  N N 459 
TYR HA   H  N N 460 
TYR HB2  H  N N 461 
TYR HB3  H  N N 462 
TYR HD1  H  N N 463 
TYR HD2  H  N N 464 
TYR HE1  H  N N 465 
TYR HE2  H  N N 466 
TYR HH   H  N N 467 
TYR HXT  H  N N 468 
VAL N    N  N N 469 
VAL CA   C  N S 470 
VAL C    C  N N 471 
VAL O    O  N N 472 
VAL CB   C  N N 473 
VAL CG1  C  N N 474 
VAL CG2  C  N N 475 
VAL OXT  O  N N 476 
VAL H    H  N N 477 
VAL H2   H  N N 478 
VAL HA   H  N N 479 
VAL HB   H  N N 480 
VAL HG11 H  N N 481 
VAL HG12 H  N N 482 
VAL HG13 H  N N 483 
VAL HG21 H  N N 484 
VAL HG22 H  N N 485 
VAL HG23 H  N N 486 
VAL HXT  H  N N 487 
# 
loop_
_chem_comp_bond.comp_id 
_chem_comp_bond.atom_id_1 
_chem_comp_bond.atom_id_2 
_chem_comp_bond.value_order 
_chem_comp_bond.pdbx_aromatic_flag 
_chem_comp_bond.pdbx_stereo_config 
_chem_comp_bond.pdbx_ordinal 
65P F20 C19  sing N N 1   
65P F18 C17  sing N N 2   
65P C42 C39  sing N N 3   
65P C42 C45  sing N N 4   
65P C39 C36  sing N N 5   
65P C47 C46  sing N N 6   
65P O69 C68  doub N N 7   
65P C19 C17  doub Y N 8   
65P C19 C21  sing Y N 9   
65P C17 C15  sing Y N 10  
65P O71 C68  sing N N 11  
65P C68 C52  sing N N 12  
65P C36 O35  sing N N 13  
65P C45 C46  doub Y N 14  
65P C45 C34  sing Y N 15  
65P C46 C29  sing Y N 16  
65P C21 C12  doub Y N 17  
65P C15 C13  doub Y N 18  
65P C52 C51  sing N N 19  
65P C52 O54  sing N N 20  
65P O35 C34  sing N N 21  
65P C34 C32  doub Y N 22  
65P C29 C28  sing N N 23  
65P C29 C30  doub Y N 24  
65P C51 C28  doub Y N 25  
65P C51 C05  sing Y N 26  
65P C12 C13  sing Y N 27  
65P C12 C09  sing N N 28  
65P C28 C27  sing Y N 29  
65P C01 C05  sing N N 30  
65P C05 N06  doub Y N 31  
65P C27 C25  sing Y N 32  
65P C27 C07  doub Y N 33  
65P N06 C07  sing Y N 34  
65P O54 C55  sing N N 35  
65P C25 C23  doub Y N 36  
65P C07 N08  sing Y N 37  
65P N08 C23  sing Y N 38  
65P N08 C09  sing N N 39  
65P C32 C30  sing Y N 40  
65P C60 C55  sing N N 41  
65P C55 C56  sing N N 42  
65P C55 C64  sing N N 43  
65P C13 H1   sing N N 44  
65P C15 H2   sing N N 45  
65P C21 H3   sing N N 46  
65P C01 H4   sing N N 47  
65P C01 H5   sing N N 48  
65P C01 H6   sing N N 49  
65P C09 H7   sing N N 50  
65P C09 H8   sing N N 51  
65P C23 H9   sing N N 52  
65P C25 H10  sing N N 53  
65P C30 H11  sing N N 54  
65P C32 H12  sing N N 55  
65P C36 H13  sing N N 56  
65P C36 H14  sing N N 57  
65P C39 H15  sing N N 58  
65P C39 H16  sing N N 59  
65P C42 H17  sing N N 60  
65P C42 H18  sing N N 61  
65P C47 H19  sing N N 62  
65P C47 H20  sing N N 63  
65P C47 H21  sing N N 64  
65P C52 H22  sing N N 65  
65P C56 H23  sing N N 66  
65P C56 H24  sing N N 67  
65P C56 H25  sing N N 68  
65P C60 H26  sing N N 69  
65P C60 H27  sing N N 70  
65P C60 H28  sing N N 71  
65P C64 H29  sing N N 72  
65P C64 H30  sing N N 73  
65P C64 H31  sing N N 74  
65P O71 H32  sing N N 75  
ALA N   CA   sing N N 76  
ALA N   H    sing N N 77  
ALA N   H2   sing N N 78  
ALA CA  C    sing N N 79  
ALA CA  CB   sing N N 80  
ALA CA  HA   sing N N 81  
ALA C   O    doub N N 82  
ALA C   OXT  sing N N 83  
ALA CB  HB1  sing N N 84  
ALA CB  HB2  sing N N 85  
ALA CB  HB3  sing N N 86  
ALA OXT HXT  sing N N 87  
ARG N   CA   sing N N 88  
ARG N   H    sing N N 89  
ARG N   H2   sing N N 90  
ARG CA  C    sing N N 91  
ARG CA  CB   sing N N 92  
ARG CA  HA   sing N N 93  
ARG C   O    doub N N 94  
ARG C   OXT  sing N N 95  
ARG CB  CG   sing N N 96  
ARG CB  HB2  sing N N 97  
ARG CB  HB3  sing N N 98  
ARG CG  CD   sing N N 99  
ARG CG  HG2  sing N N 100 
ARG CG  HG3  sing N N 101 
ARG CD  NE   sing N N 102 
ARG CD  HD2  sing N N 103 
ARG CD  HD3  sing N N 104 
ARG NE  CZ   sing N N 105 
ARG NE  HE   sing N N 106 
ARG CZ  NH1  sing N N 107 
ARG CZ  NH2  doub N N 108 
ARG NH1 HH11 sing N N 109 
ARG NH1 HH12 sing N N 110 
ARG NH2 HH21 sing N N 111 
ARG NH2 HH22 sing N N 112 
ARG OXT HXT  sing N N 113 
ASN N   CA   sing N N 114 
ASN N   H    sing N N 115 
ASN N   H2   sing N N 116 
ASN CA  C    sing N N 117 
ASN CA  CB   sing N N 118 
ASN CA  HA   sing N N 119 
ASN C   O    doub N N 120 
ASN C   OXT  sing N N 121 
ASN CB  CG   sing N N 122 
ASN CB  HB2  sing N N 123 
ASN CB  HB3  sing N N 124 
ASN CG  OD1  doub N N 125 
ASN CG  ND2  sing N N 126 
ASN ND2 HD21 sing N N 127 
ASN ND2 HD22 sing N N 128 
ASN OXT HXT  sing N N 129 
ASP N   CA   sing N N 130 
ASP N   H    sing N N 131 
ASP N   H2   sing N N 132 
ASP CA  C    sing N N 133 
ASP CA  CB   sing N N 134 
ASP CA  HA   sing N N 135 
ASP C   O    doub N N 136 
ASP C   OXT  sing N N 137 
ASP CB  CG   sing N N 138 
ASP CB  HB2  sing N N 139 
ASP CB  HB3  sing N N 140 
ASP CG  OD1  doub N N 141 
ASP CG  OD2  sing N N 142 
ASP OD2 HD2  sing N N 143 
ASP OXT HXT  sing N N 144 
CAC AS  O1   doub N N 145 
CAC AS  O2   sing N N 146 
CAC AS  C1   sing N N 147 
CAC AS  C2   sing N N 148 
CAC C1  H11  sing N N 149 
CAC C1  H12  sing N N 150 
CAC C1  H13  sing N N 151 
CAC C2  H21  sing N N 152 
CAC C2  H22  sing N N 153 
CAC C2  H23  sing N N 154 
CYS N   CA   sing N N 155 
CYS N   H    sing N N 156 
CYS N   H2   sing N N 157 
CYS CA  C    sing N N 158 
CYS CA  CB   sing N N 159 
CYS CA  HA   sing N N 160 
CYS C   O    doub N N 161 
CYS C   OXT  sing N N 162 
CYS CB  SG   sing N N 163 
CYS CB  HB2  sing N N 164 
CYS CB  HB3  sing N N 165 
CYS SG  HG   sing N N 166 
CYS OXT HXT  sing N N 167 
EDO C1  O1   sing N N 168 
EDO C1  C2   sing N N 169 
EDO C1  H11  sing N N 170 
EDO C1  H12  sing N N 171 
EDO O1  HO1  sing N N 172 
EDO C2  O2   sing N N 173 
EDO C2  H21  sing N N 174 
EDO C2  H22  sing N N 175 
EDO O2  HO2  sing N N 176 
GLN N   CA   sing N N 177 
GLN N   H    sing N N 178 
GLN N   H2   sing N N 179 
GLN CA  C    sing N N 180 
GLN CA  CB   sing N N 181 
GLN CA  HA   sing N N 182 
GLN C   O    doub N N 183 
GLN C   OXT  sing N N 184 
GLN CB  CG   sing N N 185 
GLN CB  HB2  sing N N 186 
GLN CB  HB3  sing N N 187 
GLN CG  CD   sing N N 188 
GLN CG  HG2  sing N N 189 
GLN CG  HG3  sing N N 190 
GLN CD  OE1  doub N N 191 
GLN CD  NE2  sing N N 192 
GLN NE2 HE21 sing N N 193 
GLN NE2 HE22 sing N N 194 
GLN OXT HXT  sing N N 195 
GLU N   CA   sing N N 196 
GLU N   H    sing N N 197 
GLU N   H2   sing N N 198 
GLU CA  C    sing N N 199 
GLU CA  CB   sing N N 200 
GLU CA  HA   sing N N 201 
GLU C   O    doub N N 202 
GLU C   OXT  sing N N 203 
GLU CB  CG   sing N N 204 
GLU CB  HB2  sing N N 205 
GLU CB  HB3  sing N N 206 
GLU CG  CD   sing N N 207 
GLU CG  HG2  sing N N 208 
GLU CG  HG3  sing N N 209 
GLU CD  OE1  doub N N 210 
GLU CD  OE2  sing N N 211 
GLU OE2 HE2  sing N N 212 
GLU OXT HXT  sing N N 213 
GLY N   CA   sing N N 214 
GLY N   H    sing N N 215 
GLY N   H2   sing N N 216 
GLY CA  C    sing N N 217 
GLY CA  HA2  sing N N 218 
GLY CA  HA3  sing N N 219 
GLY C   O    doub N N 220 
GLY C   OXT  sing N N 221 
GLY OXT HXT  sing N N 222 
HIS N   CA   sing N N 223 
HIS N   H    sing N N 224 
HIS N   H2   sing N N 225 
HIS CA  C    sing N N 226 
HIS CA  CB   sing N N 227 
HIS CA  HA   sing N N 228 
HIS C   O    doub N N 229 
HIS C   OXT  sing N N 230 
HIS CB  CG   sing N N 231 
HIS CB  HB2  sing N N 232 
HIS CB  HB3  sing N N 233 
HIS CG  ND1  sing Y N 234 
HIS CG  CD2  doub Y N 235 
HIS ND1 CE1  doub Y N 236 
HIS ND1 HD1  sing N N 237 
HIS CD2 NE2  sing Y N 238 
HIS CD2 HD2  sing N N 239 
HIS CE1 NE2  sing Y N 240 
HIS CE1 HE1  sing N N 241 
HIS NE2 HE2  sing N N 242 
HIS OXT HXT  sing N N 243 
HOH O   H1   sing N N 244 
HOH O   H2   sing N N 245 
ILE N   CA   sing N N 246 
ILE N   H    sing N N 247 
ILE N   H2   sing N N 248 
ILE CA  C    sing N N 249 
ILE CA  CB   sing N N 250 
ILE CA  HA   sing N N 251 
ILE C   O    doub N N 252 
ILE C   OXT  sing N N 253 
ILE CB  CG1  sing N N 254 
ILE CB  CG2  sing N N 255 
ILE CB  HB   sing N N 256 
ILE CG1 CD1  sing N N 257 
ILE CG1 HG12 sing N N 258 
ILE CG1 HG13 sing N N 259 
ILE CG2 HG21 sing N N 260 
ILE CG2 HG22 sing N N 261 
ILE CG2 HG23 sing N N 262 
ILE CD1 HD11 sing N N 263 
ILE CD1 HD12 sing N N 264 
ILE CD1 HD13 sing N N 265 
ILE OXT HXT  sing N N 266 
LEU N   CA   sing N N 267 
LEU N   H    sing N N 268 
LEU N   H2   sing N N 269 
LEU CA  C    sing N N 270 
LEU CA  CB   sing N N 271 
LEU CA  HA   sing N N 272 
LEU C   O    doub N N 273 
LEU C   OXT  sing N N 274 
LEU CB  CG   sing N N 275 
LEU CB  HB2  sing N N 276 
LEU CB  HB3  sing N N 277 
LEU CG  CD1  sing N N 278 
LEU CG  CD2  sing N N 279 
LEU CG  HG   sing N N 280 
LEU CD1 HD11 sing N N 281 
LEU CD1 HD12 sing N N 282 
LEU CD1 HD13 sing N N 283 
LEU CD2 HD21 sing N N 284 
LEU CD2 HD22 sing N N 285 
LEU CD2 HD23 sing N N 286 
LEU OXT HXT  sing N N 287 
LYS N   CA   sing N N 288 
LYS N   H    sing N N 289 
LYS N   H2   sing N N 290 
LYS CA  C    sing N N 291 
LYS CA  CB   sing N N 292 
LYS CA  HA   sing N N 293 
LYS C   O    doub N N 294 
LYS C   OXT  sing N N 295 
LYS CB  CG   sing N N 296 
LYS CB  HB2  sing N N 297 
LYS CB  HB3  sing N N 298 
LYS CG  CD   sing N N 299 
LYS CG  HG2  sing N N 300 
LYS CG  HG3  sing N N 301 
LYS CD  CE   sing N N 302 
LYS CD  HD2  sing N N 303 
LYS CD  HD3  sing N N 304 
LYS CE  NZ   sing N N 305 
LYS CE  HE2  sing N N 306 
LYS CE  HE3  sing N N 307 
LYS NZ  HZ1  sing N N 308 
LYS NZ  HZ2  sing N N 309 
LYS NZ  HZ3  sing N N 310 
LYS OXT HXT  sing N N 311 
MET N   CA   sing N N 312 
MET N   H    sing N N 313 
MET N   H2   sing N N 314 
MET CA  C    sing N N 315 
MET CA  CB   sing N N 316 
MET CA  HA   sing N N 317 
MET C   O    doub N N 318 
MET C   OXT  sing N N 319 
MET CB  CG   sing N N 320 
MET CB  HB2  sing N N 321 
MET CB  HB3  sing N N 322 
MET CG  SD   sing N N 323 
MET CG  HG2  sing N N 324 
MET CG  HG3  sing N N 325 
MET SD  CE   sing N N 326 
MET CE  HE1  sing N N 327 
MET CE  HE2  sing N N 328 
MET CE  HE3  sing N N 329 
MET OXT HXT  sing N N 330 
PHE N   CA   sing N N 331 
PHE N   H    sing N N 332 
PHE N   H2   sing N N 333 
PHE CA  C    sing N N 334 
PHE CA  CB   sing N N 335 
PHE CA  HA   sing N N 336 
PHE C   O    doub N N 337 
PHE C   OXT  sing N N 338 
PHE CB  CG   sing N N 339 
PHE CB  HB2  sing N N 340 
PHE CB  HB3  sing N N 341 
PHE CG  CD1  doub Y N 342 
PHE CG  CD2  sing Y N 343 
PHE CD1 CE1  sing Y N 344 
PHE CD1 HD1  sing N N 345 
PHE CD2 CE2  doub Y N 346 
PHE CD2 HD2  sing N N 347 
PHE CE1 CZ   doub Y N 348 
PHE CE1 HE1  sing N N 349 
PHE CE2 CZ   sing Y N 350 
PHE CE2 HE2  sing N N 351 
PHE CZ  HZ   sing N N 352 
PHE OXT HXT  sing N N 353 
PRO N   CA   sing N N 354 
PRO N   CD   sing N N 355 
PRO N   H    sing N N 356 
PRO CA  C    sing N N 357 
PRO CA  CB   sing N N 358 
PRO CA  HA   sing N N 359 
PRO C   O    doub N N 360 
PRO C   OXT  sing N N 361 
PRO CB  CG   sing N N 362 
PRO CB  HB2  sing N N 363 
PRO CB  HB3  sing N N 364 
PRO CG  CD   sing N N 365 
PRO CG  HG2  sing N N 366 
PRO CG  HG3  sing N N 367 
PRO CD  HD2  sing N N 368 
PRO CD  HD3  sing N N 369 
PRO OXT HXT  sing N N 370 
SER N   CA   sing N N 371 
SER N   H    sing N N 372 
SER N   H2   sing N N 373 
SER CA  C    sing N N 374 
SER CA  CB   sing N N 375 
SER CA  HA   sing N N 376 
SER C   O    doub N N 377 
SER C   OXT  sing N N 378 
SER CB  OG   sing N N 379 
SER CB  HB2  sing N N 380 
SER CB  HB3  sing N N 381 
SER OG  HG   sing N N 382 
SER OXT HXT  sing N N 383 
SO4 S   O1   doub N N 384 
SO4 S   O2   doub N N 385 
SO4 S   O3   sing N N 386 
SO4 S   O4   sing N N 387 
THR N   CA   sing N N 388 
THR N   H    sing N N 389 
THR N   H2   sing N N 390 
THR CA  C    sing N N 391 
THR CA  CB   sing N N 392 
THR CA  HA   sing N N 393 
THR C   O    doub N N 394 
THR C   OXT  sing N N 395 
THR CB  OG1  sing N N 396 
THR CB  CG2  sing N N 397 
THR CB  HB   sing N N 398 
THR OG1 HG1  sing N N 399 
THR CG2 HG21 sing N N 400 
THR CG2 HG22 sing N N 401 
THR CG2 HG23 sing N N 402 
THR OXT HXT  sing N N 403 
TRP N   CA   sing N N 404 
TRP N   H    sing N N 405 
TRP N   H2   sing N N 406 
TRP CA  C    sing N N 407 
TRP CA  CB   sing N N 408 
TRP CA  HA   sing N N 409 
TRP C   O    doub N N 410 
TRP C   OXT  sing N N 411 
TRP CB  CG   sing N N 412 
TRP CB  HB2  sing N N 413 
TRP CB  HB3  sing N N 414 
TRP CG  CD1  doub Y N 415 
TRP CG  CD2  sing Y N 416 
TRP CD1 NE1  sing Y N 417 
TRP CD1 HD1  sing N N 418 
TRP CD2 CE2  doub Y N 419 
TRP CD2 CE3  sing Y N 420 
TRP NE1 CE2  sing Y N 421 
TRP NE1 HE1  sing N N 422 
TRP CE2 CZ2  sing Y N 423 
TRP CE3 CZ3  doub Y N 424 
TRP CE3 HE3  sing N N 425 
TRP CZ2 CH2  doub Y N 426 
TRP CZ2 HZ2  sing N N 427 
TRP CZ3 CH2  sing Y N 428 
TRP CZ3 HZ3  sing N N 429 
TRP CH2 HH2  sing N N 430 
TRP OXT HXT  sing N N 431 
TYR N   CA   sing N N 432 
TYR N   H    sing N N 433 
TYR N   H2   sing N N 434 
TYR CA  C    sing N N 435 
TYR CA  CB   sing N N 436 
TYR CA  HA   sing N N 437 
TYR C   O    doub N N 438 
TYR C   OXT  sing N N 439 
TYR CB  CG   sing N N 440 
TYR CB  HB2  sing N N 441 
TYR CB  HB3  sing N N 442 
TYR CG  CD1  doub Y N 443 
TYR CG  CD2  sing Y N 444 
TYR CD1 CE1  sing Y N 445 
TYR CD1 HD1  sing N N 446 
TYR CD2 CE2  doub Y N 447 
TYR CD2 HD2  sing N N 448 
TYR CE1 CZ   doub Y N 449 
TYR CE1 HE1  sing N N 450 
TYR CE2 CZ   sing Y N 451 
TYR CE2 HE2  sing N N 452 
TYR CZ  OH   sing N N 453 
TYR OH  HH   sing N N 454 
TYR OXT HXT  sing N N 455 
VAL N   CA   sing N N 456 
VAL N   H    sing N N 457 
VAL N   H2   sing N N 458 
VAL CA  C    sing N N 459 
VAL CA  CB   sing N N 460 
VAL CA  HA   sing N N 461 
VAL C   O    doub N N 462 
VAL C   OXT  sing N N 463 
VAL CB  CG1  sing N N 464 
VAL CB  CG2  sing N N 465 
VAL CB  HB   sing N N 466 
VAL CG1 HG11 sing N N 467 
VAL CG1 HG12 sing N N 468 
VAL CG1 HG13 sing N N 469 
VAL CG2 HG21 sing N N 470 
VAL CG2 HG22 sing N N 471 
VAL CG2 HG23 sing N N 472 
VAL OXT HXT  sing N N 473 
# 
_atom_sites.entry_id                    5HRP 
_atom_sites.fract_transf_matrix[1][1]   -0.00956524 
_atom_sites.fract_transf_matrix[1][2]   -0.01264609 
_atom_sites.fract_transf_matrix[1][3]   0.00021653 
_atom_sites.fract_transf_matrix[2][1]   0.00515226 
_atom_sites.fract_transf_matrix[2][2]   -0.01373684 
_atom_sites.fract_transf_matrix[2][3]   0.00601911 
_atom_sites.fract_transf_matrix[3][1]   -0.00509909 
_atom_sites.fract_transf_matrix[3][2]   0.00409146 
_atom_sites.fract_transf_matrix[3][3]   0.01370228 
_atom_sites.fract_transf_vector[1]      -0.433932 
_atom_sites.fract_transf_vector[2]      0.081189 
_atom_sites.fract_transf_vector[3]      0.208863 
# 
loop_
_atom_type.symbol 
AS 
C  
F  
N  
O  
S  
# 
loop_
_atom_site.group_PDB 
_atom_site.id 
_atom_site.type_symbol 
_atom_site.label_atom_id 
_atom_site.label_alt_id 
_atom_site.label_comp_id 
_atom_site.label_asym_id 
_atom_site.label_entity_id 
_atom_site.label_seq_id 
_atom_site.pdbx_PDB_ins_code 
_atom_site.Cartn_x 
_atom_site.Cartn_y 
_atom_site.Cartn_z 
_atom_site.occupancy 
_atom_site.B_iso_or_equiv 
_atom_site.pdbx_formal_charge 
_atom_site.auth_seq_id 
_atom_site.auth_comp_id 
_atom_site.auth_asym_id 
_atom_site.auth_atom_id 
_atom_site.pdbx_PDB_model_num 
ATOM   1    N  N   . CYS A 1 8   ? -8.861  -11.898 -3.712  1.00 59.79  ? 56  CYS A N   1 
ATOM   2    C  CA  . CYS A 1 8   ? -9.161  -13.024 -2.830  1.00 59.31  ? 56  CYS A CA  1 
ATOM   3    C  C   . CYS A 1 8   ? -9.827  -12.526 -1.517  1.00 60.17  ? 56  CYS A C   1 
ATOM   4    O  O   . CYS A 1 8   ? -10.808 -11.781 -1.592  1.00 59.96  ? 56  CYS A O   1 
ATOM   5    C  CB  . CYS A 1 8   ? -7.899  -13.844 -2.557  1.00 59.89  ? 56  CYS A CB  1 
ATOM   6    N  N   . SER A 1 9   ? -9.321  -12.949 -0.337  1.00 53.33  ? 57  SER A N   1 
ATOM   7    C  CA  . SER A 1 9   ? -9.847  -12.576 0.980   1.00 51.52  ? 57  SER A CA  1 
ATOM   8    C  C   . SER A 1 9   ? -9.728  -11.042 1.242   1.00 49.56  ? 57  SER A C   1 
ATOM   9    O  O   . SER A 1 9   ? -8.738  -10.429 0.837   1.00 48.21  ? 57  SER A O   1 
ATOM   10   C  CB  . SER A 1 9   ? -9.135  -13.363 2.074   1.00 57.38  ? 57  SER A CB  1 
ATOM   11   O  OG  . SER A 1 9   ? -10.005 -13.624 3.164   1.00 70.12  ? 57  SER A OG  1 
ATOM   12   N  N   . PRO A 1 10  ? -10.731 -10.421 1.911   1.00 42.34  ? 58  PRO A N   1 
ATOM   13   C  CA  . PRO A 1 10  ? -10.709 -8.953  2.100   1.00 40.60  ? 58  PRO A CA  1 
ATOM   14   C  C   . PRO A 1 10  ? -9.725  -8.387  3.148   1.00 39.07  ? 58  PRO A C   1 
ATOM   15   O  O   . PRO A 1 10  ? -9.609  -7.166  3.262   1.00 37.66  ? 58  PRO A O   1 
ATOM   16   C  CB  . PRO A 1 10  ? -12.134 -8.657  2.558   1.00 42.62  ? 58  PRO A CB  1 
ATOM   17   C  CG  . PRO A 1 10  ? -12.572 -9.902  3.253   1.00 47.87  ? 58  PRO A CG  1 
ATOM   18   C  CD  . PRO A 1 10  ? -11.996 -11.002 2.414   1.00 43.90  ? 58  PRO A CD  1 
ATOM   19   N  N   . GLY A 1 11  ? -9.075  -9.243  3.926   1.00 33.33  ? 59  GLY A N   1 
ATOM   20   C  CA  . GLY A 1 11  ? -8.136  -8.776  4.946   1.00 31.21  ? 59  GLY A CA  1 
ATOM   21   C  C   . GLY A 1 11  ? -6.681  -8.888  4.528   1.00 30.41  ? 59  GLY A C   1 
ATOM   22   O  O   . GLY A 1 11  ? -5.800  -8.593  5.333   1.00 28.69  ? 59  GLY A O   1 
ATOM   23   N  N   . ILE A 1 12  ? -6.414  -9.266  3.263   1.00 27.53  ? 60  ILE A N   1 
ATOM   24   C  CA  . ILE A 1 12  ? -5.044  -9.439  2.762   1.00 26.88  ? 60  ILE A CA  1 
ATOM   25   C  C   . ILE A 1 12  ? -4.514  -8.176  2.112   1.00 28.46  ? 60  ILE A C   1 
ATOM   26   O  O   . ILE A 1 12  ? -5.131  -7.643  1.182   1.00 26.60  ? 60  ILE A O   1 
ATOM   27   C  CB  . ILE A 1 12  ? -4.897  -10.631 1.752   1.00 30.27  ? 60  ILE A CB  1 
ATOM   28   C  CG1 . ILE A 1 12  ? -5.426  -11.950 2.340   1.00 32.29  ? 60  ILE A CG1 1 
ATOM   29   C  CG2 . ILE A 1 12  ? -3.430  -10.787 1.308   1.00 32.34  ? 60  ILE A CG2 1 
ATOM   30   C  CD1 . ILE A 1 12  ? -5.477  -13.121 1.359   1.00 40.32  ? 60  ILE A CD1 1 
ATOM   31   N  N   . TRP A 1 13  ? -3.317  -7.758  2.555   1.00 23.84  ? 61  TRP A N   1 
ATOM   32   C  CA  . TRP A 1 13  ? -2.600  -6.621  1.996   1.00 23.03  ? 61  TRP A CA  1 
ATOM   33   C  C   . TRP A 1 13  ? -1.211  -7.056  1.629   1.00 27.33  ? 61  TRP A C   1 
ATOM   34   O  O   . TRP A 1 13  ? -0.623  -7.849  2.364   1.00 27.87  ? 61  TRP A O   1 
ATOM   35   C  CB  . TRP A 1 13  ? -2.517  -5.458  3.002   1.00 21.09  ? 61  TRP A CB  1 
ATOM   36   C  CG  . TRP A 1 13  ? -3.849  -4.817  3.281   1.00 22.01  ? 61  TRP A CG  1 
ATOM   37   C  CD1 . TRP A 1 13  ? -4.856  -5.309  4.055   1.00 24.34  ? 61  TRP A CD1 1 
ATOM   38   C  CD2 . TRP A 1 13  ? -4.294  -3.549  2.795   1.00 21.79  ? 61  TRP A CD2 1 
ATOM   39   N  NE1 . TRP A 1 13  ? -5.914  -4.427  4.069   1.00 23.82  ? 61  TRP A NE1 1 
ATOM   40   C  CE2 . TRP A 1 13  ? -5.601  -3.345  3.290   1.00 24.30  ? 61  TRP A CE2 1 
ATOM   41   C  CE3 . TRP A 1 13  ? -3.724  -2.574  1.956   1.00 23.05  ? 61  TRP A CE3 1 
ATOM   42   C  CZ2 . TRP A 1 13  ? -6.335  -2.182  3.015   1.00 23.71  ? 61  TRP A CZ2 1 
ATOM   43   C  CZ3 . TRP A 1 13  ? -4.462  -1.421  1.675   1.00 24.02  ? 61  TRP A CZ3 1 
ATOM   44   C  CH2 . TRP A 1 13  ? -5.732  -1.222  2.237   1.00 24.13  ? 61  TRP A CH2 1 
ATOM   45   N  N   . GLN A 1 14  ? -0.672  -6.489  0.558   1.00 23.46  ? 62  GLN A N   1 
ATOM   46   C  CA  . GLN A 1 14  ? 0.702   -6.742  0.165   1.00 24.02  ? 62  GLN A CA  1 
ATOM   47   C  C   . GLN A 1 14  ? 1.505   -5.460  0.363   1.00 29.25  ? 62  GLN A C   1 
ATOM   48   O  O   . GLN A 1 14  ? 1.109   -4.407  -0.134  1.00 29.11  ? 62  GLN A O   1 
ATOM   49   C  CB  . GLN A 1 14  ? 0.802   -7.253  -1.272  1.00 25.74  ? 62  GLN A CB  1 
ATOM   50   C  CG  . GLN A 1 14  ? 2.267   -7.299  -1.725  1.00 32.19  ? 62  GLN A CG  1 
ATOM   51   C  CD  . GLN A 1 14  ? 2.694   -8.554  -2.405  1.00 37.73  ? 62  GLN A CD  1 
ATOM   52   O  OE1 . GLN A 1 14  ? 1.959   -9.534  -2.495  1.00 34.33  ? 62  GLN A OE1 1 
ATOM   53   N  NE2 . GLN A 1 14  ? 3.889   -8.507  -2.961  1.00 31.48  ? 62  GLN A NE2 1 
ATOM   54   N  N   . LEU A 1 15  ? 2.634   -5.544  1.076   1.00 25.18  ? 63  LEU A N   1 
ATOM   55   C  CA  . LEU A 1 15  ? 3.491   -4.377  1.311   1.00 24.13  ? 63  LEU A CA  1 
ATOM   56   C  C   . LEU A 1 15  ? 4.857   -4.577  0.723   1.00 27.14  ? 63  LEU A C   1 
ATOM   57   O  O   . LEU A 1 15  ? 5.489   -5.591  1.004   1.00 25.79  ? 63  LEU A O   1 
ATOM   58   C  CB  . LEU A 1 15  ? 3.674   -4.159  2.822   1.00 24.94  ? 63  LEU A CB  1 
ATOM   59   C  CG  . LEU A 1 15  ? 2.711   -3.258  3.536   1.00 31.40  ? 63  LEU A CG  1 
ATOM   60   C  CD1 . LEU A 1 15  ? 1.294   -3.818  3.506   1.00 31.64  ? 63  LEU A CD1 1 
ATOM   61   C  CD2 . LEU A 1 15  ? 3.170   -3.077  4.977   1.00 31.98  ? 63  LEU A CD2 1 
ATOM   62   N  N   . ASP A 1 16  ? 5.338   -3.594  -0.031  1.00 24.15  ? 64  ASP A N   1 
ATOM   63   C  CA  . ASP A 1 16  ? 6.674   -3.638  -0.632  1.00 24.55  ? 64  ASP A CA  1 
ATOM   64   C  C   . ASP A 1 16  ? 7.232   -2.246  -0.703  1.00 29.94  ? 64  ASP A C   1 
ATOM   65   O  O   . ASP A 1 16  ? 6.465   -1.276  -0.688  1.00 30.00  ? 64  ASP A O   1 
ATOM   66   C  CB  . ASP A 1 16  ? 6.621   -4.224  -2.058  1.00 24.85  ? 64  ASP A CB  1 
ATOM   67   C  CG  . ASP A 1 16  ? 6.156   -5.652  -2.161  1.00 29.41  ? 64  ASP A CG  1 
ATOM   68   O  OD1 . ASP A 1 16  ? 6.945   -6.562  -1.821  1.00 28.78  ? 64  ASP A OD1 1 
ATOM   69   O  OD2 . ASP A 1 16  ? 4.999   -5.866  -2.540  1.00 28.15  ? 64  ASP A OD2 1 
ATOM   70   N  N   . CYS A 1 17  ? 8.550   -2.131  -0.827  1.00 24.34  ? 65  CYS A N   1 
ATOM   71   C  CA  . CYS A 1 17  ? 9.156   -0.828  -1.050  1.00 24.40  ? 65  CYS A CA  1 
ATOM   72   C  C   . CYS A 1 17  ? 9.689   -0.751  -2.456  1.00 30.64  ? 65  CYS A C   1 
ATOM   73   O  O   . CYS A 1 17  ? 10.170  -1.752  -2.991  1.00 30.85  ? 65  CYS A O   1 
ATOM   74   C  CB  . CYS A 1 17  ? 10.264  -0.540  -0.045  1.00 24.86  ? 65  CYS A CB  1 
ATOM   75   S  SG  . CYS A 1 17  ? 9.665   -0.278  1.640   1.00 27.94  ? 65  CYS A SG  1 
ATOM   76   N  N   . THR A 1 18  ? 9.610   0.451   -3.017  1.00 29.22  ? 66  THR A N   1 
ATOM   77   C  CA  A THR A 1 18  ? 10.199  0.711   -4.319  0.50 30.08  ? 66  THR A CA  1 
ATOM   78   C  CA  B THR A 1 18  ? 10.057  0.865   -4.357  0.50 30.33  ? 66  THR A CA  1 
ATOM   79   C  C   . THR A 1 18  ? 11.112  1.935   -4.155  1.00 34.91  ? 66  THR A C   1 
ATOM   80   O  O   . THR A 1 18  ? 10.998  2.707   -3.195  1.00 33.61  ? 66  THR A O   1 
ATOM   81   C  CB  A THR A 1 18  ? 9.161   0.779   -5.444  0.50 37.92  ? 66  THR A CB  1 
ATOM   82   C  CB  B THR A 1 18  ? 8.844   1.421   -5.166  0.50 39.17  ? 66  THR A CB  1 
ATOM   83   O  OG1 A THR A 1 18  ? 9.842   0.599   -6.690  0.50 37.23  ? 66  THR A OG1 1 
ATOM   84   O  OG1 B THR A 1 18  ? 7.854   0.412   -5.337  0.50 41.95  ? 66  THR A OG1 1 
ATOM   85   C  CG2 A THR A 1 18  ? 8.344   2.063   -5.439  0.50 36.04  ? 66  THR A CG2 1 
ATOM   86   C  CG2 B THR A 1 18  ? 9.230   1.967   -6.541  0.50 38.71  ? 66  THR A CG2 1 
ATOM   87   N  N   . HIS A 1 19  ? 12.081  2.047   -5.033  1.00 33.75  ? 67  HIS A N   1 
ATOM   88   C  CA  . HIS A 1 19  ? 13.068  3.099   -4.891  1.00 35.65  ? 67  HIS A CA  1 
ATOM   89   C  C   . HIS A 1 19  ? 12.958  4.054   -6.053  1.00 37.88  ? 67  HIS A C   1 
ATOM   90   O  O   . HIS A 1 19  ? 12.780  3.620   -7.188  1.00 37.38  ? 67  HIS A O   1 
ATOM   91   C  CB  . HIS A 1 19  ? 14.473  2.489   -4.783  1.00 38.33  ? 67  HIS A CB  1 
ATOM   92   C  CG  . HIS A 1 19  ? 14.666  1.649   -3.555  1.00 43.37  ? 67  HIS A CG  1 
ATOM   93   N  ND1 . HIS A 1 19  ? 15.462  2.073   -2.512  1.00 46.05  ? 67  HIS A ND1 1 
ATOM   94   C  CD2 . HIS A 1 19  ? 14.148  0.436   -3.244  1.00 46.67  ? 67  HIS A CD2 1 
ATOM   95   C  CE1 . HIS A 1 19  ? 15.406  1.113   -1.602  1.00 45.96  ? 67  HIS A CE1 1 
ATOM   96   N  NE2 . HIS A 1 19  ? 14.620  0.113   -1.996  1.00 46.50  ? 67  HIS A NE2 1 
ATOM   97   N  N   . LEU A 1 20  ? 12.962  5.353   -5.752  1.00 34.96  ? 68  LEU A N   1 
ATOM   98   C  CA  . LEU A 1 20  ? 12.868  6.405   -6.769  1.00 35.79  ? 68  LEU A CA  1 
ATOM   99   C  C   . LEU A 1 20  ? 13.563  7.641   -6.280  1.00 38.53  ? 68  LEU A C   1 
ATOM   100  O  O   . LEU A 1 20  ? 13.390  8.025   -5.121  1.00 37.83  ? 68  LEU A O   1 
ATOM   101  C  CB  . LEU A 1 20  ? 11.394  6.703   -7.112  1.00 36.39  ? 68  LEU A CB  1 
ATOM   102  C  CG  . LEU A 1 20  ? 11.083  7.269   -8.497  1.00 42.50  ? 68  LEU A CG  1 
ATOM   103  C  CD1 . LEU A 1 20  ? 11.505  6.305   -9.609  1.00 42.67  ? 68  LEU A CD1 1 
ATOM   104  C  CD2 . LEU A 1 20  ? 9.590   7.516   -8.643  1.00 46.13  ? 68  LEU A CD2 1 
ATOM   105  N  N   . GLU A 1 21  ? 14.418  8.245   -7.140  1.00 35.67  ? 69  GLU A N   1 
ATOM   106  C  CA  . GLU A 1 21  ? 15.142  9.487   -6.828  1.00 34.28  ? 69  GLU A CA  1 
ATOM   107  C  C   . GLU A 1 21  ? 15.897  9.424   -5.498  1.00 38.00  ? 69  GLU A C   1 
ATOM   108  O  O   . GLU A 1 21  ? 15.949  10.422  -4.781  1.00 38.86  ? 69  GLU A O   1 
ATOM   109  C  CB  . GLU A 1 21  ? 14.155  10.678  -6.783  1.00 35.39  ? 69  GLU A CB  1 
ATOM   110  C  CG  . GLU A 1 21  ? 13.312  10.841  -8.031  1.00 40.70  ? 69  GLU A CG  1 
ATOM   111  C  CD  . GLU A 1 21  ? 12.372  12.030  -8.032  1.00 40.12  ? 69  GLU A CD  1 
ATOM   112  O  OE1 . GLU A 1 21  ? 12.441  12.869  -7.103  1.00 37.31  ? 69  GLU A OE1 1 
ATOM   113  O  OE2 . GLU A 1 21  ? 11.583  12.134  -8.996  1.00 38.25  ? 69  GLU A OE2 1 
ATOM   114  N  N   . GLY A 1 22  ? 16.447  8.260   -5.150  1.00 36.32  ? 70  GLY A N   1 
ATOM   115  C  CA  . GLY A 1 22  ? 17.171  8.117   -3.889  1.00 36.61  ? 70  GLY A CA  1 
ATOM   116  C  C   . GLY A 1 22  ? 16.294  8.112   -2.649  1.00 40.98  ? 70  GLY A C   1 
ATOM   117  O  O   . GLY A 1 22  ? 16.786  8.296   -1.531  1.00 41.63  ? 70  GLY A O   1 
ATOM   118  N  N   . LYS A 1 23  ? 14.972  7.913   -2.842  1.00 35.92  ? 71  LYS A N   1 
ATOM   119  C  CA  . LYS A 1 23  ? 14.016  7.839   -1.731  1.00 33.18  ? 71  LYS A CA  1 
ATOM   120  C  C   . LYS A 1 23  ? 13.304  6.505   -1.787  1.00 32.45  ? 71  LYS A C   1 
ATOM   121  O  O   . LYS A 1 23  ? 13.394  5.791   -2.786  1.00 30.96  ? 71  LYS A O   1 
ATOM   122  C  CB  . LYS A 1 23  ? 13.024  9.011   -1.773  1.00 34.75  ? 71  LYS A CB  1 
ATOM   123  C  CG  . LYS A 1 23  ? 13.662  10.328  -1.340  1.00 42.92  ? 71  LYS A CG  1 
ATOM   124  C  CD  . LYS A 1 23  ? 12.816  11.525  -1.757  1.00 49.15  ? 71  LYS A CD  1 
ATOM   125  C  CE  . LYS A 1 23  ? 13.357  12.801  -1.167  1.00 55.97  ? 71  LYS A CE  1 
ATOM   126  N  NZ  . LYS A 1 23  ? 14.568  13.264  -1.896  1.00 62.52  ? 71  LYS A NZ  1 
ATOM   127  N  N   . VAL A 1 24  ? 12.585  6.165   -0.714  1.00 28.07  ? 72  VAL A N   1 
ATOM   128  C  CA  . VAL A 1 24  ? 11.904  4.893   -0.626  1.00 26.94  ? 72  VAL A CA  1 
ATOM   129  C  C   . VAL A 1 24  ? 10.411  5.144   -0.562  1.00 26.08  ? 72  VAL A C   1 
ATOM   130  O  O   . VAL A 1 24  ? 9.972   5.999   0.192   1.00 24.09  ? 72  VAL A O   1 
ATOM   131  C  CB  . VAL A 1 24  ? 12.416  4.101   0.618   1.00 31.79  ? 72  VAL A CB  1 
ATOM   132  C  CG1 . VAL A 1 24  ? 11.605  2.828   0.833   1.00 30.98  ? 72  VAL A CG1 1 
ATOM   133  C  CG2 . VAL A 1 24  ? 13.915  3.778   0.491   1.00 32.47  ? 72  VAL A CG2 1 
ATOM   134  N  N   . ILE A 1 25  ? 9.646   4.413   -1.360  1.00 24.65  ? 73  ILE A N   1 
ATOM   135  C  CA  . ILE A 1 25  ? 8.188   4.533   -1.314  1.00 24.20  ? 73  ILE A CA  1 
ATOM   136  C  C   . ILE A 1 25  ? 7.666   3.211   -0.771  1.00 26.45  ? 73  ILE A C   1 
ATOM   137  O  O   . ILE A 1 25  ? 7.871   2.182   -1.407  1.00 25.33  ? 73  ILE A O   1 
ATOM   138  C  CB  . ILE A 1 25  ? 7.588   4.858   -2.716  1.00 27.19  ? 73  ILE A CB  1 
ATOM   139  C  CG1 . ILE A 1 25  ? 8.266   6.105   -3.373  1.00 28.04  ? 73  ILE A CG1 1 
ATOM   140  C  CG2 . ILE A 1 25  ? 6.045   4.998   -2.639  1.00 25.72  ? 73  ILE A CG2 1 
ATOM   141  C  CD1 . ILE A 1 25  ? 8.074   6.143   -4.954  1.00 31.74  ? 73  ILE A CD1 1 
ATOM   142  N  N   . LEU A 1 26  ? 6.962   3.246   0.361   1.00 22.80  ? 74  LEU A N   1 
ATOM   143  C  CA  . LEU A 1 26  ? 6.325   2.045   0.881   1.00 22.87  ? 74  LEU A CA  1 
ATOM   144  C  C   . LEU A 1 26  ? 4.946   1.999   0.254   1.00 25.69  ? 74  LEU A C   1 
ATOM   145  O  O   . LEU A 1 26  ? 4.174   2.948   0.410   1.00 24.05  ? 74  LEU A O   1 
ATOM   146  C  CB  . LEU A 1 26  ? 6.260   2.092   2.425   1.00 24.67  ? 74  LEU A CB  1 
ATOM   147  C  CG  . LEU A 1 26  ? 6.242   0.723   3.113   1.00 31.36  ? 74  LEU A CG  1 
ATOM   148  C  CD1 . LEU A 1 26  ? 6.555   0.873   4.548   1.00 31.25  ? 74  LEU A CD1 1 
ATOM   149  C  CD2 . LEU A 1 26  ? 4.863   0.050   2.966   1.00 37.81  ? 74  LEU A CD2 1 
ATOM   150  N  N   . VAL A 1 27  ? 4.649   0.922   -0.456  1.00 21.73  ? 75  VAL A N   1 
ATOM   151  C  CA  . VAL A 1 27  ? 3.378   0.747   -1.172  1.00 22.91  ? 75  VAL A CA  1 
ATOM   152  C  C   . VAL A 1 27  ? 2.598   -0.436  -0.570  1.00 26.27  ? 75  VAL A C   1 
ATOM   153  O  O   . VAL A 1 27  ? 3.125   -1.546  -0.539  1.00 26.93  ? 75  VAL A O   1 
ATOM   154  C  CB  . VAL A 1 27  ? 3.622   0.545   -2.701  1.00 26.63  ? 75  VAL A CB  1 
ATOM   155  C  CG1 . VAL A 1 27  ? 2.300   0.307   -3.457  1.00 26.32  ? 75  VAL A CG1 1 
ATOM   156  C  CG2 . VAL A 1 27  ? 4.366   1.741   -3.293  1.00 26.76  ? 75  VAL A CG2 1 
ATOM   157  N  N   . ALA A 1 28  ? 1.358   -0.187  -0.094  1.00 21.59  ? 76  ALA A N   1 
ATOM   158  C  CA  . ALA A 1 28  ? 0.459   -1.221  0.396   1.00 21.14  ? 76  ALA A CA  1 
ATOM   159  C  C   . ALA A 1 28  ? -0.688  -1.403  -0.623  1.00 26.18  ? 76  ALA A C   1 
ATOM   160  O  O   . ALA A 1 28  ? -1.347  -0.429  -0.985  1.00 23.66  ? 76  ALA A O   1 
ATOM   161  C  CB  . ALA A 1 28  ? -0.102  -0.848  1.754   1.00 21.97  ? 76  ALA A CB  1 
ATOM   162  N  N   . VAL A 1 29  ? -0.911  -2.625  -1.078  1.00 22.64  ? 77  VAL A N   1 
ATOM   163  C  CA  . VAL A 1 29  ? -1.988  -2.925  -2.030  1.00 21.91  ? 77  VAL A CA  1 
ATOM   164  C  C   . VAL A 1 29  ? -3.014  -3.821  -1.355  1.00 24.76  ? 77  VAL A C   1 
ATOM   165  O  O   . VAL A 1 29  ? -2.655  -4.861  -0.807  1.00 25.47  ? 77  VAL A O   1 
ATOM   166  C  CB  . VAL A 1 29  ? -1.427  -3.610  -3.325  1.00 25.61  ? 77  VAL A CB  1 
ATOM   167  C  CG1 . VAL A 1 29  ? -2.556  -3.914  -4.330  1.00 25.38  ? 77  VAL A CG1 1 
ATOM   168  C  CG2 . VAL A 1 29  ? -0.318  -2.791  -3.978  1.00 26.25  ? 77  VAL A CG2 1 
ATOM   169  N  N   . HIS A 1 30  ? -4.307  -3.456  -1.410  1.00 20.73  ? 78  HIS A N   1 
ATOM   170  C  CA  . HIS A 1 30  ? -5.359  -4.320  -0.913  1.00 20.11  ? 78  HIS A CA  1 
ATOM   171  C  C   . HIS A 1 30  ? -5.612  -5.281  -2.073  1.00 26.50  ? 78  HIS A C   1 
ATOM   172  O  O   . HIS A 1 30  ? -6.106  -4.864  -3.115  1.00 25.28  ? 78  HIS A O   1 
ATOM   173  C  CB  . HIS A 1 30  ? -6.620  -3.491  -0.561  1.00 20.55  ? 78  HIS A CB  1 
ATOM   174  C  CG  . HIS A 1 30  ? -7.737  -4.336  -0.075  1.00 23.53  ? 78  HIS A CG  1 
ATOM   175  N  ND1 . HIS A 1 30  ? -8.894  -4.474  -0.808  1.00 26.02  ? 78  HIS A ND1 1 
ATOM   176  C  CD2 . HIS A 1 30  ? -7.838  -5.075  1.055   1.00 26.33  ? 78  HIS A CD2 1 
ATOM   177  C  CE1 . HIS A 1 30  ? -9.684  -5.255  -0.091  1.00 25.44  ? 78  HIS A CE1 1 
ATOM   178  N  NE2 . HIS A 1 30  ? -9.095  -5.642  1.038   1.00 26.65  ? 78  HIS A NE2 1 
ATOM   179  N  N   . VAL A 1 31  ? -5.162  -6.514  -1.935  1.00 26.64  ? 79  VAL A N   1 
ATOM   180  C  CA  . VAL A 1 31  ? -5.146  -7.470  -3.037  1.00 27.10  ? 79  VAL A CA  1 
ATOM   181  C  C   . VAL A 1 31  ? -6.533  -7.641  -3.721  1.00 30.46  ? 79  VAL A C   1 
ATOM   182  O  O   . VAL A 1 31  ? -6.578  -7.636  -4.944  1.00 31.84  ? 79  VAL A O   1 
ATOM   183  C  CB  . VAL A 1 31  ? -4.540  -8.825  -2.583  1.00 31.46  ? 79  VAL A CB  1 
ATOM   184  C  CG1 . VAL A 1 31  ? -4.488  -9.823  -3.750  1.00 32.54  ? 79  VAL A CG1 1 
ATOM   185  C  CG2 . VAL A 1 31  ? -3.138  -8.607  -2.027  1.00 30.95  ? 79  VAL A CG2 1 
ATOM   186  N  N   . ALA A 1 32  ? -7.609  -7.781  -2.960  1.00 28.27  ? 80  ALA A N   1 
ATOM   187  C  CA  . ALA A 1 32  ? -8.964  -8.026  -3.501  1.00 28.45  ? 80  ALA A CA  1 
ATOM   188  C  C   . ALA A 1 32  ? -9.503  -6.857  -4.362  1.00 34.47  ? 80  ALA A C   1 
ATOM   189  O  O   . ALA A 1 32  ? -10.233 -7.106  -5.331  1.00 33.66  ? 80  ALA A O   1 
ATOM   190  C  CB  . ALA A 1 32  ? -9.924  -8.327  -2.357  1.00 29.41  ? 80  ALA A CB  1 
ATOM   191  N  N   . SER A 1 33  ? -9.110  -5.591  -4.059  1.00 29.32  ? 81  SER A N   1 
ATOM   192  C  CA  . SER A 1 33  ? -9.614  -4.418  -4.793  1.00 28.38  ? 81  SER A CA  1 
ATOM   193  C  C   . SER A 1 33  ? -8.611  -3.720  -5.706  1.00 29.99  ? 81  SER A C   1 
ATOM   194  O  O   . SER A 1 33  ? -9.013  -2.985  -6.604  1.00 30.32  ? 81  SER A O   1 
ATOM   195  C  CB  . SER A 1 33  ? -10.110 -3.379  -3.794  1.00 29.60  ? 81  SER A CB  1 
ATOM   196  O  OG  . SER A 1 33  ? -9.003  -2.903  -3.036  1.00 28.80  ? 81  SER A OG  1 
ATOM   197  N  N   . GLY A 1 34  ? -7.320  -3.834  -5.399  1.00 25.59  ? 82  GLY A N   1 
ATOM   198  C  CA  . GLY A 1 34  ? -6.305  -3.102  -6.116  1.00 23.64  ? 82  GLY A CA  1 
ATOM   199  C  C   . GLY A 1 34  ? -6.091  -1.718  -5.517  1.00 26.09  ? 82  GLY A C   1 
ATOM   200  O  O   . GLY A 1 34  ? -5.304  -0.941  -6.048  1.00 24.78  ? 82  GLY A O   1 
ATOM   201  N  N   . TYR A 1 35  ? -6.778  -1.406  -4.409  1.00 23.34  ? 83  TYR A N   1 
ATOM   202  C  CA  . TYR A 1 35  ? -6.649  -0.090  -3.750  1.00 22.94  ? 83  TYR A CA  1 
ATOM   203  C  C   . TYR A 1 35  ? -5.232  0.039   -3.175  1.00 23.57  ? 83  TYR A C   1 
ATOM   204  O  O   . TYR A 1 35  ? -4.701  -0.937  -2.651  1.00 22.85  ? 83  TYR A O   1 
ATOM   205  C  CB  . TYR A 1 35  ? -7.730  0.059   -2.676  1.00 24.62  ? 83  TYR A CB  1 
ATOM   206  C  CG  . TYR A 1 35  ? -7.479  1.145   -1.660  1.00 25.08  ? 83  TYR A CG  1 
ATOM   207  C  CD1 . TYR A 1 35  ? -6.696  0.900   -0.532  1.00 26.64  ? 83  TYR A CD1 1 
ATOM   208  C  CD2 . TYR A 1 35  ? -8.059  2.406   -1.793  1.00 27.26  ? 83  TYR A CD2 1 
ATOM   209  C  CE1 . TYR A 1 35  ? -6.457  1.894   0.411   1.00 28.02  ? 83  TYR A CE1 1 
ATOM   210  C  CE2 . TYR A 1 35  ? -7.873  3.392   -0.814  1.00 28.32  ? 83  TYR A CE2 1 
ATOM   211  C  CZ  . TYR A 1 35  ? -7.032  3.140   0.260   1.00 33.95  ? 83  TYR A CZ  1 
ATOM   212  O  OH  . TYR A 1 35  ? -6.775  4.075   1.238   1.00 43.37  ? 83  TYR A OH  1 
ATOM   213  N  N   . ILE A 1 36  ? -4.639  1.235   -3.260  1.00 20.63  ? 84  ILE A N   1 
ATOM   214  C  CA  . ILE A 1 36  ? -3.295  1.504   -2.745  1.00 20.50  ? 84  ILE A CA  1 
ATOM   215  C  C   . ILE A 1 36  ? -3.271  2.602   -1.659  1.00 22.97  ? 84  ILE A C   1 
ATOM   216  O  O   . ILE A 1 36  ? -3.992  3.614   -1.705  1.00 20.75  ? 84  ILE A O   1 
ATOM   217  C  CB  . ILE A 1 36  ? -2.360  1.893   -3.927  1.00 23.56  ? 84  ILE A CB  1 
ATOM   218  C  CG1 . ILE A 1 36  ? -2.103  0.671   -4.858  1.00 23.93  ? 84  ILE A CG1 1 
ATOM   219  C  CG2 . ILE A 1 36  ? -1.028  2.611   -3.494  1.00 26.82  ? 84  ILE A CG2 1 
ATOM   220  C  CD1 . ILE A 1 36  ? -1.392  1.098   -6.235  1.00 29.83  ? 84  ILE A CD1 1 
ATOM   221  N  N   . GLU A 1 37  ? -2.340  2.411   -0.720  1.00 21.51  ? 85  GLU A N   1 
ATOM   222  C  CA  . GLU A 1 37  ? -1.926  3.404   0.279   1.00 23.37  ? 85  GLU A CA  1 
ATOM   223  C  C   . GLU A 1 37  ? -0.453  3.485   0.178   1.00 25.46  ? 85  GLU A C   1 
ATOM   224  O  O   . GLU A 1 37  ? 0.173   2.427   0.146   1.00 24.51  ? 85  GLU A O   1 
ATOM   225  C  CB  . GLU A 1 37  ? -2.315  2.973   1.696   1.00 26.58  ? 85  GLU A CB  1 
ATOM   226  C  CG  . GLU A 1 37  ? -3.769  3.174   1.925   1.00 39.03  ? 85  GLU A CG  1 
ATOM   227  C  CD  . GLU A 1 37  ? -4.147  3.379   3.368   1.00 44.01  ? 85  GLU A CD  1 
ATOM   228  O  OE1 . GLU A 1 37  ? -3.252  3.453   4.241   1.00 43.38  ? 85  GLU A OE1 1 
ATOM   229  O  OE2 . GLU A 1 37  ? -5.358  3.529   3.604   1.00 39.41  ? 85  GLU A OE2 1 
ATOM   230  N  N   . ALA A 1 38  ? 0.131   4.690   0.122   1.00 23.21  ? 86  ALA A N   1 
ATOM   231  C  CA  . ALA A 1 38  ? 1.592   4.768   0.013   1.00 24.29  ? 86  ALA A CA  1 
ATOM   232  C  C   . ALA A 1 38  ? 2.164   5.932   0.803   1.00 29.33  ? 86  ALA A C   1 
ATOM   233  O  O   . ALA A 1 38  ? 1.469   6.912   1.092   1.00 26.73  ? 86  ALA A O   1 
ATOM   234  C  CB  . ALA A 1 38  ? 2.005   4.877   -1.448  1.00 24.70  ? 86  ALA A CB  1 
ATOM   235  N  N   . GLU A 1 39  ? 3.432   5.807   1.203   1.00 26.13  ? 87  GLU A N   1 
ATOM   236  C  CA  . GLU A 1 39  ? 4.110   6.898   1.909   1.00 25.47  ? 87  GLU A CA  1 
ATOM   237  C  C   . GLU A 1 39  ? 5.550   6.931   1.426   1.00 29.26  ? 87  GLU A C   1 
ATOM   238  O  O   . GLU A 1 39  ? 6.108   5.883   1.083   1.00 25.83  ? 87  GLU A O   1 
ATOM   239  C  CB  . GLU A 1 39  ? 4.080   6.739   3.449   1.00 26.98  ? 87  GLU A CB  1 
ATOM   240  C  CG  . GLU A 1 39  ? 2.738   6.915   4.160   1.00 39.37  ? 87  GLU A CG  1 
ATOM   241  C  CD  . GLU A 1 39  ? 2.301   8.293   4.636   1.00 53.20  ? 87  GLU A CD  1 
ATOM   242  O  OE1 . GLU A 1 39  ? 2.996   9.303   4.369   1.00 41.87  ? 87  GLU A OE1 1 
ATOM   243  O  OE2 . GLU A 1 39  ? 1.255   8.350   5.321   1.00 52.82  ? 87  GLU A OE2 1 
ATOM   244  N  N   . VAL A 1 40  ? 6.166   8.121   1.445   1.00 27.74  ? 88  VAL A N   1 
ATOM   245  C  CA  . VAL A 1 40  ? 7.602   8.243   1.133   1.00 26.73  ? 88  VAL A CA  1 
ATOM   246  C  C   . VAL A 1 40  ? 8.299   8.218   2.478   1.00 31.35  ? 88  VAL A C   1 
ATOM   247  O  O   . VAL A 1 40  ? 7.947   9.007   3.372   1.00 28.94  ? 88  VAL A O   1 
ATOM   248  C  CB  . VAL A 1 40  ? 7.969   9.490   0.278   1.00 30.50  ? 88  VAL A CB  1 
ATOM   249  C  CG1 . VAL A 1 40  ? 9.492   9.697   0.243   1.00 30.63  ? 88  VAL A CG1 1 
ATOM   250  C  CG2 . VAL A 1 40  ? 7.421   9.353   -1.134  1.00 30.62  ? 88  VAL A CG2 1 
ATOM   251  N  N   . ILE A 1 41  ? 9.257   7.294   2.647   1.00 31.20  ? 89  ILE A N   1 
ATOM   252  C  CA  . ILE A 1 41  ? 9.976   7.163   3.929   1.00 33.06  ? 89  ILE A CA  1 
ATOM   253  C  C   . ILE A 1 41  ? 11.467  7.494   3.708   1.00 41.78  ? 89  ILE A C   1 
ATOM   254  O  O   . ILE A 1 41  ? 11.932  7.424   2.570   1.00 39.18  ? 89  ILE A O   1 
ATOM   255  C  CB  . ILE A 1 41  ? 9.717   5.773   4.579   1.00 35.85  ? 89  ILE A CB  1 
ATOM   256  C  CG1 . ILE A 1 41  ? 10.250  4.622   3.686   1.00 34.99  ? 89  ILE A CG1 1 
ATOM   257  C  CG2 . ILE A 1 41  ? 8.208   5.595   4.909   1.00 36.99  ? 89  ILE A CG2 1 
ATOM   258  C  CD1 . ILE A 1 41  ? 10.200  3.246   4.290   1.00 35.22  ? 89  ILE A CD1 1 
ATOM   259  N  N   . PRO A 1 42  ? 12.214  7.991   4.727   1.00 46.95  ? 90  PRO A N   1 
ATOM   260  C  CA  . PRO A 1 42  ? 13.622  8.355   4.473   1.00 48.92  ? 90  PRO A CA  1 
ATOM   261  C  C   . PRO A 1 42  ? 14.433  7.136   4.031   1.00 54.60  ? 90  PRO A C   1 
ATOM   262  O  O   . PRO A 1 42  ? 15.028  7.137   2.937   1.00 54.66  ? 90  PRO A O   1 
ATOM   263  C  CB  . PRO A 1 42  ? 14.109  8.913   5.814   1.00 51.09  ? 90  PRO A CB  1 
ATOM   264  C  CG  . PRO A 1 42  ? 12.894  9.099   6.654   1.00 54.72  ? 90  PRO A CG  1 
ATOM   265  C  CD  . PRO A 1 42  ? 11.843  8.192   6.144   1.00 49.82  ? 90  PRO A CD  1 
ATOM   266  N  N   . ALA A 1 43  ? 14.346  6.054   4.827   1.00 50.69  ? 91  ALA A N   1 
ATOM   267  C  CA  . ALA A 1 43  ? 15.040  4.807   4.528   1.00 49.02  ? 91  ALA A CA  1 
ATOM   268  C  C   . ALA A 1 43  ? 14.179  3.592   4.842   1.00 45.17  ? 91  ALA A C   1 
ATOM   269  O  O   . ALA A 1 43  ? 13.215  3.688   5.612   1.00 42.91  ? 91  ALA A O   1 
ATOM   270  C  CB  . ALA A 1 43  ? 16.339  4.743   5.314   1.00 50.48  ? 91  ALA A CB  1 
ATOM   271  N  N   . GLU A 1 44  ? 14.540  2.445   4.221   1.00 38.62  ? 92  GLU A N   1 
ATOM   272  C  CA  . GLU A 1 44  ? 13.912  1.143   4.382   1.00 37.08  ? 92  GLU A CA  1 
ATOM   273  C  C   . GLU A 1 44  ? 14.284  0.526   5.731   1.00 42.20  ? 92  GLU A C   1 
ATOM   274  O  O   . GLU A 1 44  ? 15.204  -0.305  5.780   1.00 43.38  ? 92  GLU A O   1 
ATOM   275  C  CB  . GLU A 1 44  ? 14.399  0.225   3.262   1.00 38.00  ? 92  GLU A CB  1 
ATOM   276  C  CG  . GLU A 1 44  ? 13.346  -0.228  2.294   1.00 42.36  ? 92  GLU A CG  1 
ATOM   277  C  CD  . GLU A 1 44  ? 13.763  -1.451  1.511   1.00 56.35  ? 92  GLU A CD  1 
ATOM   278  O  OE1 . GLU A 1 44  ? 13.890  -1.331  0.278   1.00 41.14  ? 92  GLU A OE1 1 
ATOM   279  O  OE2 . GLU A 1 44  ? 13.959  -2.527  2.121   1.00 66.19  ? 92  GLU A OE2 1 
ATOM   280  N  N   . THR A 1 45  ? 13.581  0.908   6.826   1.00 34.02  ? 93  THR A N   1 
ATOM   281  C  CA  . THR A 1 45  ? 13.890  0.346   8.151   1.00 32.75  ? 93  THR A CA  1 
ATOM   282  C  C   . THR A 1 45  ? 12.671  -0.345  8.752   1.00 33.25  ? 93  THR A C   1 
ATOM   283  O  O   . THR A 1 45  ? 11.536  -0.025  8.380   1.00 28.78  ? 93  THR A O   1 
ATOM   284  C  CB  . THR A 1 45  ? 14.402  1.419   9.127   1.00 39.18  ? 93  THR A CB  1 
ATOM   285  O  OG1 . THR A 1 45  ? 13.358  2.337   9.466   1.00 39.08  ? 93  THR A OG1 1 
ATOM   286  C  CG2 . THR A 1 45  ? 15.651  2.154   8.626   1.00 41.71  ? 93  THR A CG2 1 
ATOM   287  N  N   . GLY A 1 46  ? 12.924  -1.252  9.698   1.00 31.57  ? 94  GLY A N   1 
ATOM   288  C  CA  . GLY A 1 46  ? 11.879  -1.952  10.429  1.00 30.53  ? 94  GLY A CA  1 
ATOM   289  C  C   . GLY A 1 46  ? 10.960  -0.982  11.151  1.00 29.26  ? 94  GLY A C   1 
ATOM   290  O  O   . GLY A 1 46  ? 9.743   -1.178  11.143  1.00 26.47  ? 94  GLY A O   1 
ATOM   291  N  N   . GLN A 1 47  ? 11.517  0.102   11.722  1.00 26.38  ? 95  GLN A N   1 
ATOM   292  C  CA  . GLN A 1 47  ? 10.709  1.068   12.472  1.00 26.94  ? 95  GLN A CA  1 
ATOM   293  C  C   . GLN A 1 47  ? 9.725   1.790   11.560  1.00 27.57  ? 95  GLN A C   1 
ATOM   294  O  O   . GLN A 1 47  ? 8.580   2.028   11.970  1.00 25.37  ? 95  GLN A O   1 
ATOM   295  C  CB  . GLN A 1 47  ? 11.562  2.073   13.263  1.00 30.02  ? 95  GLN A CB  1 
ATOM   296  C  CG  . GLN A 1 47  ? 12.376  1.377   14.377  1.00 43.78  ? 95  GLN A CG  1 
ATOM   297  C  CD  . GLN A 1 47  ? 12.878  2.267   15.503  1.00 58.16  ? 95  GLN A CD  1 
ATOM   298  O  OE1 . GLN A 1 47  ? 12.582  3.469   15.588  1.00 48.77  ? 95  GLN A OE1 1 
ATOM   299  N  NE2 . GLN A 1 47  ? 13.645  1.672   16.423  1.00 50.90  ? 95  GLN A NE2 1 
ATOM   300  N  N   . GLU A 1 48  ? 10.147  2.095   10.319  1.00 23.64  ? 96  GLU A N   1 
ATOM   301  C  CA  . GLU A 1 48  ? 9.240   2.759   9.367   1.00 23.23  ? 96  GLU A CA  1 
ATOM   302  C  C   . GLU A 1 48  ? 8.117   1.804   8.929   1.00 24.65  ? 96  GLU A C   1 
ATOM   303  O  O   . GLU A 1 48  ? 6.965   2.233   8.810   1.00 22.58  ? 96  GLU A O   1 
ATOM   304  C  CB  . GLU A 1 48  ? 10.009  3.322   8.148   1.00 24.61  ? 96  GLU A CB  1 
ATOM   305  C  CG  . GLU A 1 48  ? 10.925  4.479   8.518   1.00 28.09  ? 96  GLU A CG  1 
ATOM   306  C  CD  . GLU A 1 48  ? 10.256  5.735   9.048   1.00 50.00  ? 96  GLU A CD  1 
ATOM   307  O  OE1 . GLU A 1 48  ? 9.057   5.957   8.762   1.00 32.65  ? 96  GLU A OE1 1 
ATOM   308  O  OE2 . GLU A 1 48  ? 10.923  6.477   9.802   1.00 56.16  ? 96  GLU A OE2 1 
ATOM   309  N  N   . THR A 1 49  ? 8.451   0.536   8.661   1.00 22.13  ? 97  THR A N   1 
ATOM   310  C  CA  . THR A 1 49  ? 7.463   -0.468  8.281   1.00 21.19  ? 97  THR A CA  1 
ATOM   311  C  C   . THR A 1 49  ? 6.470   -0.683  9.434   1.00 24.84  ? 97  THR A C   1 
ATOM   312  O  O   . THR A 1 49  ? 5.273   -0.794  9.194   1.00 23.23  ? 97  THR A O   1 
ATOM   313  C  CB  . THR A 1 49  ? 8.175   -1.786  7.927   1.00 26.04  ? 97  THR A CB  1 
ATOM   314  O  OG1 . THR A 1 49  ? 9.129   -1.526  6.876   1.00 27.55  ? 97  THR A OG1 1 
ATOM   315  C  CG2 . THR A 1 49  ? 7.196   -2.884  7.521   1.00 29.40  ? 97  THR A CG2 1 
ATOM   316  N  N   . ALA A 1 50  ? 6.981   -0.774  10.672  1.00 22.97  ? 98  ALA A N   1 
ATOM   317  C  CA  . ALA A 1 50  ? 6.125   -0.987  11.848  1.00 21.80  ? 98  ALA A CA  1 
ATOM   318  C  C   . ALA A 1 50  ? 5.111   0.156   12.009  1.00 23.31  ? 98  ALA A C   1 
ATOM   319  O  O   . ALA A 1 50  ? 3.921   -0.087  12.232  1.00 22.65  ? 98  ALA A O   1 
ATOM   320  C  CB  . ALA A 1 50  ? 6.995   -1.112  13.089  1.00 22.53  ? 98  ALA A CB  1 
ATOM   321  N  N   . TYR A 1 51  ? 5.580   1.401   11.897  1.00 20.78  ? 99  TYR A N   1 
ATOM   322  C  CA  . TYR A 1 51  ? 4.733   2.587   12.042  1.00 20.97  ? 99  TYR A CA  1 
ATOM   323  C  C   . TYR A 1 51  ? 3.693   2.633   10.931  1.00 22.58  ? 99  TYR A C   1 
ATOM   324  O  O   . TYR A 1 51  ? 2.510   2.891   11.201  1.00 19.88  ? 99  TYR A O   1 
ATOM   325  C  CB  . TYR A 1 51  ? 5.620   3.860   12.044  1.00 22.20  ? 99  TYR A CB  1 
ATOM   326  C  CG  . TYR A 1 51  ? 4.804   5.096   12.305  1.00 22.86  ? 99  TYR A CG  1 
ATOM   327  C  CD1 . TYR A 1 51  ? 4.163   5.284   13.525  1.00 23.49  ? 99  TYR A CD1 1 
ATOM   328  C  CD2 . TYR A 1 51  ? 4.633   6.064   11.320  1.00 24.12  ? 99  TYR A CD2 1 
ATOM   329  C  CE1 . TYR A 1 51  ? 3.364   6.391   13.755  1.00 22.04  ? 99  TYR A CE1 1 
ATOM   330  C  CE2 . TYR A 1 51  ? 3.851   7.198   11.550  1.00 24.38  ? 99  TYR A CE2 1 
ATOM   331  C  CZ  . TYR A 1 51  ? 3.209   7.346   12.765  1.00 28.37  ? 99  TYR A CZ  1 
ATOM   332  O  OH  . TYR A 1 51  ? 2.408   8.436   12.997  1.00 24.61  ? 99  TYR A OH  1 
ATOM   333  N  N   . PHE A 1 52  ? 4.123   2.312   9.678   1.00 20.31  ? 100 PHE A N   1 
ATOM   334  C  CA  . PHE A 1 52  ? 3.189   2.286   8.541   1.00 19.23  ? 100 PHE A CA  1 
ATOM   335  C  C   . PHE A 1 52  ? 2.088   1.248   8.807   1.00 22.07  ? 100 PHE A C   1 
ATOM   336  O  O   . PHE A 1 52  ? 0.938   1.536   8.554   1.00 20.77  ? 100 PHE A O   1 
ATOM   337  C  CB  . PHE A 1 52  ? 3.948   1.943   7.246   1.00 20.91  ? 100 PHE A CB  1 
ATOM   338  C  CG  . PHE A 1 52  ? 3.067   1.957   6.019   1.00 22.95  ? 100 PHE A CG  1 
ATOM   339  C  CD1 . PHE A 1 52  ? 2.281   0.851   5.692   1.00 26.32  ? 100 PHE A CD1 1 
ATOM   340  C  CD2 . PHE A 1 52  ? 3.010   3.080   5.198   1.00 24.91  ? 100 PHE A CD2 1 
ATOM   341  C  CE1 . PHE A 1 52  ? 1.442   0.875   4.568   1.00 26.44  ? 100 PHE A CE1 1 
ATOM   342  C  CE2 . PHE A 1 52  ? 2.214   3.082   4.041   1.00 26.35  ? 100 PHE A CE2 1 
ATOM   343  C  CZ  . PHE A 1 52  ? 1.408   2.000   3.762   1.00 24.76  ? 100 PHE A CZ  1 
ATOM   344  N  N   . LEU A 1 53  ? 2.451   0.043   9.304   1.00 20.45  ? 101 LEU A N   1 
ATOM   345  C  CA  . LEU A 1 53  ? 1.480   -1.020  9.608   1.00 20.14  ? 101 LEU A CA  1 
ATOM   346  C  C   . LEU A 1 53  ? 0.477   -0.596  10.678  1.00 21.53  ? 101 LEU A C   1 
ATOM   347  O  O   . LEU A 1 53  ? -0.683  -0.925  10.557  1.00 21.84  ? 101 LEU A O   1 
ATOM   348  C  CB  . LEU A 1 53  ? 2.203   -2.295  10.057  1.00 21.26  ? 101 LEU A CB  1 
ATOM   349  C  CG  . LEU A 1 53  ? 2.831   -3.069  8.912   1.00 26.71  ? 101 LEU A CG  1 
ATOM   350  C  CD1 . LEU A 1 53  ? 3.862   -4.047  9.457   1.00 27.68  ? 101 LEU A CD1 1 
ATOM   351  C  CD2 . LEU A 1 53  ? 1.754   -3.825  8.115   1.00 31.71  ? 101 LEU A CD2 1 
ATOM   352  N  N   . LEU A 1 54  ? 0.915   0.115   11.723  1.00 21.10  ? 102 LEU A N   1 
ATOM   353  C  CA  . LEU A 1 54  ? -0.002  0.583   12.759  1.00 20.99  ? 102 LEU A CA  1 
ATOM   354  C  C   . LEU A 1 54  ? -1.030  1.539   12.175  1.00 22.15  ? 102 LEU A C   1 
ATOM   355  O  O   . LEU A 1 54  ? -2.212  1.456   12.510  1.00 23.45  ? 102 LEU A O   1 
ATOM   356  C  CB  . LEU A 1 54  ? 0.757   1.266   13.902  1.00 21.59  ? 102 LEU A CB  1 
ATOM   357  C  CG  . LEU A 1 54  ? 1.546   0.335   14.806  1.00 26.82  ? 102 LEU A CG  1 
ATOM   358  C  CD1 . LEU A 1 54  ? 2.346   1.165   15.852  1.00 27.40  ? 102 LEU A CD1 1 
ATOM   359  C  CD2 . LEU A 1 54  ? 0.583   -0.651  15.536  1.00 27.97  ? 102 LEU A CD2 1 
ATOM   360  N  N   . LYS A 1 55  ? -0.590  2.443   11.290  1.00 19.65  ? 103 LYS A N   1 
ATOM   361  C  CA  . LYS A 1 55  ? -1.516  3.381   10.636  1.00 18.88  ? 103 LYS A CA  1 
ATOM   362  C  C   . LYS A 1 55  ? -2.492  2.644   9.771   1.00 22.05  ? 103 LYS A C   1 
ATOM   363  O  O   . LYS A 1 55  ? -3.703  2.901   9.839   1.00 23.16  ? 103 LYS A O   1 
ATOM   364  C  CB  . LYS A 1 55  ? -0.764  4.402   9.773   1.00 22.95  ? 103 LYS A CB  1 
ATOM   365  C  CG  . LYS A 1 55  ? 0.026   5.420   10.582  1.00 27.49  ? 103 LYS A CG  1 
ATOM   366  C  CD  . LYS A 1 55  ? 0.430   6.639   9.734   1.00 29.58  ? 103 LYS A CD  1 
ATOM   367  C  CE  . LYS A 1 55  ? 1.554   6.302   8.776   1.00 37.04  ? 103 LYS A CE  1 
ATOM   368  N  NZ  . LYS A 1 55  ? 1.970   7.468   7.947   1.00 41.25  ? 103 LYS A NZ  1 
ATOM   369  N  N   . LEU A 1 56  ? -1.982  1.735   8.933   1.00 20.55  ? 104 LEU A N   1 
ATOM   370  C  CA  . LEU A 1 56  ? -2.830  0.978   8.018   1.00 19.46  ? 104 LEU A CA  1 
ATOM   371  C  C   . LEU A 1 56  ? -3.909  0.183   8.769   1.00 22.07  ? 104 LEU A C   1 
ATOM   372  O  O   . LEU A 1 56  ? -5.091  0.212   8.380   1.00 22.20  ? 104 LEU A O   1 
ATOM   373  C  CB  . LEU A 1 56  ? -1.952  0.022   7.183   1.00 20.01  ? 104 LEU A CB  1 
ATOM   374  C  CG  . LEU A 1 56  ? -2.694  -0.771  6.101   1.00 24.38  ? 104 LEU A CG  1 
ATOM   375  C  CD1 . LEU A 1 56  ? -3.118  0.165   4.930   1.00 24.37  ? 104 LEU A CD1 1 
ATOM   376  C  CD2 . LEU A 1 56  ? -1.804  -1.904  5.580   1.00 23.95  ? 104 LEU A CD2 1 
ATOM   377  N  N   . ALA A 1 57  ? -3.501  -0.544  9.821   1.00 20.75  ? 105 ALA A N   1 
ATOM   378  C  CA  . ALA A 1 57  ? -4.384  -1.411  10.625  1.00 22.07  ? 105 ALA A CA  1 
ATOM   379  C  C   . ALA A 1 57  ? -5.458  -0.602  11.382  1.00 23.17  ? 105 ALA A C   1 
ATOM   380  O  O   . ALA A 1 57  ? -6.529  -1.121  11.679  1.00 22.54  ? 105 ALA A O   1 
ATOM   381  C  CB  . ALA A 1 57  ? -3.543  -2.211  11.616  1.00 23.00  ? 105 ALA A CB  1 
ATOM   382  N  N   . GLY A 1 58  ? -5.201  0.685   11.600  1.00 20.21  ? 106 GLY A N   1 
ATOM   383  C  CA  . GLY A 1 58  ? -6.177  1.543   12.278  1.00 21.71  ? 106 GLY A CA  1 
ATOM   384  C  C   . GLY A 1 58  ? -7.285  1.999   11.355  1.00 27.94  ? 106 GLY A C   1 
ATOM   385  O  O   . GLY A 1 58  ? -8.368  2.374   11.823  1.00 29.15  ? 106 GLY A O   1 
ATOM   386  N  N   . ARG A 1 59  ? -7.015  1.978   10.025  1.00 24.10  ? 107 ARG A N   1 
ATOM   387  C  CA  . ARG A 1 59  ? -7.936  2.413   8.965   1.00 24.92  ? 107 ARG A CA  1 
ATOM   388  C  C   . ARG A 1 59  ? -8.777  1.286   8.377   1.00 29.95  ? 107 ARG A C   1 
ATOM   389  O  O   . ARG A 1 59  ? -9.964  1.479   8.108   1.00 29.18  ? 107 ARG A O   1 
ATOM   390  C  CB  . ARG A 1 59  ? -7.190  3.038   7.786   1.00 29.05  ? 107 ARG A CB  1 
ATOM   391  C  CG  . ARG A 1 59  ? -6.146  4.065   8.066   1.00 43.85  ? 107 ARG A CG  1 
ATOM   392  C  CD  . ARG A 1 59  ? -5.862  4.824   6.767   1.00 50.17  ? 107 ARG A CD  1 
ATOM   393  N  NE  . ARG A 1 59  ? -4.469  5.251   6.638   1.00 47.69  ? 107 ARG A NE  1 
ATOM   394  C  CZ  . ARG A 1 59  ? -3.898  6.212   7.362   1.00 70.76  ? 107 ARG A CZ  1 
ATOM   395  N  NH1 . ARG A 1 59  ? -2.634  6.549   7.147   1.00 58.03  ? 107 ARG A NH1 1 
ATOM   396  N  NH2 . ARG A 1 59  ? -4.581  6.825   8.323   1.00 59.94  ? 107 ARG A NH2 1 
ATOM   397  N  N   . TRP A 1 60  ? -8.152  0.134   8.110   1.00 25.47  ? 108 TRP A N   1 
ATOM   398  C  CA  . TRP A 1 60  ? -8.814  -1.001  7.467   1.00 24.99  ? 108 TRP A CA  1 
ATOM   399  C  C   . TRP A 1 60  ? -8.746  -2.247  8.330   1.00 27.98  ? 108 TRP A C   1 
ATOM   400  O  O   . TRP A 1 60  ? -7.831  -2.333  9.150   1.00 27.56  ? 108 TRP A O   1 
ATOM   401  C  CB  . TRP A 1 60  ? -8.119  -1.290  6.117   1.00 24.18  ? 108 TRP A CB  1 
ATOM   402  C  CG  . TRP A 1 60  ? -8.048  -0.099  5.202   1.00 25.00  ? 108 TRP A CG  1 
ATOM   403  C  CD1 . TRP A 1 60  ? -6.956  0.683   4.960   1.00 27.64  ? 108 TRP A CD1 1 
ATOM   404  C  CD2 . TRP A 1 60  ? -9.132  0.488   4.465   1.00 24.75  ? 108 TRP A CD2 1 
ATOM   405  N  NE1 . TRP A 1 60  ? -7.290  1.723   4.135   1.00 26.40  ? 108 TRP A NE1 1 
ATOM   406  C  CE2 . TRP A 1 60  ? -8.616  1.622   3.798   1.00 28.28  ? 108 TRP A CE2 1 
ATOM   407  C  CE3 . TRP A 1 60  ? -10.479 0.132   4.261   1.00 26.16  ? 108 TRP A CE3 1 
ATOM   408  C  CZ2 . TRP A 1 60  ? -9.393  2.410   2.942   1.00 27.97  ? 108 TRP A CZ2 1 
ATOM   409  C  CZ3 . TRP A 1 60  ? -11.256 0.925   3.417   1.00 27.96  ? 108 TRP A CZ3 1 
ATOM   410  C  CH2 . TRP A 1 60  ? -10.715 2.059   2.785   1.00 27.78  ? 108 TRP A CH2 1 
ATOM   411  N  N   . PRO A 1 61  ? -9.602  -3.273  8.111   1.00 26.55  ? 109 PRO A N   1 
ATOM   412  C  CA  . PRO A 1 61  ? -9.467  -4.504  8.918   1.00 27.39  ? 109 PRO A CA  1 
ATOM   413  C  C   . PRO A 1 61  ? -8.395  -5.386  8.290   1.00 31.23  ? 109 PRO A C   1 
ATOM   414  O  O   . PRO A 1 61  ? -8.673  -6.174  7.363   1.00 31.87  ? 109 PRO A O   1 
ATOM   415  C  CB  . PRO A 1 61  ? -10.869 -5.121  8.864   1.00 29.29  ? 109 PRO A CB  1 
ATOM   416  C  CG  . PRO A 1 61  ? -11.451 -4.625  7.587   1.00 33.14  ? 109 PRO A CG  1 
ATOM   417  C  CD  . PRO A 1 61  ? -10.759 -3.353  7.187   1.00 28.57  ? 109 PRO A CD  1 
ATOM   418  N  N   . VAL A 1 62  ? -7.146  -5.184  8.739   1.00 24.99  ? 110 VAL A N   1 
ATOM   419  C  CA  . VAL A 1 62  ? -5.973  -5.877  8.215   1.00 23.53  ? 110 VAL A CA  1 
ATOM   420  C  C   . VAL A 1 62  ? -5.798  -7.217  8.958   1.00 29.20  ? 110 VAL A C   1 
ATOM   421  O  O   . VAL A 1 62  ? -5.550  -7.235  10.171  1.00 28.16  ? 110 VAL A O   1 
ATOM   422  C  CB  . VAL A 1 62  ? -4.687  -4.989  8.308   1.00 25.04  ? 110 VAL A CB  1 
ATOM   423  C  CG1 . VAL A 1 62  ? -3.461  -5.738  7.761   1.00 24.31  ? 110 VAL A CG1 1 
ATOM   424  C  CG2 . VAL A 1 62  ? -4.868  -3.641  7.564   1.00 24.00  ? 110 VAL A CG2 1 
ATOM   425  N  N   . LYS A 1 63  ? -5.895  -8.322  8.223   1.00 27.66  ? 111 LYS A N   1 
ATOM   426  C  CA  . LYS A 1 63  ? -5.759  -9.652  8.828   1.00 27.63  ? 111 LYS A CA  1 
ATOM   427  C  C   . LYS A 1 63  ? -4.389  -10.246 8.543   1.00 30.06  ? 111 LYS A C   1 
ATOM   428  O  O   . LYS A 1 63  ? -3.722  -10.754 9.450   1.00 29.95  ? 111 LYS A O   1 
ATOM   429  C  CB  . LYS A 1 63  ? -6.873  -10.615 8.333   1.00 30.46  ? 111 LYS A CB  1 
ATOM   430  C  CG  . LYS A 1 63  ? -8.298  -10.090 8.548   1.00 48.61  ? 111 LYS A CG  1 
ATOM   431  C  CD  . LYS A 1 63  ? -8.823  -10.228 9.972   1.00 61.90  ? 111 LYS A CD  1 
ATOM   432  C  CE  . LYS A 1 63  ? -10.108 -9.450  10.130  1.00 77.61  ? 111 LYS A CE  1 
ATOM   433  N  NZ  . LYS A 1 63  ? -10.876 -9.883  11.325  1.00 90.75  ? 111 LYS A NZ  1 
ATOM   434  N  N   . THR A 1 64  ? -3.981  -10.200 7.284   1.00 26.03  ? 112 THR A N   1 
ATOM   435  C  CA  . THR A 1 64  ? -2.729  -10.809 6.854   1.00 24.96  ? 112 THR A CA  1 
ATOM   436  C  C   . THR A 1 64  ? -1.940  -9.896  5.909   1.00 29.96  ? 112 THR A C   1 
ATOM   437  O  O   . THR A 1 64  ? -2.514  -9.160  5.099   1.00 30.20  ? 112 THR A O   1 
ATOM   438  C  CB  . THR A 1 64  ? -3.036  -12.160 6.145   1.00 31.57  ? 112 THR A CB  1 
ATOM   439  O  OG1 . THR A 1 64  ? -3.747  -11.907 4.956   1.00 43.86  ? 112 THR A OG1 1 
ATOM   440  C  CG2 . THR A 1 64  ? -3.864  -13.091 6.967   1.00 26.44  ? 112 THR A CG2 1 
ATOM   441  N  N   . ILE A 1 65  ? -0.618  -9.977  5.997   1.00 26.53  ? 113 ILE A N   1 
ATOM   442  C  CA  . ILE A 1 65  ? 0.268   -9.186  5.155   1.00 26.80  ? 113 ILE A CA  1 
ATOM   443  C  C   . ILE A 1 65  ? 1.159   -10.127 4.334   1.00 29.65  ? 113 ILE A C   1 
ATOM   444  O  O   . ILE A 1 65  ? 1.720   -11.094 4.863   1.00 29.79  ? 113 ILE A O   1 
ATOM   445  C  CB  . ILE A 1 65  ? 1.104   -8.174  5.994   1.00 31.09  ? 113 ILE A CB  1 
ATOM   446  C  CG1 . ILE A 1 65  ? 0.210   -7.134  6.724   1.00 31.52  ? 113 ILE A CG1 1 
ATOM   447  C  CG2 . ILE A 1 65  ? 2.167   -7.480  5.139   1.00 35.62  ? 113 ILE A CG2 1 
ATOM   448  C  CD1 . ILE A 1 65  ? -0.339  -6.038  5.941   1.00 42.12  ? 113 ILE A CD1 1 
ATOM   449  N  N   . HIS A 1 66  ? 1.279   -9.816  3.038   1.00 25.25  ? 114 HIS A N   1 
ATOM   450  C  CA  . HIS A 1 66  ? 2.156   -10.475 2.071   1.00 25.76  ? 114 HIS A CA  1 
ATOM   451  C  C   . HIS A 1 66  ? 3.245   -9.489  1.660   1.00 29.60  ? 114 HIS A C   1 
ATOM   452  O  O   . HIS A 1 66  ? 3.062   -8.274  1.789   1.00 27.64  ? 114 HIS A O   1 
ATOM   453  C  CB  . HIS A 1 66  ? 1.365   -10.926 0.825   1.00 28.22  ? 114 HIS A CB  1 
ATOM   454  C  CG  . HIS A 1 66  ? 0.360   -12.025 1.019   1.00 33.50  ? 114 HIS A CG  1 
ATOM   455  N  ND1 . HIS A 1 66  ? -0.422  -12.481 -0.051  1.00 36.29  ? 114 HIS A ND1 1 
ATOM   456  C  CD2 . HIS A 1 66  ? 0.037   -12.740 2.125   1.00 36.56  ? 114 HIS A CD2 1 
ATOM   457  C  CE1 . HIS A 1 66  ? -1.182  -13.445 0.447   1.00 36.00  ? 114 HIS A CE1 1 
ATOM   458  N  NE2 . HIS A 1 66  ? -0.953  -13.631 1.752   1.00 36.28  ? 114 HIS A NE2 1 
ATOM   459  N  N   . THR A 1 67  ? 4.358   -9.986  1.099   1.00 26.53  ? 115 THR A N   1 
ATOM   460  C  CA  . THR A 1 67  ? 5.444   -9.127  0.617   1.00 25.77  ? 115 THR A CA  1 
ATOM   461  C  C   . THR A 1 67  ? 6.272   -9.919  -0.374  1.00 28.03  ? 115 THR A C   1 
ATOM   462  O  O   . THR A 1 67  ? 6.224   -11.140 -0.340  1.00 28.25  ? 115 THR A O   1 
ATOM   463  C  CB  . THR A 1 67  ? 6.313   -8.600  1.793   1.00 25.40  ? 115 THR A CB  1 
ATOM   464  O  OG1 . THR A 1 67  ? 7.226   -7.623  1.322   1.00 23.18  ? 115 THR A OG1 1 
ATOM   465  C  CG2 . THR A 1 67  ? 7.094   -9.722  2.531   1.00 26.25  ? 115 THR A CG2 1 
ATOM   466  N  N   . ASP A 1 68  ? 7.038   -9.237  -1.221  1.00 26.75  ? 116 ASP A N   1 
ATOM   467  C  CA  . ASP A 1 68  ? 7.946   -9.920  -2.160  1.00 27.25  ? 116 ASP A CA  1 
ATOM   468  C  C   . ASP A 1 68  ? 9.344   -10.015 -1.520  1.00 30.34  ? 116 ASP A C   1 
ATOM   469  O  O   . ASP A 1 68  ? 10.262  -10.593 -2.112  1.00 29.48  ? 116 ASP A O   1 
ATOM   470  C  CB  . ASP A 1 68  ? 7.984   -9.212  -3.521  1.00 29.24  ? 116 ASP A CB  1 
ATOM   471  C  CG  . ASP A 1 68  ? 6.744   -9.436  -4.389  1.00 39.20  ? 116 ASP A CG  1 
ATOM   472  O  OD1 . ASP A 1 68  ? 6.086   -10.476 -4.228  1.00 42.41  ? 116 ASP A OD1 1 
ATOM   473  O  OD2 . ASP A 1 68  ? 6.468   -8.589  -5.252  1.00 47.97  ? 116 ASP A OD2 1 
ATOM   474  N  N   . ASN A 1 69  ? 9.506   -9.439  -0.307  1.00 24.27  ? 117 ASN A N   1 
ATOM   475  C  CA  . ASN A 1 69  ? 10.792  -9.534  0.388   1.00 23.59  ? 117 ASN A CA  1 
ATOM   476  C  C   . ASN A 1 69  ? 10.511  -9.879  1.849   1.00 25.15  ? 117 ASN A C   1 
ATOM   477  O  O   . ASN A 1 69  ? 10.319  -8.972  2.659   1.00 24.51  ? 117 ASN A O   1 
ATOM   478  C  CB  . ASN A 1 69  ? 11.607  -8.234  0.220   1.00 25.77  ? 117 ASN A CB  1 
ATOM   479  C  CG  . ASN A 1 69  ? 12.969  -8.292  0.856   1.00 31.26  ? 117 ASN A CG  1 
ATOM   480  O  OD1 . ASN A 1 69  ? 13.271  -9.186  1.645   1.00 29.47  ? 117 ASN A OD1 1 
ATOM   481  N  ND2 . ASN A 1 69  ? 13.826  -7.330  0.555   1.00 30.35  ? 117 ASN A ND2 1 
ATOM   482  N  N   . GLY A 1 70  ? 10.529  -11.179 2.166   1.00 22.58  ? 118 GLY A N   1 
ATOM   483  C  CA  . GLY A 1 70  ? 10.228  -11.701 3.498   1.00 23.33  ? 118 GLY A CA  1 
ATOM   484  C  C   . GLY A 1 70  ? 11.065  -11.127 4.612   1.00 26.02  ? 118 GLY A C   1 
ATOM   485  O  O   . GLY A 1 70  ? 10.557  -10.911 5.725   1.00 24.13  ? 118 GLY A O   1 
ATOM   486  N  N   . SER A 1 71  ? 12.364  -10.857 4.325   1.00 22.88  ? 119 SER A N   1 
ATOM   487  C  CA  . SER A 1 71  ? 13.252  -10.285 5.335   1.00 23.30  ? 119 SER A CA  1 
ATOM   488  C  C   . SER A 1 71  ? 12.764  -8.891  5.815   1.00 27.11  ? 119 SER A C   1 
ATOM   489  O  O   . SER A 1 71  ? 13.212  -8.460  6.862   1.00 29.40  ? 119 SER A O   1 
ATOM   490  C  CB  . SER A 1 71  ? 14.684  -10.188 4.827   1.00 23.70  ? 119 SER A CB  1 
ATOM   491  O  OG  . SER A 1 71  ? 14.791  -9.207  3.811   1.00 24.38  ? 119 SER A OG  1 
ATOM   492  N  N   . ASN A 1 72  ? 11.844  -8.220  5.072   1.00 25.85  ? 120 ASN A N   1 
ATOM   493  C  CA  . ASN A 1 72  ? 11.251  -6.908  5.460   1.00 25.68  ? 120 ASN A CA  1 
ATOM   494  C  C   . ASN A 1 72  ? 10.568  -6.984  6.823   1.00 28.24  ? 120 ASN A C   1 
ATOM   495  O  O   . ASN A 1 72  ? 10.347  -5.953  7.460   1.00 28.35  ? 120 ASN A O   1 
ATOM   496  C  CB  . ASN A 1 72  ? 10.138  -6.490  4.424   1.00 28.49  ? 120 ASN A CB  1 
ATOM   497  C  CG  . ASN A 1 72  ? 10.577  -5.866  3.110   1.00 45.51  ? 120 ASN A CG  1 
ATOM   498  O  OD1 . ASN A 1 72  ? 11.702  -5.340  2.984   1.00 37.80  ? 120 ASN A OD1 1 
ATOM   499  N  ND2 . ASN A 1 72  ? 9.664   -5.898  2.096   1.00 26.79  ? 120 ASN A ND2 1 
ATOM   500  N  N   . PHE A 1 73  ? 10.157  -8.182  7.229   1.00 23.58  ? 121 PHE A N   1 
ATOM   501  C  CA  . PHE A 1 73  ? 9.331   -8.343  8.423   1.00 25.75  ? 121 PHE A CA  1 
ATOM   502  C  C   . PHE A 1 73  ? 10.011  -9.057  9.566   1.00 31.01  ? 121 PHE A C   1 
ATOM   503  O  O   . PHE A 1 73  ? 9.312   -9.552  10.451  1.00 30.29  ? 121 PHE A O   1 
ATOM   504  C  CB  . PHE A 1 73  ? 8.052   -9.097  8.056   1.00 28.38  ? 121 PHE A CB  1 
ATOM   505  C  CG  . PHE A 1 73  ? 7.144   -8.436  7.051   1.00 31.72  ? 121 PHE A CG  1 
ATOM   506  C  CD1 . PHE A 1 73  ? 7.019   -7.053  7.007   1.00 35.27  ? 121 PHE A CD1 1 
ATOM   507  C  CD2 . PHE A 1 73  ? 6.291   -9.199  6.262   1.00 36.82  ? 121 PHE A CD2 1 
ATOM   508  C  CE1 . PHE A 1 73  ? 6.150   -6.436  6.095   1.00 37.55  ? 121 PHE A CE1 1 
ATOM   509  C  CE2 . PHE A 1 73  ? 5.418   -8.587  5.355   1.00 40.44  ? 121 PHE A CE2 1 
ATOM   510  C  CZ  . PHE A 1 73  ? 5.372   -7.210  5.261   1.00 38.17  ? 121 PHE A CZ  1 
ATOM   511  N  N   . THR A 1 74  ? 11.354  -9.047  9.612   1.00 30.18  ? 122 THR A N   1 
ATOM   512  C  CA  . THR A 1 74  ? 12.063  -9.727  10.705  1.00 30.48  ? 122 THR A CA  1 
ATOM   513  C  C   . THR A 1 74  ? 12.307  -8.875  11.960  1.00 34.43  ? 122 THR A C   1 
ATOM   514  O  O   . THR A 1 74  ? 12.585  -9.451  13.015  1.00 37.51  ? 122 THR A O   1 
ATOM   515  C  CB  . THR A 1 74  ? 13.415  -10.210 10.224  1.00 38.62  ? 122 THR A CB  1 
ATOM   516  O  OG1 . THR A 1 74  ? 14.179  -9.064  9.859   1.00 41.76  ? 122 THR A OG1 1 
ATOM   517  C  CG2 . THR A 1 74  ? 13.305  -11.231 9.100   1.00 34.90  ? 122 THR A CG2 1 
ATOM   518  N  N   . SER A 1 75  ? 12.278  -7.539  11.859  1.00 28.42  ? 123 SER A N   1 
ATOM   519  C  CA  . SER A 1 75  ? 12.615  -6.714  13.006  1.00 28.65  ? 123 SER A CA  1 
ATOM   520  C  C   . SER A 1 75  ? 11.655  -6.910  14.157  1.00 30.43  ? 123 SER A C   1 
ATOM   521  O  O   . SER A 1 75  ? 10.475  -7.262  13.970  1.00 30.12  ? 123 SER A O   1 
ATOM   522  C  CB  . SER A 1 75  ? 12.676  -5.239  12.627  1.00 32.48  ? 123 SER A CB  1 
ATOM   523  O  OG  . SER A 1 75  ? 11.390  -4.776  12.258  1.00 33.76  ? 123 SER A OG  1 
ATOM   524  N  N   . THR A 1 76  ? 12.178  -6.710  15.353  1.00 28.69  ? 124 THR A N   1 
ATOM   525  C  CA  . THR A 1 76  ? 11.417  -6.725  16.598  1.00 28.27  ? 124 THR A CA  1 
ATOM   526  C  C   . THR A 1 76  ? 10.247  -5.718  16.516  1.00 30.57  ? 124 THR A C   1 
ATOM   527  O  O   . THR A 1 76  ? 9.155   -6.008  17.015  1.00 30.03  ? 124 THR A O   1 
ATOM   528  C  CB  . THR A 1 76  ? 12.395  -6.377  17.744  1.00 38.19  ? 124 THR A CB  1 
ATOM   529  O  OG1 . THR A 1 76  ? 13.332  -7.444  17.828  1.00 41.01  ? 124 THR A OG1 1 
ATOM   530  C  CG2 . THR A 1 76  ? 11.713  -6.208  19.083  1.00 38.20  ? 124 THR A CG2 1 
ATOM   531  N  N   . THR A 1 77  ? 10.485  -4.548  15.913  1.00 27.03  ? 125 THR A N   1 
ATOM   532  C  CA  . THR A 1 77  ? 9.459   -3.492  15.801  1.00 26.33  ? 125 THR A CA  1 
ATOM   533  C  C   . THR A 1 77  ? 8.297   -3.920  14.911  1.00 27.45  ? 125 THR A C   1 
ATOM   534  O  O   . THR A 1 77  ? 7.139   -3.641  15.275  1.00 24.99  ? 125 THR A O   1 
ATOM   535  C  CB  . THR A 1 77  ? 10.042  -2.145  15.353  1.00 32.94  ? 125 THR A CB  1 
ATOM   536  O  OG1 . THR A 1 77  ? 10.669  -2.275  14.068  1.00 32.60  ? 125 THR A OG1 1 
ATOM   537  C  CG2 . THR A 1 77  ? 11.038  -1.586  16.362  1.00 34.15  ? 125 THR A CG2 1 
ATOM   538  N  N   . VAL A 1 78  ? 8.578   -4.568  13.744  1.00 22.59  ? 126 VAL A N   1 
ATOM   539  C  CA  . VAL A 1 78  ? 7.506   -5.044  12.870  1.00 23.04  ? 126 VAL A CA  1 
ATOM   540  C  C   . VAL A 1 78  ? 6.712   -6.149  13.561  1.00 26.87  ? 126 VAL A C   1 
ATOM   541  O  O   . VAL A 1 78  ? 5.490   -6.123  13.549  1.00 24.65  ? 126 VAL A O   1 
ATOM   542  C  CB  . VAL A 1 78  ? 8.029   -5.527  11.486  1.00 26.73  ? 126 VAL A CB  1 
ATOM   543  C  CG1 . VAL A 1 78  ? 6.905   -6.189  10.696  1.00 27.48  ? 126 VAL A CG1 1 
ATOM   544  C  CG2 . VAL A 1 78  ? 8.594   -4.349  10.714  1.00 25.93  ? 126 VAL A CG2 1 
ATOM   545  N  N   . LYS A 1 79  ? 7.400   -7.111  14.181  1.00 24.16  ? 127 LYS A N   1 
ATOM   546  C  CA  . LYS A 1 79  ? 6.701   -8.186  14.888  1.00 24.57  ? 127 LYS A CA  1 
ATOM   547  C  C   . LYS A 1 79  ? 5.808   -7.625  16.019  1.00 25.00  ? 127 LYS A C   1 
ATOM   548  O  O   . LYS A 1 79  ? 4.701   -8.137  16.219  1.00 24.28  ? 127 LYS A O   1 
ATOM   549  C  CB  . LYS A 1 79  ? 7.709   -9.189  15.457  1.00 27.33  ? 127 LYS A CB  1 
ATOM   550  C  CG  . LYS A 1 79  ? 8.437   -9.972  14.363  1.00 37.86  ? 127 LYS A CG  1 
ATOM   551  C  CD  . LYS A 1 79  ? 9.633   -10.718 14.952  1.00 47.26  ? 127 LYS A CD  1 
ATOM   552  C  CE  . LYS A 1 79  ? 10.239  -11.689 13.967  1.00 66.35  ? 127 LYS A CE  1 
ATOM   553  N  NZ  . LYS A 1 79  ? 11.439  -12.365 14.529  1.00 75.75  ? 127 LYS A NZ  1 
ATOM   554  N  N   . ALA A 1 80  ? 6.259   -6.554  16.691  1.00 23.97  ? 128 ALA A N   1 
ATOM   555  C  CA  . ALA A 1 80  ? 5.495   -5.895  17.777  1.00 24.57  ? 128 ALA A CA  1 
ATOM   556  C  C   . ALA A 1 80  ? 4.219   -5.262  17.216  1.00 25.45  ? 128 ALA A C   1 
ATOM   557  O  O   . ALA A 1 80  ? 3.145   -5.391  17.808  1.00 22.03  ? 128 ALA A O   1 
ATOM   558  C  CB  . ALA A 1 80  ? 6.354   -4.827  18.461  1.00 25.98  ? 128 ALA A CB  1 
ATOM   559  N  N   . ALA A 1 81  ? 4.336   -4.558  16.067  1.00 21.93  ? 129 ALA A N   1 
ATOM   560  C  CA  . ALA A 1 81  ? 3.173   -3.935  15.432  1.00 21.14  ? 129 ALA A CA  1 
ATOM   561  C  C   . ALA A 1 81  ? 2.181   -5.003  15.007  1.00 23.33  ? 129 ALA A C   1 
ATOM   562  O  O   . ALA A 1 81  ? 0.998   -4.866  15.288  1.00 22.30  ? 129 ALA A O   1 
ATOM   563  C  CB  . ALA A 1 81  ? 3.607   -3.099  14.216  1.00 22.48  ? 129 ALA A CB  1 
ATOM   564  N  N   . CYS A 1 82  ? 2.639   -6.091  14.357  1.00 21.45  ? 130 CYS A N   1 
ATOM   565  C  CA  . CYS A 1 82  ? 1.709   -7.139  13.976  1.00 22.40  ? 130 CYS A CA  1 
ATOM   566  C  C   . CYS A 1 82  ? 1.073   -7.822  15.175  1.00 24.97  ? 130 CYS A C   1 
ATOM   567  O  O   . CYS A 1 82  ? -0.111  -8.155  15.102  1.00 25.17  ? 130 CYS A O   1 
ATOM   568  C  CB  . CYS A 1 82  ? 2.405   -8.145  13.092  1.00 24.44  ? 130 CYS A CB  1 
ATOM   569  S  SG  . CYS A 1 82  ? 2.843   -7.428  11.514  1.00 28.35  ? 130 CYS A SG  1 
ATOM   570  N  N   . TRP A 1 83  ? 1.843   -8.042  16.242  1.00 24.09  ? 131 TRP A N   1 
ATOM   571  C  CA  . TRP A 1 83  ? 1.306   -8.672  17.470  1.00 24.25  ? 131 TRP A CA  1 
ATOM   572  C  C   . TRP A 1 83  ? 0.185   -7.822  18.056  1.00 26.95  ? 131 TRP A C   1 
ATOM   573  O  O   . TRP A 1 83  ? -0.907  -8.320  18.314  1.00 25.99  ? 131 TRP A O   1 
ATOM   574  C  CB  . TRP A 1 83  ? 2.415   -8.899  18.522  1.00 23.42  ? 131 TRP A CB  1 
ATOM   575  C  CG  . TRP A 1 83  ? 1.876   -9.197  19.902  1.00 25.16  ? 131 TRP A CG  1 
ATOM   576  C  CD1 . TRP A 1 83  ? 1.349   -10.375 20.346  1.00 28.48  ? 131 TRP A CD1 1 
ATOM   577  C  CD2 . TRP A 1 83  ? 1.713   -8.257  20.970  1.00 24.58  ? 131 TRP A CD2 1 
ATOM   578  N  NE1 . TRP A 1 83  ? 0.881   -10.227 21.635  1.00 27.80  ? 131 TRP A NE1 1 
ATOM   579  C  CE2 . TRP A 1 83  ? 1.107   -8.942  22.047  1.00 28.70  ? 131 TRP A CE2 1 
ATOM   580  C  CE3 . TRP A 1 83  ? 2.024   -6.891  21.125  1.00 24.86  ? 131 TRP A CE3 1 
ATOM   581  C  CZ2 . TRP A 1 83  ? 0.829   -8.314  23.270  1.00 27.24  ? 131 TRP A CZ2 1 
ATOM   582  C  CZ3 . TRP A 1 83  ? 1.693   -6.258  22.314  1.00 26.27  ? 131 TRP A CZ3 1 
ATOM   583  C  CH2 . TRP A 1 83  ? 1.113   -6.974  23.373  1.00 26.68  ? 131 TRP A CH2 1 
ATOM   584  N  N   . TRP A 1 84  ? 0.457   -6.529  18.257  1.00 23.41  ? 132 TRP A N   1 
ATOM   585  C  CA  . TRP A 1 84  ? -0.521  -5.630  18.870  1.00 21.53  ? 132 TRP A CA  1 
ATOM   586  C  C   . TRP A 1 84  ? -1.777  -5.472  18.017  1.00 24.21  ? 132 TRP A C   1 
ATOM   587  O  O   . TRP A 1 84  ? -2.901  -5.503  18.542  1.00 22.94  ? 132 TRP A O   1 
ATOM   588  C  CB  . TRP A 1 84  ? 0.139   -4.271  19.110  1.00 20.82  ? 132 TRP A CB  1 
ATOM   589  C  CG  . TRP A 1 84  ? -0.717  -3.384  19.963  1.00 21.37  ? 132 TRP A CG  1 
ATOM   590  C  CD1 . TRP A 1 84  ? -0.797  -3.388  21.325  1.00 23.82  ? 132 TRP A CD1 1 
ATOM   591  C  CD2 . TRP A 1 84  ? -1.659  -2.397  19.503  1.00 21.59  ? 132 TRP A CD2 1 
ATOM   592  N  NE1 . TRP A 1 84  ? -1.724  -2.456  21.748  1.00 23.28  ? 132 TRP A NE1 1 
ATOM   593  C  CE2 . TRP A 1 84  ? -2.270  -1.837  20.649  1.00 24.53  ? 132 TRP A CE2 1 
ATOM   594  C  CE3 . TRP A 1 84  ? -2.064  -1.955  18.231  1.00 22.29  ? 132 TRP A CE3 1 
ATOM   595  C  CZ2 . TRP A 1 84  ? -3.239  -0.827  20.563  1.00 24.16  ? 132 TRP A CZ2 1 
ATOM   596  C  CZ3 . TRP A 1 84  ? -3.030  -0.957  18.146  1.00 23.52  ? 132 TRP A CZ3 1 
ATOM   597  C  CH2 . TRP A 1 84  ? -3.596  -0.396  19.298  1.00 24.36  ? 132 TRP A CH2 1 
ATOM   598  N  N   . ALA A 1 85  ? -1.604  -5.330  16.687  1.00 21.64  ? 133 ALA A N   1 
ATOM   599  C  CA  . ALA A 1 85  ? -2.733  -5.118  15.792  1.00 21.75  ? 133 ALA A CA  1 
ATOM   600  C  C   . ALA A 1 85  ? -3.460  -6.412  15.410  1.00 26.36  ? 133 ALA A C   1 
ATOM   601  O  O   . ALA A 1 85  ? -4.521  -6.345  14.771  1.00 24.67  ? 133 ALA A O   1 
ATOM   602  C  CB  . ALA A 1 85  ? -2.264  -4.392  14.529  1.00 22.53  ? 133 ALA A CB  1 
ATOM   603  N  N   . GLY A 1 86  ? -2.907  -7.566  15.809  1.00 25.51  ? 134 GLY A N   1 
ATOM   604  C  CA  . GLY A 1 86  ? -3.506  -8.865  15.523  1.00 26.09  ? 134 GLY A CA  1 
ATOM   605  C  C   . GLY A 1 86  ? -3.360  -9.262  14.068  1.00 30.78  ? 134 GLY A C   1 
ATOM   606  O  O   . GLY A 1 86  ? -4.292  -9.806  13.463  1.00 31.94  ? 134 GLY A O   1 
ATOM   607  N  N   . ILE A 1 87  ? -2.189  -8.978  13.494  1.00 25.60  ? 135 ILE A N   1 
ATOM   608  C  CA  . ILE A 1 87  ? -1.877  -9.278  12.080  1.00 25.12  ? 135 ILE A CA  1 
ATOM   609  C  C   . ILE A 1 87  ? -1.014  -10.538 12.013  1.00 30.99  ? 135 ILE A C   1 
ATOM   610  O  O   . ILE A 1 87  ? -0.062  -10.663 12.775  1.00 28.40  ? 135 ILE A O   1 
ATOM   611  C  CB  . ILE A 1 87  ? -1.155  -8.072  11.376  1.00 27.32  ? 135 ILE A CB  1 
ATOM   612  C  CG1 . ILE A 1 87  ? -1.979  -6.761  11.493  1.00 28.08  ? 135 ILE A CG1 1 
ATOM   613  C  CG2 . ILE A 1 87  ? -0.843  -8.373  9.894   1.00 29.78  ? 135 ILE A CG2 1 
ATOM   614  C  CD1 . ILE A 1 87  ? -1.249  -5.507  10.970  1.00 31.61  ? 135 ILE A CD1 1 
ATOM   615  N  N   . LYS A 1 88  ? -1.307  -11.414 11.046  1.00 33.65  ? 136 LYS A N   1 
ATOM   616  C  CA  . LYS A 1 88  ? -0.550  -12.644 10.749  1.00 35.54  ? 136 LYS A CA  1 
ATOM   617  C  C   . LYS A 1 88  ? 0.162   -12.541 9.377   1.00 41.18  ? 136 LYS A C   1 
ATOM   618  O  O   . LYS A 1 88  ? -0.124  -11.644 8.576   1.00 38.77  ? 136 LYS A O   1 
ATOM   619  C  CB  . LYS A 1 88  ? -1.490  -13.861 10.773  1.00 39.14  ? 136 LYS A CB  1 
ATOM   620  C  CG  . LYS A 1 88  ? -1.969  -14.236 12.176  1.00 53.55  ? 136 LYS A CG  1 
ATOM   621  N  N   . GLN A 1 89  ? 1.133   -13.446 9.149   1.00 40.62  ? 137 GLN A N   1 
ATOM   622  C  CA  . GLN A 1 89  ? 1.980   -13.639 7.951   1.00 71.83  ? 137 GLN A CA  1 
ATOM   623  C  C   . GLN A 1 89  ? 2.772   -12.384 7.589   1.00 104.12 ? 137 GLN A C   1 
ATOM   624  O  O   . GLN A 1 89  ? 4.000   -12.431 7.540   1.00 65.78  ? 137 GLN A O   1 
ATOM   625  C  CB  . GLN A 1 89  ? 1.161   -14.119 6.737   1.00 73.08  ? 137 GLN A CB  1 
ATOM   626  C  CG  . GLN A 1 89  ? 2.006   -14.827 5.678   1.00 81.10  ? 137 GLN A CG  1 
ATOM   627  C  CD  . GLN A 1 89  ? 1.218   -15.344 4.492   1.00 94.28  ? 137 GLN A CD  1 
ATOM   628  O  OE1 . GLN A 1 89  ? 0.115   -15.897 4.614   1.00 90.16  ? 137 GLN A OE1 1 
ATOM   629  N  NE2 . GLN A 1 89  ? 1.814   -15.249 3.317   1.00 81.09  ? 137 GLN A NE2 1 
ATOM   630  N  N   . GLY A 1 101 ? -0.649  -11.685 -10.312 1.00 54.73  ? 149 GLY A N   1 
ATOM   631  C  CA  . GLY A 1 101 ? -0.497  -10.597 -11.270 1.00 53.52  ? 149 GLY A CA  1 
ATOM   632  C  C   . GLY A 1 101 ? -1.043  -9.256  -10.801 1.00 53.92  ? 149 GLY A C   1 
ATOM   633  O  O   . GLY A 1 101 ? -0.540  -8.215  -11.226 1.00 53.41  ? 149 GLY A O   1 
ATOM   634  N  N   . VAL A 1 102 ? -2.065  -9.272  -9.911  1.00 48.21  ? 150 VAL A N   1 
ATOM   635  C  CA  . VAL A 1 102 ? -2.750  -8.087  -9.370  1.00 46.86  ? 150 VAL A CA  1 
ATOM   636  C  C   . VAL A 1 102 ? -1.741  -7.103  -8.725  1.00 47.36  ? 150 VAL A C   1 
ATOM   637  O  O   . VAL A 1 102 ? -1.644  -5.975  -9.199  1.00 46.70  ? 150 VAL A O   1 
ATOM   638  C  CB  . VAL A 1 102 ? -3.889  -8.474  -8.379  1.00 51.47  ? 150 VAL A CB  1 
ATOM   639  C  CG1 . VAL A 1 102 ? -4.445  -7.247  -7.638  1.00 51.24  ? 150 VAL A CG1 1 
ATOM   640  C  CG2 . VAL A 1 102 ? -5.016  -9.215  -9.103  1.00 51.39  ? 150 VAL A CG2 1 
ATOM   641  N  N   . VAL A 1 103 ? -0.982  -7.531  -7.684  1.00 41.29  ? 151 VAL A N   1 
ATOM   642  C  CA  . VAL A 1 103 ? -0.023  -6.661  -6.982  1.00 40.12  ? 151 VAL A CA  1 
ATOM   643  C  C   . VAL A 1 103 ? 1.040   -6.114  -7.940  1.00 43.36  ? 151 VAL A C   1 
ATOM   644  O  O   . VAL A 1 103 ? 1.381   -4.934  -7.847  1.00 42.16  ? 151 VAL A O   1 
ATOM   645  C  CB  . VAL A 1 103 ? 0.617   -7.342  -5.752  1.00 43.23  ? 151 VAL A CB  1 
ATOM   646  C  CG1 . VAL A 1 103 ? 1.587   -6.393  -5.049  1.00 42.65  ? 151 VAL A CG1 1 
ATOM   647  C  CG2 . VAL A 1 103 ? -0.462  -7.820  -4.778  1.00 42.68  ? 151 VAL A CG2 1 
ATOM   648  N  N   . GLU A 1 104 ? 1.551   -6.955  -8.855  1.00 40.10  ? 152 GLU A N   1 
ATOM   649  C  CA  . GLU A 1 104 ? 2.569   -6.547  -9.836  1.00 40.29  ? 152 GLU A CA  1 
ATOM   650  C  C   . GLU A 1 104 ? 1.999   -5.459  -10.766 1.00 41.73  ? 152 GLU A C   1 
ATOM   651  O  O   . GLU A 1 104 ? 2.668   -4.456  -11.012 1.00 41.35  ? 152 GLU A O   1 
ATOM   652  C  CB  . GLU A 1 104 ? 3.039   -7.770  -10.637 1.00 42.12  ? 152 GLU A CB  1 
ATOM   653  C  CG  . GLU A 1 104 ? 4.184   -7.489  -11.601 1.00 55.60  ? 152 GLU A CG  1 
ATOM   654  C  CD  . GLU A 1 104 ? 4.717   -8.684  -12.376 1.00 85.78  ? 152 GLU A CD  1 
ATOM   655  O  OE1 . GLU A 1 104 ? 4.038   -9.738  -12.416 1.00 85.25  ? 152 GLU A OE1 1 
ATOM   656  O  OE2 . GLU A 1 104 ? 5.815   -8.554  -12.962 1.00 82.59  ? 152 GLU A OE2 1 
ATOM   657  N  N   . SER A 1 105 ? 0.748   -5.652  -11.220 1.00 38.30  ? 153 SER A N   1 
ATOM   658  C  CA  . SER A 1 105 ? 0.002   -4.721  -12.083 1.00 38.75  ? 153 SER A CA  1 
ATOM   659  C  C   . SER A 1 105 ? -0.277  -3.394  -11.381 1.00 40.97  ? 153 SER A C   1 
ATOM   660  O  O   . SER A 1 105 ? -0.062  -2.344  -11.981 1.00 41.67  ? 153 SER A O   1 
ATOM   661  C  CB  . SER A 1 105 ? -1.324  -5.338  -12.514 1.00 43.82  ? 153 SER A CB  1 
ATOM   662  O  OG  . SER A 1 105 ? -1.091  -6.511  -13.274 1.00 60.62  ? 153 SER A OG  1 
ATOM   663  N  N   . MET A 1 106 ? -0.737  -3.438  -10.107 1.00 36.56  ? 154 MET A N   1 
ATOM   664  C  CA  . MET A 1 106 ? -1.045  -2.222  -9.319  1.00 34.66  ? 154 MET A CA  1 
ATOM   665  C  C   . MET A 1 106 ? 0.226   -1.400  -9.080  1.00 37.35  ? 154 MET A C   1 
ATOM   666  O  O   . MET A 1 106 ? 0.187   -0.172  -9.227  1.00 37.33  ? 154 MET A O   1 
ATOM   667  C  CB  . MET A 1 106 ? -1.749  -2.552  -7.994  1.00 36.02  ? 154 MET A CB  1 
ATOM   668  C  CG  . MET A 1 106 ? -3.078  -3.296  -8.147  1.00 39.36  ? 154 MET A CG  1 
ATOM   669  S  SD  . MET A 1 106 ? -4.317  -2.484  -9.196  1.00 42.86  ? 154 MET A SD  1 
ATOM   670  C  CE  . MET A 1 106 ? -4.170  -3.473  -10.699 1.00 40.17  ? 154 MET A CE  1 
ATOM   671  N  N   . ASN A 1 107 ? 1.363   -2.064  -8.764  1.00 32.28  ? 155 ASN A N   1 
ATOM   672  C  CA  . ASN A 1 107 ? 2.630   -1.356  -8.583  1.00 31.98  ? 155 ASN A CA  1 
ATOM   673  C  C   . ASN A 1 107 ? 3.113   -0.737  -9.896  1.00 37.99  ? 155 ASN A C   1 
ATOM   674  O  O   . ASN A 1 107 ? 3.637   0.377   -9.892  1.00 37.96  ? 155 ASN A O   1 
ATOM   675  C  CB  . ASN A 1 107 ? 3.706   -2.282  -8.009  1.00 33.54  ? 155 ASN A CB  1 
ATOM   676  C  CG  . ASN A 1 107 ? 3.680   -2.277  -6.502  1.00 48.28  ? 155 ASN A CG  1 
ATOM   677  O  OD1 . ASN A 1 107 ? 4.201   -1.358  -5.856  1.00 39.67  ? 155 ASN A OD1 1 
ATOM   678  N  ND2 . ASN A 1 107 ? 2.984   -3.243  -5.918  1.00 36.12  ? 155 ASN A ND2 1 
ATOM   679  N  N   . LYS A 1 108 ? 2.939   -1.461  -11.011 1.00 36.50  ? 156 LYS A N   1 
ATOM   680  C  CA  . LYS A 1 108 ? 3.330   -1.025  -12.364 1.00 36.39  ? 156 LYS A CA  1 
ATOM   681  C  C   . LYS A 1 108 ? 2.567   0.251   -12.726 1.00 38.86  ? 156 LYS A C   1 
ATOM   682  O  O   . LYS A 1 108 ? 3.191   1.231   -13.147 1.00 38.41  ? 156 LYS A O   1 
ATOM   683  C  CB  . LYS A 1 108 ? 3.058   -2.158  -13.385 1.00 38.87  ? 156 LYS A CB  1 
ATOM   684  C  CG  . LYS A 1 108 ? 3.488   -1.871  -14.819 1.00 58.10  ? 156 LYS A CG  1 
ATOM   685  C  CD  . LYS A 1 108 ? 3.170   -3.056  -15.727 1.00 69.46  ? 156 LYS A CD  1 
ATOM   686  C  CE  . LYS A 1 108 ? 3.429   -2.752  -17.183 1.00 84.24  ? 156 LYS A CE  1 
ATOM   687  N  NZ  . LYS A 1 108 ? 3.092   -3.909  -18.056 1.00 95.22  ? 156 LYS A NZ  1 
ATOM   688  N  N   . GLU A 1 109 ? 1.232   0.226   -12.532 1.00 35.73  ? 157 GLU A N   1 
ATOM   689  C  CA  A GLU A 1 109 ? 0.341   1.355   -12.811 0.50 35.72  ? 157 GLU A CA  1 
ATOM   690  C  CA  B GLU A 1 109 ? 0.332   1.349   -12.803 0.50 35.41  ? 157 GLU A CA  1 
ATOM   691  C  C   . GLU A 1 109 ? 0.744   2.583   -11.982 1.00 38.78  ? 157 GLU A C   1 
ATOM   692  O  O   . GLU A 1 109 ? 0.807   3.686   -12.519 1.00 37.36  ? 157 GLU A O   1 
ATOM   693  C  CB  A GLU A 1 109 ? -1.117  0.966   -12.522 0.50 37.19  ? 157 GLU A CB  1 
ATOM   694  C  CB  B GLU A 1 109 ? -1.123  0.950   -12.495 0.50 36.62  ? 157 GLU A CB  1 
ATOM   695  C  CG  A GLU A 1 109 ? -2.137  1.968   -13.043 0.50 48.03  ? 157 GLU A CG  1 
ATOM   696  C  CG  B GLU A 1 109 ? -1.747  0.039   -13.546 0.50 43.80  ? 157 GLU A CG  1 
ATOM   697  C  CD  A GLU A 1 109 ? -3.578  1.657   -12.695 0.50 58.81  ? 157 GLU A CD  1 
ATOM   698  C  CD  B GLU A 1 109 ? -3.074  -0.622  -13.213 0.50 59.46  ? 157 GLU A CD  1 
ATOM   699  O  OE1 A GLU A 1 109 ? -4.019  0.511   -12.947 0.50 57.75  ? 157 GLU A OE1 1 
ATOM   700  O  OE1 B GLU A 1 109 ? -3.716  -0.232  -12.210 0.50 46.91  ? 157 GLU A OE1 1 
ATOM   701  O  OE2 A GLU A 1 109 ? -4.273  2.566   -12.186 0.50 33.73  ? 157 GLU A OE2 1 
ATOM   702  O  OE2 B GLU A 1 109 ? -3.478  -1.531  -13.973 0.50 53.57  ? 157 GLU A OE2 1 
ATOM   703  N  N   . LEU A 1 110 ? 1.050   2.389   -10.676 1.00 34.91  ? 158 LEU A N   1 
ATOM   704  C  CA  . LEU A 1 110 ? 1.452   3.499   -9.794  1.00 32.80  ? 158 LEU A CA  1 
ATOM   705  C  C   . LEU A 1 110 ? 2.750   4.144   -10.265 1.00 34.32  ? 158 LEU A C   1 
ATOM   706  O  O   . LEU A 1 110 ? 2.839   5.369   -10.349 1.00 32.29  ? 158 LEU A O   1 
ATOM   707  C  CB  . LEU A 1 110 ? 1.596   3.005   -8.344  1.00 32.63  ? 158 LEU A CB  1 
ATOM   708  C  CG  . LEU A 1 110 ? 1.829   4.107   -7.295  1.00 35.12  ? 158 LEU A CG  1 
ATOM   709  C  CD1 . LEU A 1 110 ? 0.562   4.928   -7.066  1.00 34.27  ? 158 LEU A CD1 1 
ATOM   710  C  CD2 . LEU A 1 110 ? 2.307   3.506   -5.992  1.00 34.67  ? 158 LEU A CD2 1 
ATOM   711  N  N   . LYS A 1 111 ? 3.754   3.324   -10.595 1.00 32.12  ? 159 LYS A N   1 
ATOM   712  C  CA  . LYS A 1 111 ? 5.040   3.820   -11.084 1.00 32.60  ? 159 LYS A CA  1 
ATOM   713  C  C   . LYS A 1 111 ? 4.858   4.630   -12.379 1.00 35.38  ? 159 LYS A C   1 
ATOM   714  O  O   . LYS A 1 111 ? 5.481   5.675   -12.538 1.00 34.91  ? 159 LYS A O   1 
ATOM   715  C  CB  . LYS A 1 111 ? 6.001   2.634   -11.325 1.00 36.29  ? 159 LYS A CB  1 
ATOM   716  C  CG  . LYS A 1 111 ? 6.828   2.278   -10.087 1.00 55.23  ? 159 LYS A CG  1 
ATOM   717  C  CD  . LYS A 1 111 ? 8.035   3.212   -9.911  1.00 65.11  ? 159 LYS A CD  1 
ATOM   718  N  N   . LYS A 1 112 ? 3.981   4.155   -13.274 1.00 33.50  ? 160 LYS A N   1 
ATOM   719  C  CA  . LYS A 1 112 ? 3.672   4.836   -14.544 1.00 32.67  ? 160 LYS A CA  1 
ATOM   720  C  C   . LYS A 1 112 ? 3.021   6.212   -14.259 1.00 34.25  ? 160 LYS A C   1 
ATOM   721  O  O   . LYS A 1 112 ? 3.480   7.214   -14.795 1.00 32.32  ? 160 LYS A O   1 
ATOM   722  C  CB  . LYS A 1 112 ? 2.749   3.961   -15.388 1.00 35.41  ? 160 LYS A CB  1 
ATOM   723  C  CG  . LYS A 1 112 ? 2.479   4.513   -16.792 1.00 46.39  ? 160 LYS A CG  1 
ATOM   724  C  CD  . LYS A 1 112 ? 1.311   3.768   -17.437 1.00 60.39  ? 160 LYS A CD  1 
ATOM   725  C  CE  . LYS A 1 112 ? 1.221   4.006   -18.924 1.00 73.42  ? 160 LYS A CE  1 
ATOM   726  N  NZ  . LYS A 1 112 ? 0.167   3.153   -19.545 1.00 81.88  ? 160 LYS A NZ  1 
ATOM   727  N  N   . ILE A 1 113 ? 2.008   6.257   -13.369 1.00 30.92  ? 161 ILE A N   1 
ATOM   728  C  CA  . ILE A 1 113 ? 1.305   7.499   -13.001 1.00 29.50  ? 161 ILE A CA  1 
ATOM   729  C  C   . ILE A 1 113 ? 2.280   8.514   -12.349 1.00 32.23  ? 161 ILE A C   1 
ATOM   730  O  O   . ILE A 1 113 ? 2.241   9.681   -12.728 1.00 32.57  ? 161 ILE A O   1 
ATOM   731  C  CB  . ILE A 1 113 ? 0.038   7.253   -12.130 1.00 31.95  ? 161 ILE A CB  1 
ATOM   732  C  CG1 . ILE A 1 113 ? -0.929  6.260   -12.815 1.00 31.72  ? 161 ILE A CG1 1 
ATOM   733  C  CG2 . ILE A 1 113 ? -0.684  8.586   -11.859 1.00 31.90  ? 161 ILE A CG2 1 
ATOM   734  C  CD1 . ILE A 1 113 ? -2.026  5.650   -11.971 1.00 33.66  ? 161 ILE A CD1 1 
ATOM   735  N  N   . ILE A 1 114 ? 3.180   8.085   -11.422 1.00 29.11  ? 162 ILE A N   1 
ATOM   736  C  CA  . ILE A 1 114 ? 4.172   9.004   -10.804 1.00 28.87  ? 162 ILE A CA  1 
ATOM   737  C  C   . ILE A 1 114 ? 4.969   9.698   -11.919 1.00 34.65  ? 162 ILE A C   1 
ATOM   738  O  O   . ILE A 1 114 ? 5.118   10.917  -11.892 1.00 32.67  ? 162 ILE A O   1 
ATOM   739  C  CB  . ILE A 1 114 ? 5.119   8.316   -9.759  1.00 31.52  ? 162 ILE A CB  1 
ATOM   740  C  CG1 . ILE A 1 114 ? 4.299   7.779   -8.545  1.00 30.74  ? 162 ILE A CG1 1 
ATOM   741  C  CG2 . ILE A 1 114 ? 6.223   9.284   -9.268  1.00 32.57  ? 162 ILE A CG2 1 
ATOM   742  C  CD1 . ILE A 1 114 ? 4.984   6.676   -7.678  1.00 29.79  ? 162 ILE A CD1 1 
ATOM   743  N  N   . GLY A 1 115 ? 5.471   8.910   -12.878 1.00 33.52  ? 163 GLY A N   1 
ATOM   744  C  CA  . GLY A 1 115 ? 6.218   9.459   -14.007 1.00 33.79  ? 163 GLY A CA  1 
ATOM   745  C  C   . GLY A 1 115 ? 5.434   10.493  -14.795 1.00 37.22  ? 163 GLY A C   1 
ATOM   746  O  O   . GLY A 1 115 ? 5.968   11.548  -15.134 1.00 38.50  ? 163 GLY A O   1 
ATOM   747  N  N   . GLN A 1 116 ? 4.145   10.210  -15.046 1.00 35.65  ? 164 GLN A N   1 
ATOM   748  C  CA  . GLN A 1 116 ? 3.217   11.066  -15.797 1.00 35.25  ? 164 GLN A CA  1 
ATOM   749  C  C   . GLN A 1 116 ? 2.911   12.407  -15.107 1.00 40.99  ? 164 GLN A C   1 
ATOM   750  O  O   . GLN A 1 116 ? 2.650   13.377  -15.807 1.00 41.03  ? 164 GLN A O   1 
ATOM   751  C  CB  . GLN A 1 116 ? 1.894   10.331  -16.036 1.00 36.10  ? 164 GLN A CB  1 
ATOM   752  C  CG  . GLN A 1 116 ? 1.995   9.212   -17.083 1.00 37.76  ? 164 GLN A CG  1 
ATOM   753  C  CD  . GLN A 1 116 ? 0.730   8.412   -17.212 1.00 47.78  ? 164 GLN A CD  1 
ATOM   754  O  OE1 . GLN A 1 116 ? -0.048  8.252   -16.266 1.00 46.48  ? 164 GLN A OE1 1 
ATOM   755  N  NE2 . GLN A 1 116 ? 0.507   7.861   -18.389 1.00 42.24  ? 164 GLN A NE2 1 
ATOM   756  N  N   . VAL A 1 117 ? 2.887   12.453  -13.745 1.00 35.94  ? 165 VAL A N   1 
ATOM   757  C  CA  . VAL A 1 117 ? 2.545   13.677  -13.004 1.00 34.23  ? 165 VAL A CA  1 
ATOM   758  C  C   . VAL A 1 117 ? 3.764   14.328  -12.344 1.00 36.53  ? 165 VAL A C   1 
ATOM   759  O  O   . VAL A 1 117 ? 3.604   15.391  -11.742 1.00 36.52  ? 165 VAL A O   1 
ATOM   760  C  CB  . VAL A 1 117 ? 1.427   13.425  -11.929 1.00 36.73  ? 165 VAL A CB  1 
ATOM   761  C  CG1 . VAL A 1 117 ? 0.178   12.824  -12.553 1.00 36.25  ? 165 VAL A CG1 1 
ATOM   762  C  CG2 . VAL A 1 117 ? 1.924   12.552  -10.764 1.00 36.36  ? 165 VAL A CG2 1 
ATOM   763  N  N   . ARG A 1 118 ? 4.952   13.687  -12.389 1.00 33.21  ? 166 ARG A N   1 
ATOM   764  C  CA  . ARG A 1 118 ? 6.158   14.119  -11.666 1.00 32.93  ? 166 ARG A CA  1 
ATOM   765  C  C   . ARG A 1 118 ? 6.548   15.585  -11.819 1.00 38.75  ? 166 ARG A C   1 
ATOM   766  O  O   . ARG A 1 118 ? 6.987   16.184  -10.833 1.00 36.37  ? 166 ARG A O   1 
ATOM   767  C  CB  . ARG A 1 118 ? 7.389   13.240  -12.007 1.00 32.45  ? 166 ARG A CB  1 
ATOM   768  C  CG  . ARG A 1 118 ? 8.622   13.467  -11.124 1.00 36.21  ? 166 ARG A CG  1 
ATOM   769  C  CD  . ARG A 1 118 ? 8.387   13.123  -9.653  1.00 34.11  ? 166 ARG A CD  1 
ATOM   770  N  NE  . ARG A 1 118 ? 9.464   13.614  -8.790  1.00 35.36  ? 166 ARG A NE  1 
ATOM   771  C  CZ  . ARG A 1 118 ? 9.530   14.832  -8.256  1.00 40.93  ? 166 ARG A CZ  1 
ATOM   772  N  NH1 . ARG A 1 118 ? 8.579   15.726  -8.499  1.00 36.41  ? 166 ARG A NH1 1 
ATOM   773  N  NH2 . ARG A 1 118 ? 10.548  15.166  -7.481  1.00 30.51  ? 166 ARG A NH2 1 
ATOM   774  N  N   . ASP A 1 119 ? 6.411   16.158  -13.022 1.00 38.39  ? 167 ASP A N   1 
ATOM   775  C  CA  . ASP A 1 119 ? 6.829   17.539  -13.283 1.00 40.31  ? 167 ASP A CA  1 
ATOM   776  C  C   . ASP A 1 119 ? 5.881   18.566  -12.678 1.00 43.24  ? 167 ASP A C   1 
ATOM   777  O  O   . ASP A 1 119 ? 6.244   19.744  -12.598 1.00 43.18  ? 167 ASP A O   1 
ATOM   778  C  CB  . ASP A 1 119 ? 6.981   17.793  -14.809 1.00 43.74  ? 167 ASP A CB  1 
ATOM   779  C  CG  . ASP A 1 119 ? 5.750   17.574  -15.685 1.00 63.50  ? 167 ASP A CG  1 
ATOM   780  O  OD1 . ASP A 1 119 ? 4.796   16.900  -15.228 1.00 66.11  ? 167 ASP A OD1 1 
ATOM   781  O  OD2 . ASP A 1 119 ? 5.771   18.015  -16.853 1.00 72.59  ? 167 ASP A OD2 1 
ATOM   782  N  N   . GLN A 1 120 ? 4.690   18.123  -12.237 1.00 38.71  ? 168 GLN A N   1 
ATOM   783  C  CA  . GLN A 1 120 ? 3.651   18.980  -11.654 1.00 37.82  ? 168 GLN A CA  1 
ATOM   784  C  C   . GLN A 1 120 ? 3.898   19.312  -10.196 1.00 40.64  ? 168 GLN A C   1 
ATOM   785  O  O   . GLN A 1 120 ? 3.190   20.149  -9.632  1.00 41.34  ? 168 GLN A O   1 
ATOM   786  C  CB  . GLN A 1 120 ? 2.290   18.318  -11.801 1.00 39.32  ? 168 GLN A CB  1 
ATOM   787  C  CG  . GLN A 1 120 ? 1.930   18.078  -13.259 1.00 50.01  ? 168 GLN A CG  1 
ATOM   788  C  CD  . GLN A 1 120 ? 0.648   17.332  -13.411 1.00 66.49  ? 168 GLN A CD  1 
ATOM   789  O  OE1 . GLN A 1 120 ? -0.367  17.637  -12.765 1.00 65.87  ? 168 GLN A OE1 1 
ATOM   790  N  NE2 . GLN A 1 120 ? 0.658   16.367  -14.311 1.00 51.39  ? 168 GLN A NE2 1 
ATOM   791  N  N   . ALA A 1 121 ? 4.899   18.691  -9.578  1.00 34.57  ? 169 ALA A N   1 
ATOM   792  C  CA  . ALA A 1 121 ? 5.202   18.980  -8.186  1.00 33.20  ? 169 ALA A CA  1 
ATOM   793  C  C   . ALA A 1 121 ? 6.680   19.019  -7.968  1.00 35.66  ? 169 ALA A C   1 
ATOM   794  O  O   . ALA A 1 121 ? 7.430   18.326  -8.658  1.00 35.47  ? 169 ALA A O   1 
ATOM   795  C  CB  . ALA A 1 121 ? 4.574   17.919  -7.288  1.00 33.59  ? 169 ALA A CB  1 
ATOM   796  N  N   . GLU A 1 122 ? 7.094   19.771  -6.952  1.00 31.06  ? 170 GLU A N   1 
ATOM   797  C  CA  . GLU A 1 122 ? 8.484   19.863  -6.551  1.00 30.58  ? 170 GLU A CA  1 
ATOM   798  C  C   . GLU A 1 122 ? 8.919   18.569  -5.866  1.00 35.59  ? 170 GLU A C   1 
ATOM   799  O  O   . GLU A 1 122 ? 9.906   17.957  -6.285  1.00 33.98  ? 170 GLU A O   1 
ATOM   800  C  CB  . GLU A 1 122 ? 8.676   21.056  -5.620  1.00 32.11  ? 170 GLU A CB  1 
ATOM   801  C  CG  . GLU A 1 122 ? 10.090  21.159  -5.080  1.00 38.84  ? 170 GLU A CG  1 
ATOM   802  C  CD  . GLU A 1 122 ? 10.352  22.246  -4.067  1.00 50.22  ? 170 GLU A CD  1 
ATOM   803  O  OE1 . GLU A 1 122 ? 9.497   23.148  -3.906  1.00 43.32  ? 170 GLU A OE1 1 
ATOM   804  O  OE2 . GLU A 1 122 ? 11.435  22.203  -3.444  1.00 49.47  ? 170 GLU A OE2 1 
ATOM   805  N  N   . HIS A 1 123 ? 8.160   18.135  -4.821  1.00 29.47  ? 171 HIS A N   1 
ATOM   806  C  CA  . HIS A 1 123 ? 8.520   16.976  -4.006  1.00 28.37  ? 171 HIS A CA  1 
ATOM   807  C  C   . HIS A 1 123 ? 7.995   15.679  -4.567  1.00 30.21  ? 171 HIS A C   1 
ATOM   808  O  O   . HIS A 1 123 ? 6.853   15.615  -5.029  1.00 27.67  ? 171 HIS A O   1 
ATOM   809  C  CB  . HIS A 1 123 ? 7.997   17.178  -2.582  1.00 28.71  ? 171 HIS A CB  1 
ATOM   810  C  CG  . HIS A 1 123 ? 8.450   18.467  -1.956  1.00 32.37  ? 171 HIS A CG  1 
ATOM   811  N  ND1 . HIS A 1 123 ? 9.794   18.731  -1.726  1.00 34.45  ? 171 HIS A ND1 1 
ATOM   812  C  CD2 . HIS A 1 123 ? 7.718   19.508  -1.507  1.00 34.28  ? 171 HIS A CD2 1 
ATOM   813  C  CE1 . HIS A 1 123 ? 9.831   19.915  -1.142  1.00 34.05  ? 171 HIS A CE1 1 
ATOM   814  N  NE2 . HIS A 1 123 ? 8.607   20.433  -1.013  1.00 34.25  ? 171 HIS A NE2 1 
ATOM   815  N  N   . LEU A 1 124 ? 8.844   14.633  -4.552  1.00 26.99  ? 172 LEU A N   1 
ATOM   816  C  CA  . LEU A 1 124 ? 8.441   13.304  -4.988  1.00 27.58  ? 172 LEU A CA  1 
ATOM   817  C  C   . LEU A 1 124 ? 7.203   12.844  -4.189  1.00 27.60  ? 172 LEU A C   1 
ATOM   818  O  O   . LEU A 1 124 ? 6.298   12.296  -4.786  1.00 28.13  ? 172 LEU A O   1 
ATOM   819  C  CB  . LEU A 1 124 ? 9.600   12.279  -4.837  1.00 28.17  ? 172 LEU A CB  1 
ATOM   820  C  CG  . LEU A 1 124 ? 9.258   10.787  -5.069  1.00 32.62  ? 172 LEU A CG  1 
ATOM   821  C  CD1 . LEU A 1 124 ? 8.764   10.518  -6.481  1.00 34.15  ? 172 LEU A CD1 1 
ATOM   822  C  CD2 . LEU A 1 124 ? 10.444  9.865   -4.733  1.00 33.62  ? 172 LEU A CD2 1 
ATOM   823  N  N   . LYS A 1 125 ? 7.155   13.101  -2.860  1.00 24.96  ? 173 LYS A N   1 
ATOM   824  C  CA  . LYS A 1 125 ? 6.026   12.675  -2.001  1.00 23.33  ? 173 LYS A CA  1 
ATOM   825  C  C   . LYS A 1 125 ? 4.716   13.250  -2.493  1.00 24.43  ? 173 LYS A C   1 
ATOM   826  O  O   . LYS A 1 125 ? 3.699   12.552  -2.494  1.00 25.52  ? 173 LYS A O   1 
ATOM   827  C  CB  . LYS A 1 125 ? 6.277   13.014  -0.512  1.00 26.12  ? 173 LYS A CB  1 
ATOM   828  C  CG  . LYS A 1 125 ? 6.388   14.505  -0.144  1.00 29.79  ? 173 LYS A CG  1 
ATOM   829  C  CD  . LYS A 1 125 ? 6.498   14.645  1.382   1.00 33.77  ? 173 LYS A CD  1 
ATOM   830  C  CE  . LYS A 1 125 ? 6.196   16.035  1.860   1.00 41.76  ? 173 LYS A CE  1 
ATOM   831  N  NZ  . LYS A 1 125 ? 6.313   16.136  3.346   1.00 49.48  ? 173 LYS A NZ  1 
ATOM   832  N  N   . THR A 1 126 ? 4.738   14.479  -2.999  1.00 22.02  ? 174 THR A N   1 
ATOM   833  C  CA  . THR A 1 126 ? 3.519   15.116  -3.541  1.00 21.01  ? 174 THR A CA  1 
ATOM   834  C  C   . THR A 1 126 ? 3.079   14.362  -4.796  1.00 23.83  ? 174 THR A C   1 
ATOM   835  O  O   . THR A 1 126 ? 1.911   14.030  -4.920  1.00 24.87  ? 174 THR A O   1 
ATOM   836  C  CB  . THR A 1 126 ? 3.787   16.590  -3.829  1.00 22.31  ? 174 THR A CB  1 
ATOM   837  O  OG1 . THR A 1 126 ? 4.297   17.189  -2.647  1.00 23.43  ? 174 THR A OG1 1 
ATOM   838  C  CG2 . THR A 1 126 ? 2.533   17.341  -4.295  1.00 24.65  ? 174 THR A CG2 1 
ATOM   839  N  N   . ALA A 1 127 ? 4.011   14.095  -5.733  1.00 22.74  ? 175 ALA A N   1 
ATOM   840  C  CA  . ALA A 1 127 ? 3.703   13.323  -6.943  1.00 23.40  ? 175 ALA A CA  1 
ATOM   841  C  C   . ALA A 1 127 ? 3.187   11.936  -6.574  1.00 24.21  ? 175 ALA A C   1 
ATOM   842  O  O   . ALA A 1 127 ? 2.273   11.435  -7.213  1.00 24.61  ? 175 ALA A O   1 
ATOM   843  C  CB  . ALA A 1 127 ? 4.961   13.208  -7.826  1.00 24.60  ? 175 ALA A CB  1 
ATOM   844  N  N   . VAL A 1 128 ? 3.793   11.296  -5.548  1.00 22.20  ? 176 VAL A N   1 
ATOM   845  C  CA  . VAL A 1 128 ? 3.347   9.956   -5.138  1.00 21.21  ? 176 VAL A CA  1 
ATOM   846  C  C   . VAL A 1 128 ? 1.857   10.008  -4.717  1.00 23.29  ? 176 VAL A C   1 
ATOM   847  O  O   . VAL A 1 128 ? 1.078   9.159   -5.138  1.00 22.13  ? 176 VAL A O   1 
ATOM   848  C  CB  . VAL A 1 128 ? 4.256   9.395   -4.015  1.00 25.04  ? 176 VAL A CB  1 
ATOM   849  C  CG1 . VAL A 1 128 ? 3.644   8.138   -3.357  1.00 24.22  ? 176 VAL A CG1 1 
ATOM   850  C  CG2 . VAL A 1 128 ? 5.659   9.120   -4.551  1.00 25.43  ? 176 VAL A CG2 1 
ATOM   851  N  N   . GLN A 1 129 ? 1.480   10.992  -3.872  1.00 22.11  ? 177 GLN A N   1 
ATOM   852  C  CA  . GLN A 1 129 ? 0.080   11.095  -3.400  1.00 20.14  ? 177 GLN A CA  1 
ATOM   853  C  C   . GLN A 1 129 ? -0.860  11.464  -4.542  1.00 21.90  ? 177 GLN A C   1 
ATOM   854  O  O   . GLN A 1 129 ? -1.978  10.964  -4.590  1.00 21.46  ? 177 GLN A O   1 
ATOM   855  C  CB  . GLN A 1 129 ? -0.059  12.064  -2.213  1.00 21.27  ? 177 GLN A CB  1 
ATOM   856  C  CG  . GLN A 1 129 ? 0.837   11.636  -1.020  1.00 20.23  ? 177 GLN A CG  1 
ATOM   857  C  CD  . GLN A 1 129 ? 0.678   10.184  -0.572  1.00 26.55  ? 177 GLN A CD  1 
ATOM   858  O  OE1 . GLN A 1 129 ? -0.325  9.518   -0.838  1.00 23.40  ? 177 GLN A OE1 1 
ATOM   859  N  NE2 . GLN A 1 129 ? 1.680   9.646   0.122   1.00 21.69  ? 177 GLN A NE2 1 
ATOM   860  N  N   . MET A 1 130 ? -0.400  12.283  -5.491  1.00 20.42  ? 178 MET A N   1 
ATOM   861  C  CA  . MET A 1 130 ? -1.248  12.542  -6.676  1.00 20.80  ? 178 MET A CA  1 
ATOM   862  C  C   . MET A 1 130 ? -1.460  11.225  -7.441  1.00 24.34  ? 178 MET A C   1 
ATOM   863  O  O   . MET A 1 130 ? -2.553  10.961  -7.920  1.00 24.15  ? 178 MET A O   1 
ATOM   864  C  CB  . MET A 1 130 ? -0.549  13.559  -7.597  1.00 22.22  ? 178 MET A CB  1 
ATOM   865  C  CG  . MET A 1 130 ? -0.545  14.968  -7.039  1.00 23.86  ? 178 MET A CG  1 
ATOM   866  S  SD  . MET A 1 130 ? 0.600   16.045  -7.959  1.00 27.82  ? 178 MET A SD  1 
ATOM   867  C  CE  . MET A 1 130 ? -0.342  16.270  -9.481  1.00 25.48  ? 178 MET A CE  1 
ATOM   868  N  N   . ALA A 1 131 ? -0.403  10.397  -7.549  1.00 23.05  ? 179 ALA A N   1 
ATOM   869  C  CA  . ALA A 1 131 ? -0.503  9.117   -8.279  1.00 22.21  ? 179 ALA A CA  1 
ATOM   870  C  C   . ALA A 1 131 ? -1.421  8.123   -7.566  1.00 24.62  ? 179 ALA A C   1 
ATOM   871  O  O   . ALA A 1 131 ? -2.186  7.420   -8.208  1.00 24.06  ? 179 ALA A O   1 
ATOM   872  C  CB  . ALA A 1 131 ? 0.877   8.523   -8.478  1.00 22.95  ? 179 ALA A CB  1 
ATOM   873  N  N   . VAL A 1 132 ? -1.387  8.086   -6.219  1.00 22.08  ? 180 VAL A N   1 
ATOM   874  C  CA  . VAL A 1 132 ? -2.274  7.225   -5.433  1.00 19.89  ? 180 VAL A CA  1 
ATOM   875  C  C   . VAL A 1 132 ? -3.734  7.635   -5.676  1.00 22.41  ? 180 VAL A C   1 
ATOM   876  O  O   . VAL A 1 132 ? -4.601  6.778   -5.882  1.00 21.18  ? 180 VAL A O   1 
ATOM   877  C  CB  . VAL A 1 132 ? -1.918  7.304   -3.907  1.00 22.83  ? 180 VAL A CB  1 
ATOM   878  C  CG1 . VAL A 1 132 ? -2.980  6.589   -3.064  1.00 22.00  ? 180 VAL A CG1 1 
ATOM   879  C  CG2 . VAL A 1 132 ? -0.543  6.688   -3.640  1.00 22.85  ? 180 VAL A CG2 1 
ATOM   880  N  N   . PHE A 1 133 ? -3.993  8.952   -5.637  1.00 20.23  ? 181 PHE A N   1 
ATOM   881  C  CA  . PHE A 1 133 ? -5.338  9.506   -5.867  1.00 20.93  ? 181 PHE A CA  1 
ATOM   882  C  C   . PHE A 1 133 ? -5.840  9.080   -7.257  1.00 23.31  ? 181 PHE A C   1 
ATOM   883  O  O   . PHE A 1 133 ? -6.934  8.541   -7.385  1.00 24.19  ? 181 PHE A O   1 
ATOM   884  C  CB  . PHE A 1 133 ? -5.244  11.050  -5.790  1.00 22.48  ? 181 PHE A CB  1 
ATOM   885  C  CG  . PHE A 1 133 ? -6.534  11.810  -6.036  1.00 24.47  ? 181 PHE A CG  1 
ATOM   886  C  CD1 . PHE A 1 133 ? -7.016  12.003  -7.334  1.00 25.80  ? 181 PHE A CD1 1 
ATOM   887  C  CD2 . PHE A 1 133 ? -7.210  12.420  -4.985  1.00 26.83  ? 181 PHE A CD2 1 
ATOM   888  C  CE1 . PHE A 1 133 ? -8.163  12.769  -7.569  1.00 27.39  ? 181 PHE A CE1 1 
ATOM   889  C  CE2 . PHE A 1 133 ? -8.343  13.218  -5.225  1.00 28.70  ? 181 PHE A CE2 1 
ATOM   890  C  CZ  . PHE A 1 133 ? -8.807  13.387  -6.513  1.00 27.17  ? 181 PHE A CZ  1 
ATOM   891  N  N   . ILE A 1 134 ? -5.038  9.347   -8.280  1.00 22.93  ? 182 ILE A N   1 
ATOM   892  C  CA  . ILE A 1 134 ? -5.412  9.022   -9.677  1.00 23.69  ? 182 ILE A CA  1 
ATOM   893  C  C   . ILE A 1 134 ? -5.696  7.525   -9.786  1.00 28.04  ? 182 ILE A C   1 
ATOM   894  O  O   . ILE A 1 134 ? -6.773  7.123   -10.258 1.00 27.86  ? 182 ILE A O   1 
ATOM   895  C  CB  . ILE A 1 134 ? -4.304  9.484   -10.651 1.00 25.74  ? 182 ILE A CB  1 
ATOM   896  C  CG1 . ILE A 1 134 ? -4.248  11.032  -10.737 1.00 25.86  ? 182 ILE A CG1 1 
ATOM   897  C  CG2 . ILE A 1 134 ? -4.488  8.853   -12.059 1.00 26.89  ? 182 ILE A CG2 1 
ATOM   898  C  CD1 . ILE A 1 134 ? -2.911  11.542  -11.202 1.00 30.25  ? 182 ILE A CD1 1 
ATOM   899  N  N   . HIS A 1 135 ? -4.764  6.701   -9.264  1.00 25.54  ? 183 HIS A N   1 
ATOM   900  C  CA  . HIS A 1 135 ? -4.938  5.245   -9.285  1.00 24.44  ? 183 HIS A CA  1 
ATOM   901  C  C   . HIS A 1 135 ? -6.229  4.814   -8.622  1.00 27.13  ? 183 HIS A C   1 
ATOM   902  O  O   . HIS A 1 135 ? -6.959  3.981   -9.189  1.00 27.08  ? 183 HIS A O   1 
ATOM   903  C  CB  . HIS A 1 135 ? -3.751  4.515   -8.600  1.00 25.41  ? 183 HIS A CB  1 
ATOM   904  C  CG  . HIS A 1 135 ? -4.025  3.046   -8.457  1.00 29.31  ? 183 HIS A CG  1 
ATOM   905  N  ND1 . HIS A 1 135 ? -3.922  2.196   -9.551  1.00 31.67  ? 183 HIS A ND1 1 
ATOM   906  C  CD2 . HIS A 1 135 ? -4.548  2.356   -7.420  1.00 30.56  ? 183 HIS A CD2 1 
ATOM   907  C  CE1 . HIS A 1 135 ? -4.327  1.010   -9.123  1.00 31.09  ? 183 HIS A CE1 1 
ATOM   908  N  NE2 . HIS A 1 135 ? -4.692  1.049   -7.841  1.00 31.25  ? 183 HIS A NE2 1 
ATOM   909  N  N   . ASN A 1 136 ? -6.494  5.295   -7.370  1.00 22.16  ? 184 ASN A N   1 
ATOM   910  C  CA  . ASN A 1 136 ? -7.645  4.822   -6.615  1.00 20.98  ? 184 ASN A CA  1 
ATOM   911  C  C   . ASN A 1 136 ? -8.975  5.275   -7.227  1.00 26.56  ? 184 ASN A C   1 
ATOM   912  O  O   . ASN A 1 136 ? -9.978  4.607   -7.024  1.00 26.79  ? 184 ASN A O   1 
ATOM   913  C  CB  . ASN A 1 136 ? -7.578  5.250   -5.122  1.00 21.19  ? 184 ASN A CB  1 
ATOM   914  C  CG  . ASN A 1 136 ? -6.541  4.445   -4.346  1.00 23.94  ? 184 ASN A CG  1 
ATOM   915  O  OD1 . ASN A 1 136 ? -6.113  3.347   -4.756  1.00 23.64  ? 184 ASN A OD1 1 
ATOM   916  N  ND2 . ASN A 1 136 ? -6.110  4.952   -3.196  1.00 23.20  ? 184 ASN A ND2 1 
ATOM   917  N  N   . LYS A 1 137 ? -8.981  6.391   -7.933  1.00 26.24  ? 185 LYS A N   1 
ATOM   918  C  CA  . LYS A 1 137 ? -10.225 6.966   -8.481  1.00 27.93  ? 185 LYS A CA  1 
ATOM   919  C  C   . LYS A 1 137 ? -10.555 6.523   -9.919  1.00 35.54  ? 185 LYS A C   1 
ATOM   920  O  O   . LYS A 1 137 ? -11.690 6.717   -10.355 1.00 35.25  ? 185 LYS A O   1 
ATOM   921  C  CB  . LYS A 1 137 ? -10.154 8.483   -8.436  1.00 29.66  ? 185 LYS A CB  1 
ATOM   922  C  CG  . LYS A 1 137 ? -10.319 8.999   -7.000  1.00 41.85  ? 185 LYS A CG  1 
ATOM   923  C  CD  . LYS A 1 137 ? -10.915 10.383  -6.945  1.00 54.88  ? 185 LYS A CD  1 
ATOM   924  C  CE  . LYS A 1 137 ? -11.152 10.799  -5.516  1.00 57.69  ? 185 LYS A CE  1 
ATOM   925  N  NZ  . LYS A 1 137 ? -12.570 11.181  -5.264  1.00 64.01  ? 185 LYS A NZ  1 
ATOM   926  N  N   . LYS A 1 138 ? -9.601  5.918   -10.626 1.00 35.18  ? 186 LYS A N   1 
ATOM   927  C  CA  . LYS A 1 138 ? -9.774  5.467   -12.015 1.00 36.16  ? 186 LYS A CA  1 
ATOM   928  C  C   . LYS A 1 138 ? -10.751 4.286   -12.111 1.00 43.78  ? 186 LYS A C   1 
ATOM   929  O  O   . LYS A 1 138 ? -10.525 3.253   -11.480 1.00 42.07  ? 186 LYS A O   1 
ATOM   930  C  CB  . LYS A 1 138 ? -8.403  5.084   -12.609 1.00 39.58  ? 186 LYS A CB  1 
ATOM   931  C  CG  . LYS A 1 138 ? -8.362  5.060   -14.139 1.00 55.36  ? 186 LYS A CG  1 
ATOM   932  C  CD  . LYS A 1 138 ? -7.265  5.978   -14.701 1.00 64.56  ? 186 LYS A CD  1 
ATOM   933  C  CE  . LYS A 1 138 ? -5.866  5.390   -14.632 1.00 61.25  ? 186 LYS A CE  1 
ATOM   934  N  NZ  . LYS A 1 138 ? -4.821  6.408   -14.934 1.00 47.35  ? 186 LYS A NZ  1 
ATOM   935  N  N   . ARG A 1 139 ? -11.839 4.431   -12.918 1.00 44.52  ? 187 ARG A N   1 
ATOM   936  C  CA  . ARG A 1 139 ? -12.809 3.337   -13.115 1.00 45.41  ? 187 ARG A CA  1 
ATOM   937  C  C   . ARG A 1 139 ? -12.224 2.312   -14.087 1.00 50.26  ? 187 ARG A C   1 
ATOM   938  O  O   . ARG A 1 139 ? -11.628 2.697   -15.094 1.00 50.33  ? 187 ARG A O   1 
ATOM   939  C  CB  . ARG A 1 139 ? -14.176 3.842   -13.614 1.00 47.98  ? 187 ARG A CB  1 
ATOM   940  C  CG  . ARG A 1 139 ? -14.874 4.845   -12.685 1.00 62.15  ? 187 ARG A CG  1 
ATOM   941  C  CD  . ARG A 1 139 ? -15.492 4.214   -11.460 1.00 74.34  ? 187 ARG A CD  1 
ATOM   942  N  NE  . ARG A 1 139 ? -16.954 4.204   -11.504 1.00 85.78  ? 187 ARG A NE  1 
ATOM   943  C  CZ  . ARG A 1 139 ? -17.727 5.151   -10.977 1.00 104.38 ? 187 ARG A CZ  1 
ATOM   944  N  NH1 . ARG A 1 139 ? -19.049 5.055   -11.055 1.00 94.76  ? 187 ARG A NH1 1 
ATOM   945  N  NH2 . ARG A 1 139 ? -17.185 6.200   -10.370 1.00 90.72  ? 187 ARG A NH2 1 
ATOM   946  N  N   . LYS A 1 140 ? -12.366 1.015   -13.768 1.00 47.92  ? 188 LYS A N   1 
ATOM   947  C  CA  . LYS A 1 140 ? -11.814 -0.078  -14.577 1.00 67.68  ? 188 LYS A CA  1 
ATOM   948  C  C   . LYS A 1 140 ? -12.928 -0.901  -15.215 1.00 100.80 ? 188 LYS A C   1 
ATOM   949  O  O   . LYS A 1 140 ? -13.833 -1.356  -14.519 1.00 67.89  ? 188 LYS A O   1 
ATOM   950  C  CB  . LYS A 1 140 ? -10.894 -0.989  -13.726 1.00 69.51  ? 188 LYS A CB  1 
ATOM   951  C  CG  . LYS A 1 140 ? -9.709  -0.284  -13.045 1.00 73.60  ? 188 LYS A CG  1 
ATOM   952  C  CD  . LYS A 1 140 ? -8.567  0.045   -14.014 1.00 76.25  ? 188 LYS A CD  1 
ATOM   953  C  CE  . LYS A 1 140 ? -7.383  0.677   -13.325 1.00 78.78  ? 188 LYS A CE  1 
ATOM   954  N  NZ  . LYS A 1 140 ? -6.552  -0.329  -12.606 1.00 79.54  ? 188 LYS A NZ  1 
ATOM   955  N  N   . GLY A 1 145 ? -18.498 -0.950  -14.141 1.00 55.78  ? 193 GLY A N   1 
ATOM   956  C  CA  . GLY A 1 145 ? -17.095 -0.576  -13.989 1.00 55.04  ? 193 GLY A CA  1 
ATOM   957  C  C   . GLY A 1 145 ? -16.852 0.321   -12.793 1.00 56.72  ? 193 GLY A C   1 
ATOM   958  O  O   . GLY A 1 145 ? -17.324 1.459   -12.760 1.00 57.31  ? 193 GLY A O   1 
ATOM   959  N  N   . TYR A 1 146 ? -16.097 -0.177  -11.804 1.00 50.47  ? 194 TYR A N   1 
ATOM   960  C  CA  . TYR A 1 146 ? -15.815 0.572   -10.575 1.00 48.34  ? 194 TYR A CA  1 
ATOM   961  C  C   . TYR A 1 146 ? -14.326 0.857   -10.399 1.00 42.94  ? 194 TYR A C   1 
ATOM   962  O  O   . TYR A 1 146 ? -13.483 0.198   -11.015 1.00 41.58  ? 194 TYR A O   1 
ATOM   963  C  CB  . TYR A 1 146 ? -16.332 -0.203  -9.351  1.00 51.38  ? 194 TYR A CB  1 
ATOM   964  C  CG  . TYR A 1 146 ? -17.831 -0.424  -9.358  1.00 55.94  ? 194 TYR A CG  1 
ATOM   965  C  CD1 . TYR A 1 146 ? -18.698 0.534   -8.838  1.00 58.58  ? 194 TYR A CD1 1 
ATOM   966  C  CD2 . TYR A 1 146 ? -18.380 -1.602  -9.859  1.00 57.29  ? 194 TYR A CD2 1 
ATOM   967  C  CE1 . TYR A 1 146 ? -20.076 0.335   -8.836  1.00 61.02  ? 194 TYR A CE1 1 
ATOM   968  C  CE2 . TYR A 1 146 ? -19.759 -1.814  -9.857  1.00 58.80  ? 194 TYR A CE2 1 
ATOM   969  C  CZ  . TYR A 1 146 ? -20.603 -0.840  -9.347  1.00 69.64  ? 194 TYR A CZ  1 
ATOM   970  O  OH  . TYR A 1 146 ? -21.961 -1.033  -9.344  1.00 76.52  ? 194 TYR A OH  1 
ATOM   971  N  N   . SER A 1 147 ? -14.006 1.831   -9.533  1.00 34.87  ? 195 SER A N   1 
ATOM   972  C  CA  . SER A 1 147 ? -12.620 2.164   -9.203  1.00 32.01  ? 195 SER A CA  1 
ATOM   973  C  C   . SER A 1 147 ? -12.142 1.296   -8.035  1.00 32.59  ? 195 SER A C   1 
ATOM   974  O  O   . SER A 1 147 ? -12.950 0.721   -7.318  1.00 30.59  ? 195 SER A O   1 
ATOM   975  C  CB  . SER A 1 147 ? -12.501 3.644   -8.845  1.00 32.34  ? 195 SER A CB  1 
ATOM   976  O  OG  . SER A 1 147 ? -13.210 3.917   -7.644  1.00 32.17  ? 195 SER A OG  1 
ATOM   977  N  N   . ALA A 1 148 ? -10.825 1.241   -7.811  1.00 29.74  ? 196 ALA A N   1 
ATOM   978  C  CA  . ALA A 1 148 ? -10.270 0.519   -6.666  1.00 28.46  ? 196 ALA A CA  1 
ATOM   979  C  C   . ALA A 1 148 ? -10.805 1.116   -5.359  1.00 30.16  ? 196 ALA A C   1 
ATOM   980  O  O   . ALA A 1 148 ? -11.115 0.364   -4.444  1.00 29.70  ? 196 ALA A O   1 
ATOM   981  C  CB  . ALA A 1 148 ? -8.739  0.584   -6.713  1.00 29.34  ? 196 ALA A CB  1 
ATOM   982  N  N   . GLY A 1 149 ? -10.962 2.447   -5.294  1.00 27.68  ? 197 GLY A N   1 
ATOM   983  C  CA  . GLY A 1 149 ? -11.507 3.113   -4.109  1.00 27.47  ? 197 GLY A CA  1 
ATOM   984  C  C   . GLY A 1 149 ? -12.931 2.678   -3.795  1.00 31.47  ? 197 GLY A C   1 
ATOM   985  O  O   . GLY A 1 149 ? -13.305 2.493   -2.634  1.00 29.81  ? 197 GLY A O   1 
ATOM   986  N  N   . GLU A 1 150 ? -13.742 2.477   -4.849  1.00 29.42  ? 198 GLU A N   1 
ATOM   987  C  CA  . GLU A 1 150 ? -15.121 2.029   -4.705  1.00 29.71  ? 198 GLU A CA  1 
ATOM   988  C  C   . GLU A 1 150 ? -15.164 0.553   -4.342  1.00 31.67  ? 198 GLU A C   1 
ATOM   989  O  O   . GLU A 1 150 ? -15.935 0.177   -3.475  1.00 31.92  ? 198 GLU A O   1 
ATOM   990  C  CB  . GLU A 1 150 ? -15.897 2.279   -6.015  1.00 31.67  ? 198 GLU A CB  1 
ATOM   991  C  CG  . GLU A 1 150 ? -16.223 3.746   -6.230  1.00 36.17  ? 198 GLU A CG  1 
ATOM   992  C  CD  . GLU A 1 150 ? -16.789 4.096   -7.593  1.00 53.53  ? 198 GLU A CD  1 
ATOM   993  O  OE1 . GLU A 1 150 ? -16.546 3.339   -8.560  1.00 38.31  ? 198 GLU A OE1 1 
ATOM   994  O  OE2 . GLU A 1 150 ? -17.430 5.164   -7.705  1.00 49.85  ? 198 GLU A OE2 1 
ATOM   995  N  N   . ARG A 1 151 ? -14.317 -0.273  -4.987  1.00 29.72  ? 199 ARG A N   1 
ATOM   996  C  CA  A ARG A 1 151 ? -14.278 -1.721  -4.732  0.60 29.22  ? 199 ARG A CA  1 
ATOM   997  C  CA  B ARG A 1 151 ? -14.272 -1.714  -4.743  0.40 29.27  ? 199 ARG A CA  1 
ATOM   998  C  C   . ARG A 1 151 ? -13.864 -2.012  -3.290  1.00 32.00  ? 199 ARG A C   1 
ATOM   999  O  O   . ARG A 1 151 ? -14.500 -2.833  -2.635  1.00 30.75  ? 199 ARG A O   1 
ATOM   1000 C  CB  A ARG A 1 151 ? -13.329 -2.442  -5.706  0.60 30.86  ? 199 ARG A CB  1 
ATOM   1001 C  CB  B ARG A 1 151 ? -13.304 -2.377  -5.737  0.40 30.79  ? 199 ARG A CB  1 
ATOM   1002 C  CG  A ARG A 1 151 ? -13.783 -2.465  -7.172  0.60 34.78  ? 199 ARG A CG  1 
ATOM   1003 C  CG  B ARG A 1 151 ? -13.384 -3.897  -5.795  0.40 37.93  ? 199 ARG A CG  1 
ATOM   1004 C  CD  A ARG A 1 151 ? -12.923 -3.374  -8.048  0.60 40.80  ? 199 ARG A CD  1 
ATOM   1005 C  CD  B ARG A 1 151 ? -14.418 -4.429  -6.772  0.40 45.03  ? 199 ARG A CD  1 
ATOM   1006 N  NE  A ARG A 1 151 ? -11.507 -2.983  -8.118  0.60 44.88  ? 199 ARG A NE  1 
ATOM   1007 N  NE  B ARG A 1 151 ? -14.719 -5.835  -6.499  0.40 48.54  ? 199 ARG A NE  1 
ATOM   1008 C  CZ  A ARG A 1 151 ? -10.961 -2.269  -9.103  0.60 55.09  ? 199 ARG A CZ  1 
ATOM   1009 C  CZ  B ARG A 1 151 ? -15.777 -6.257  -5.814  0.40 59.69  ? 199 ARG A CZ  1 
ATOM   1010 N  NH1 A ARG A 1 151 ? -11.707 -1.838  -10.114 0.60 39.43  ? 199 ARG A NH1 1 
ATOM   1011 N  NH1 B ARG A 1 151 ? -16.669 -5.387  -5.353  0.40 45.38  ? 199 ARG A NH1 1 
ATOM   1012 N  NH2 A ARG A 1 151 ? -9.660  -1.991  -9.090  0.60 32.63  ? 199 ARG A NH2 1 
ATOM   1013 N  NH2 B ARG A 1 151 ? -15.960 -7.551  -5.597  0.40 45.13  ? 199 ARG A NH2 1 
ATOM   1014 N  N   . ILE A 1 152 ? -12.815 -1.311  -2.750  1.00 26.93  ? 200 ILE A N   1 
ATOM   1015 C  CA  . ILE A 1 152 ? -12.445 -1.637  -1.360  1.00 25.54  ? 200 ILE A CA  1 
ATOM   1016 C  C   . ILE A 1 152 ? -13.598 -1.375  -0.382  1.00 30.92  ? 200 ILE A C   1 
ATOM   1017 O  O   . ILE A 1 152 ? -13.880 -2.230  0.450   1.00 30.39  ? 200 ILE A O   1 
ATOM   1018 C  CB  . ILE A 1 152 ? -11.111 -0.972  -0.880  1.00 27.02  ? 200 ILE A CB  1 
ATOM   1019 C  CG1 . ILE A 1 152 ? -10.688 -1.544  0.493   1.00 26.34  ? 200 ILE A CG1 1 
ATOM   1020 C  CG2 . ILE A 1 152 ? -11.162 0.578   -0.902  1.00 26.65  ? 200 ILE A CG2 1 
ATOM   1021 C  CD1 . ILE A 1 152 ? -9.236  -1.181  0.927   1.00 28.40  ? 200 ILE A CD1 1 
ATOM   1022 N  N   . VAL A 1 153 ? -14.289 -0.235  -0.484  1.00 29.26  ? 201 VAL A N   1 
ATOM   1023 C  CA  . VAL A 1 153 ? -15.356 0.023   0.477   1.00 29.68  ? 201 VAL A CA  1 
ATOM   1024 C  C   . VAL A 1 153 ? -16.503 -0.977  0.275   1.00 34.24  ? 201 VAL A C   1 
ATOM   1025 O  O   . VAL A 1 153 ? -17.093 -1.394  1.260   1.00 33.70  ? 201 VAL A O   1 
ATOM   1026 C  CB  . VAL A 1 153 ? -15.838 1.496   0.505   1.00 33.48  ? 201 VAL A CB  1 
ATOM   1027 C  CG1 . VAL A 1 153 ? -14.674 2.450   0.795   1.00 32.24  ? 201 VAL A CG1 1 
ATOM   1028 C  CG2 . VAL A 1 153 ? -16.521 1.877   -0.792  1.00 33.25  ? 201 VAL A CG2 1 
ATOM   1029 N  N   . ASP A 1 154 ? -16.767 -1.398  -0.971  1.00 34.04  ? 202 ASP A N   1 
ATOM   1030 C  CA  . ASP A 1 154 ? -17.825 -2.384  -1.217  1.00 35.12  ? 202 ASP A CA  1 
ATOM   1031 C  C   . ASP A 1 154 ? -17.439 -3.739  -0.628  1.00 38.18  ? 202 ASP A C   1 
ATOM   1032 O  O   . ASP A 1 154 ? -18.231 -4.320  0.102   1.00 38.35  ? 202 ASP A O   1 
ATOM   1033 C  CB  . ASP A 1 154 ? -18.137 -2.513  -2.711  1.00 37.64  ? 202 ASP A CB  1 
ATOM   1034 C  CG  . ASP A 1 154 ? -19.254 -3.512  -2.992  1.00 54.10  ? 202 ASP A CG  1 
ATOM   1035 O  OD1 . ASP A 1 154 ? -20.327 -3.399  -2.350  1.00 55.12  ? 202 ASP A OD1 1 
ATOM   1036 O  OD2 . ASP A 1 154 ? -19.038 -4.427  -3.815  1.00 59.33  ? 202 ASP A OD2 1 
ATOM   1037 N  N   . ILE A 1 155 ? -16.200 -4.206  -0.879  1.00 35.04  ? 203 ILE A N   1 
ATOM   1038 C  CA  . ILE A 1 155 ? -15.715 -5.492  -0.346  1.00 33.88  ? 203 ILE A CA  1 
ATOM   1039 C  C   . ILE A 1 155 ? -15.777 -5.518  1.196   1.00 37.10  ? 203 ILE A C   1 
ATOM   1040 O  O   . ILE A 1 155 ? -16.259 -6.496  1.764   1.00 36.91  ? 203 ILE A O   1 
ATOM   1041 C  CB  . ILE A 1 155 ? -14.286 -5.819  -0.870  1.00 36.65  ? 203 ILE A CB  1 
ATOM   1042 C  CG1 . ILE A 1 155 ? -14.287 -6.077  -2.392  1.00 36.98  ? 203 ILE A CG1 1 
ATOM   1043 C  CG2 . ILE A 1 155 ? -13.664 -7.001  -0.115  1.00 36.94  ? 203 ILE A CG2 1 
ATOM   1044 C  CD1 . ILE A 1 155 ? -12.885 -6.081  -3.051  1.00 39.25  ? 203 ILE A CD1 1 
ATOM   1045 N  N   . ILE A 1 156 ? -15.283 -4.465  1.868   1.00 32.36  ? 204 ILE A N   1 
ATOM   1046 C  CA  . ILE A 1 156 ? -15.243 -4.414  3.337   1.00 32.04  ? 204 ILE A CA  1 
ATOM   1047 C  C   . ILE A 1 156 ? -16.643 -4.289  3.933   1.00 38.46  ? 204 ILE A C   1 
ATOM   1048 O  O   . ILE A 1 156 ? -16.924 -4.972  4.920   1.00 39.05  ? 204 ILE A O   1 
ATOM   1049 C  CB  . ILE A 1 156 ? -14.292 -3.293  3.876   1.00 33.65  ? 204 ILE A CB  1 
ATOM   1050 C  CG1 . ILE A 1 156 ? -12.863 -3.413  3.285   1.00 34.59  ? 204 ILE A CG1 1 
ATOM   1051 C  CG2 . ILE A 1 156 ? -14.261 -3.238  5.423   1.00 32.60  ? 204 ILE A CG2 1 
ATOM   1052 C  CD1 . ILE A 1 156 ? -12.101 -4.737  3.532   1.00 41.66  ? 204 ILE A CD1 1 
ATOM   1053 N  N   . ALA A 1 157 ? -17.509 -3.422  3.358   1.00 36.76  ? 205 ALA A N   1 
ATOM   1054 C  CA  . ALA A 1 157 ? -18.887 -3.238  3.858   1.00 37.74  ? 205 ALA A CA  1 
ATOM   1055 C  C   . ALA A 1 157 ? -19.695 -4.546  3.738   1.00 44.34  ? 205 ALA A C   1 
ATOM   1056 O  O   . ALA A 1 157 ? -20.386 -4.925  4.693   1.00 44.37  ? 205 ALA A O   1 
ATOM   1057 C  CB  . ALA A 1 157 ? -19.582 -2.123  3.103   1.00 38.19  ? 205 ALA A CB  1 
ATOM   1058 N  N   . THR A 1 158 ? -19.559 -5.249  2.598   1.00 43.05  ? 206 THR A N   1 
ATOM   1059 C  CA  . THR A 1 158 ? -20.233 -6.532  2.351   1.00 43.91  ? 206 THR A CA  1 
ATOM   1060 C  C   . THR A 1 158 ? -19.708 -7.587  3.335   1.00 50.68  ? 206 THR A C   1 
ATOM   1061 O  O   . THR A 1 158 ? -20.515 -8.290  3.935   1.00 49.94  ? 206 THR A O   1 
ATOM   1062 C  CB  . THR A 1 158 ? -20.091 -6.951  0.886   1.00 49.12  ? 206 THR A CB  1 
ATOM   1063 O  OG1 . THR A 1 158 ? -20.649 -5.913  0.085   1.00 52.46  ? 206 THR A OG1 1 
ATOM   1064 C  CG2 . THR A 1 158 ? -20.812 -8.266  0.568   1.00 48.30  ? 206 THR A CG2 1 
ATOM   1065 N  N   . ASP A 1 159 ? -18.380 -7.642  3.570   1.00 49.90  ? 207 ASP A N   1 
ATOM   1066 C  CA  . ASP A 1 159 ? -17.790 -8.597  4.522   1.00 50.03  ? 207 ASP A CA  1 
ATOM   1067 C  C   . ASP A 1 159 ? -18.325 -8.393  5.951   1.00 56.63  ? 207 ASP A C   1 
ATOM   1068 O  O   . ASP A 1 159 ? -18.547 -9.386  6.645   1.00 57.98  ? 207 ASP A O   1 
ATOM   1069 C  CB  . ASP A 1 159 ? -16.260 -8.533  4.511   1.00 50.73  ? 207 ASP A CB  1 
ATOM   1070 C  CG  . ASP A 1 159 ? -15.607 -9.728  5.184   1.00 55.16  ? 207 ASP A CG  1 
ATOM   1071 O  OD1 . ASP A 1 159 ? -15.765 -10.866 4.669   1.00 57.80  ? 207 ASP A OD1 1 
ATOM   1072 O  OD2 . ASP A 1 159 ? -14.924 -9.529  6.201   1.00 51.75  ? 207 ASP A OD2 1 
ATOM   1073 N  N   . ILE A 1 160 ? -18.559 -7.129  6.380   1.00 53.40  ? 208 ILE A N   1 
ATOM   1074 C  CA  . ILE A 1 160 ? -19.113 -6.820  7.712   1.00 53.61  ? 208 ILE A CA  1 
ATOM   1075 C  C   . ILE A 1 160 ? -20.569 -7.331  7.796   1.00 59.83  ? 208 ILE A C   1 
ATOM   1076 O  O   . ILE A 1 160 ? -20.893 -8.066  8.729   1.00 59.65  ? 208 ILE A O   1 
ATOM   1077 C  CB  . ILE A 1 160 ? -19.019 -5.304  8.067   1.00 56.24  ? 208 ILE A CB  1 
ATOM   1078 C  CG1 . ILE A 1 160 ? -17.549 -4.862  8.211   1.00 56.39  ? 208 ILE A CG1 1 
ATOM   1079 C  CG2 . ILE A 1 160 ? -19.823 -4.971  9.349   1.00 56.51  ? 208 ILE A CG2 1 
ATOM   1080 C  CD1 . ILE A 1 160 ? -17.294 -3.395  7.893   1.00 62.23  ? 208 ILE A CD1 1 
ATOM   1081 N  N   . GLN A 1 161 ? -21.427 -6.930  6.821   1.00 57.41  ? 209 GLN A N   1 
ATOM   1082 C  CA  . GLN A 1 161 ? -22.842 -7.300  6.755   1.00 88.44  ? 209 GLN A CA  1 
ATOM   1083 C  C   . GLN A 1 161 ? -23.014 -8.689  6.116   1.00 118.64 ? 209 GLN A C   1 
ATOM   1084 O  O   . GLN A 1 161 ? -23.222 -8.819  4.909   1.00 82.42  ? 209 GLN A O   1 
ATOM   1085 C  CB  . GLN A 1 161 ? -23.645 -6.232  5.991   1.00 89.75  ? 209 GLN A CB  1 
HETATM 1086 AS AS  . CAC B 2 .   ? 9.902   -2.442  2.403   0.70 28.02  ? 301 CAC A AS  1 
HETATM 1087 C  C1  . CAC B 2 .   ? 8.138   -2.877  3.172   0.70 27.59  ? 301 CAC A C1  1 
HETATM 1088 C  C2  . CAC B 2 .   ? 10.772  -2.029  4.063   0.70 27.37  ? 301 CAC A C2  1 
HETATM 1089 AS AS  . CAC C 2 .   ? 3.869   -9.112  10.422  1.00 44.87  ? 302 CAC A AS  1 
HETATM 1090 C  C1  . CAC C 2 .   ? 2.715   -10.671 10.569  1.00 41.79  ? 302 CAC A C1  1 
HETATM 1091 C  C2  . CAC C 2 .   ? 5.228   -9.819  11.621  1.00 37.66  ? 302 CAC A C2  1 
HETATM 1092 S  S   . SO4 D 3 .   ? 12.083  16.128  -2.828  1.00 48.23  ? 303 SO4 A S   1 
HETATM 1093 O  O1  . SO4 D 3 .   ? 11.540  15.231  -3.842  1.00 44.13  ? 303 SO4 A O1  1 
HETATM 1094 O  O2  . SO4 D 3 .   ? 13.498  15.803  -2.619  1.00 52.48  ? 303 SO4 A O2  1 
HETATM 1095 O  O3  . SO4 D 3 .   ? 11.988  17.514  -3.308  1.00 50.25  ? 303 SO4 A O3  1 
HETATM 1096 O  O4  . SO4 D 3 .   ? 11.380  16.037  -1.533  1.00 48.16  ? 303 SO4 A O4  1 
HETATM 1097 S  S   . SO4 E 3 .   ? -1.064  24.108  -8.505  1.00 101.32 ? 304 SO4 A S   1 
HETATM 1098 O  O1  . SO4 E 3 .   ? -0.706  23.233  -9.626  1.00 100.37 ? 304 SO4 A O1  1 
HETATM 1099 O  O2  . SO4 E 3 .   ? -1.348  25.461  -8.995  1.00 100.98 ? 304 SO4 A O2  1 
HETATM 1100 O  O3  . SO4 E 3 .   ? 0.045   24.158  -7.549  1.00 101.76 ? 304 SO4 A O3  1 
HETATM 1101 O  O4  . SO4 E 3 .   ? -2.253  23.576  -7.846  1.00 101.77 ? 304 SO4 A O4  1 
HETATM 1102 S  S   . SO4 F 3 .   ? -2.400  5.594   -20.150 1.00 104.81 ? 305 SO4 A S   1 
HETATM 1103 O  O1  . SO4 F 3 .   ? -3.480  5.932   -21.078 1.00 104.75 ? 305 SO4 A O1  1 
HETATM 1104 O  O2  . SO4 F 3 .   ? -1.124  5.574   -20.866 1.00 105.10 ? 305 SO4 A O2  1 
HETATM 1105 O  O3  . SO4 F 3 .   ? -2.330  6.581   -19.075 1.00 104.78 ? 305 SO4 A O3  1 
HETATM 1106 O  O4  . SO4 F 3 .   ? -2.659  4.277   -19.570 1.00 105.68 ? 305 SO4 A O4  1 
HETATM 1107 S  S   . SO4 G 3 .   ? 12.577  -1.536  -6.935  1.00 121.20 ? 306 SO4 A S   1 
HETATM 1108 O  O1  . SO4 G 3 .   ? 11.179  -1.586  -7.363  1.00 121.17 ? 306 SO4 A O1  1 
HETATM 1109 O  O2  . SO4 G 3 .   ? 13.428  -1.976  -8.041  1.00 121.71 ? 306 SO4 A O2  1 
HETATM 1110 O  O3  . SO4 G 3 .   ? 12.932  -0.166  -6.565  1.00 120.69 ? 306 SO4 A O3  1 
HETATM 1111 O  O4  . SO4 G 3 .   ? 12.772  -2.420  -5.783  1.00 121.01 ? 306 SO4 A O4  1 
HETATM 1112 C  C1  . EDO H 4 .   ? 15.258  -3.636  14.293  1.00 54.99  ? 307 EDO A C1  1 
HETATM 1113 O  O1  . EDO H 4 .   ? 14.033  -2.979  14.644  1.00 58.65  ? 307 EDO A O1  1 
HETATM 1114 C  C2  . EDO H 4 .   ? 15.719  -4.600  15.421  1.00 51.72  ? 307 EDO A C2  1 
HETATM 1115 O  O2  . EDO H 4 .   ? 15.029  -5.854  15.400  1.00 46.56  ? 307 EDO A O2  1 
HETATM 1116 C  C1  . EDO I 4 .   ? 3.003   22.965  -13.546 1.00 71.78  ? 308 EDO A C1  1 
HETATM 1117 O  O1  . EDO I 4 .   ? 2.117   21.924  -13.162 1.00 70.91  ? 308 EDO A O1  1 
HETATM 1118 C  C2  . EDO I 4 .   ? 4.444   22.412  -13.692 1.00 72.46  ? 308 EDO A C2  1 
HETATM 1119 O  O2  . EDO I 4 .   ? 4.487   21.414  -14.702 1.00 72.51  ? 308 EDO A O2  1 
HETATM 1120 C  C1  . EDO J 4 .   ? 10.365  19.235  -9.835  1.00 58.11  ? 309 EDO A C1  1 
HETATM 1121 O  O1  . EDO J 4 .   ? 9.315   18.653  -10.591 1.00 57.15  ? 309 EDO A O1  1 
HETATM 1122 C  C2  . EDO J 4 .   ? 11.281  18.116  -9.297  1.00 58.81  ? 309 EDO A C2  1 
HETATM 1123 O  O2  . EDO J 4 .   ? 11.944  18.591  -8.138  1.00 59.72  ? 309 EDO A O2  1 
HETATM 1124 C  C13 . 65P K 5 .   ? 4.902   29.345  -4.889  1.00 56.67  ? 310 65P A C13 1 
HETATM 1125 C  C15 . 65P K 5 .   ? 5.639   29.781  -5.979  1.00 59.79  ? 310 65P A C15 1 
HETATM 1126 C  C17 . 65P K 5 .   ? 6.225   28.845  -6.795  1.00 62.54  ? 310 65P A C17 1 
HETATM 1127 C  C21 . 65P K 5 .   ? 5.343   27.061  -5.474  1.00 55.96  ? 310 65P A C21 1 
HETATM 1128 C  C28 . 65P K 5 .   ? 2.602   22.793  -3.836  1.00 29.39  ? 310 65P A C28 1 
HETATM 1129 C  C01 . 65P K 5 .   ? 6.214   22.859  -2.332  1.00 31.37  ? 310 65P A C01 1 
HETATM 1130 C  C05 . 65P K 5 .   ? 4.874   23.281  -2.887  1.00 31.46  ? 310 65P A C05 1 
HETATM 1131 N  N06 . 65P K 5 .   ? 4.684   24.606  -3.014  1.00 32.46  ? 310 65P A N06 1 
HETATM 1132 C  C07 . 65P K 5 .   ? 3.521   25.024  -3.524  1.00 33.67  ? 310 65P A C07 1 
HETATM 1133 N  N08 . 65P K 5 .   ? 3.139   26.329  -3.728  1.00 38.02  ? 310 65P A N08 1 
HETATM 1134 C  C09 . 65P K 5 .   ? 3.935   27.525  -3.435  1.00 45.28  ? 310 65P A C09 1 
HETATM 1135 C  C12 . 65P K 5 .   ? 4.746   27.990  -4.621  1.00 52.52  ? 310 65P A C12 1 
HETATM 1136 F  F18 . 65P K 5 .   ? 6.950   29.239  -7.869  1.00 66.20  ? 310 65P A F18 1 
HETATM 1137 C  C19 . 65P K 5 .   ? 6.071   27.507  -6.548  1.00 60.79  ? 310 65P A C19 1 
HETATM 1138 F  F20 . 65P K 5 .   ? 6.648   26.614  -7.387  1.00 61.73  ? 310 65P A F20 1 
HETATM 1139 C  C23 . 65P K 5 .   ? 1.887   26.313  -4.310  1.00 36.39  ? 310 65P A C23 1 
HETATM 1140 C  C25 . 65P K 5 .   ? 1.438   25.044  -4.432  1.00 32.87  ? 310 65P A C25 1 
HETATM 1141 C  C27 . 65P K 5 .   ? 2.464   24.205  -3.892  1.00 32.40  ? 310 65P A C27 1 
HETATM 1142 C  C29 . 65P K 5 .   ? 1.426   21.952  -4.223  1.00 26.41  ? 310 65P A C29 1 
HETATM 1143 C  C30 . 65P K 5 .   ? 0.430   21.761  -3.257  1.00 25.36  ? 310 65P A C30 1 
HETATM 1144 C  C32 . 65P K 5 .   ? -0.672  20.968  -3.539  1.00 24.13  ? 310 65P A C32 1 
HETATM 1145 C  C34 . 65P K 5 .   ? -0.732  20.291  -4.748  1.00 23.77  ? 310 65P A C34 1 
HETATM 1146 O  O35 . 65P K 5 .   ? -1.844  19.509  -4.951  1.00 24.15  ? 310 65P A O35 1 
HETATM 1147 C  C36 . 65P K 5 .   ? -1.771  18.595  -6.058  1.00 25.43  ? 310 65P A C36 1 
HETATM 1148 C  C39 . 65P K 5 .   ? -1.293  19.268  -7.321  1.00 26.14  ? 310 65P A C39 1 
HETATM 1149 C  C42 . 65P K 5 .   ? 0.098   19.824  -7.105  1.00 25.08  ? 310 65P A C42 1 
HETATM 1150 C  C45 . 65P K 5 .   ? 0.242   20.484  -5.745  1.00 26.08  ? 310 65P A C45 1 
HETATM 1151 C  C46 . 65P K 5 .   ? 1.345   21.312  -5.483  1.00 27.39  ? 310 65P A C46 1 
HETATM 1152 C  C47 . 65P K 5 .   ? 2.400   21.525  -6.545  1.00 29.38  ? 310 65P A C47 1 
HETATM 1153 C  C51 . 65P K 5 .   ? 3.856   22.375  -3.321  1.00 27.62  ? 310 65P A C51 1 
HETATM 1154 C  C52 . 65P K 5 .   ? 4.023   20.843  -3.181  1.00 26.59  ? 310 65P A C52 1 
HETATM 1155 O  O54 . 65P K 5 .   ? 4.350   20.465  -1.827  1.00 27.17  ? 310 65P A O54 1 
HETATM 1156 C  C55 . 65P K 5 .   ? 3.467   20.258  -0.692  1.00 28.46  ? 310 65P A C55 1 
HETATM 1157 C  C56 . 65P K 5 .   ? 2.986   21.606  -0.204  1.00 26.06  ? 310 65P A C56 1 
HETATM 1158 C  C60 . 65P K 5 .   ? 4.357   19.596  0.335   1.00 26.01  ? 310 65P A C60 1 
HETATM 1159 C  C64 . 65P K 5 .   ? 2.305   19.360  -1.069  1.00 28.92  ? 310 65P A C64 1 
HETATM 1160 C  C68 . 65P K 5 .   ? 5.050   20.236  -4.126  1.00 27.87  ? 310 65P A C68 1 
HETATM 1161 O  O69 . 65P K 5 .   ? 5.608   19.186  -3.884  1.00 27.06  ? 310 65P A O69 1 
HETATM 1162 O  O71 . 65P K 5 .   ? 5.303   20.965  -5.171  1.00 25.82  ? 310 65P A O71 1 
HETATM 1163 O  O   . HOH L 6 .   ? 4.644   10.277  2.832   1.00 32.31  ? 401 HOH A O   1 
HETATM 1164 O  O   . HOH L 6 .   ? 6.322   -1.309  -4.387  1.00 40.11  ? 402 HOH A O   1 
HETATM 1165 O  O   . HOH L 6 .   ? -8.995  2.222   -9.750  1.00 31.25  ? 403 HOH A O   1 
HETATM 1166 O  O   . HOH L 6 .   ? 15.806  -6.983  4.558   1.00 44.11  ? 404 HOH A O   1 
HETATM 1167 O  O   . HOH L 6 .   ? -13.047 -10.516 -1.418  1.00 54.74  ? 405 HOH A O   1 
HETATM 1168 O  O   . HOH L 6 .   ? 9.571   24.737  -1.873  1.00 50.63  ? 406 HOH A O   1 
HETATM 1169 O  O   . HOH L 6 .   ? 13.859  -5.022  4.395   1.00 38.74  ? 407 HOH A O   1 
HETATM 1170 O  O   . HOH L 6 .   ? -8.916  -11.979 4.869   1.00 50.68  ? 408 HOH A O   1 
HETATM 1171 O  O   . HOH L 6 .   ? 7.944   24.649  -5.381  1.00 42.04  ? 409 HOH A O   1 
HETATM 1172 O  O   . HOH L 6 .   ? 11.016  -3.327  7.214   1.00 31.54  ? 410 HOH A O   1 
HETATM 1173 O  O   . HOH L 6 .   ? 1.453   21.923  -10.519 1.00 44.37  ? 411 HOH A O   1 
HETATM 1174 O  O   . HOH L 6 .   ? 8.499   -12.002 11.027  1.00 54.32  ? 412 HOH A O   1 
HETATM 1175 O  O   . HOH L 6 .   ? 9.340   -12.795 7.138   1.00 38.99  ? 413 HOH A O   1 
HETATM 1176 O  O   . HOH L 6 .   ? 16.234  4.606   -2.683  1.00 49.86  ? 414 HOH A O   1 
HETATM 1177 O  O   . HOH L 6 .   ? -0.201  6.158   5.665   1.00 49.41  ? 415 HOH A O   1 
HETATM 1178 O  O   . HOH L 6 .   ? -2.930  8.825   8.887   1.00 54.25  ? 416 HOH A O   1 
HETATM 1179 O  O   . HOH L 6 .   ? -13.161 6.138   -6.190  1.00 35.01  ? 417 HOH A O   1 
HETATM 1180 O  O   . HOH L 6 .   ? 6.547   4.818   8.363   1.00 26.11  ? 418 HOH A O   1 
HETATM 1181 O  O   . HOH L 6 .   ? 13.576  13.688  -4.606  1.00 46.29  ? 419 HOH A O   1 
HETATM 1182 O  O   . HOH L 6 .   ? 2.246   -14.702 11.220  1.00 49.37  ? 420 HOH A O   1 
HETATM 1183 O  O   . HOH L 6 .   ? 6.109   14.208  -15.292 1.00 49.25  ? 421 HOH A O   1 
HETATM 1184 O  O   . HOH L 6 .   ? -7.440  -0.254  -10.085 1.00 44.44  ? 422 HOH A O   1 
HETATM 1185 O  O   . HOH L 6 .   ? 0.533   6.558   -22.721 1.00 75.74  ? 423 HOH A O   1 
HETATM 1186 O  O   . HOH L 6 .   ? 9.579   -3.850  -4.547  1.00 48.08  ? 424 HOH A O   1 
HETATM 1187 O  O   . HOH L 6 .   ? -7.163  -6.578  15.143  1.00 39.08  ? 425 HOH A O   1 
HETATM 1188 O  O   . HOH L 6 .   ? -3.854  8.840   -15.506 1.00 50.03  ? 426 HOH A O   1 
HETATM 1189 O  O   . HOH L 6 .   ? -7.504  -8.276  -0.194  1.00 30.05  ? 427 HOH A O   1 
HETATM 1190 O  O   . HOH L 6 .   ? 13.150  4.967   17.749  1.00 44.41  ? 428 HOH A O   1 
HETATM 1191 O  O   . HOH L 6 .   ? -16.667 -8.899  0.624   1.00 51.24  ? 429 HOH A O   1 
HETATM 1192 O  O   . HOH L 6 .   ? -8.689  -5.042  4.908   1.00 32.20  ? 430 HOH A O   1 
HETATM 1193 O  O   . HOH L 6 .   ? 1.720   -11.505 14.628  1.00 35.42  ? 431 HOH A O   1 
HETATM 1194 O  O   . HOH L 6 .   ? -12.563 6.783   -14.048 1.00 62.81  ? 432 HOH A O   1 
HETATM 1195 O  O   . HOH L 6 .   ? 11.675  5.372   13.877  1.00 61.43  ? 433 HOH A O   1 
HETATM 1196 O  O   . HOH L 6 .   ? 8.511   12.029  -15.968 1.00 62.96  ? 434 HOH A O   1 
HETATM 1197 O  O   . HOH L 6 .   ? -4.804  4.893   11.351  1.00 26.17  ? 435 HOH A O   1 
HETATM 1198 O  O   . HOH L 6 .   ? 7.935   6.423   -11.587 1.00 54.35  ? 436 HOH A O   1 
HETATM 1199 O  O   . HOH L 6 .   ? 9.536   -6.385  -2.692  1.00 55.12  ? 437 HOH A O   1 
HETATM 1200 O  O   . HOH L 6 .   ? 5.453   7.249   -16.695 1.00 39.34  ? 438 HOH A O   1 
HETATM 1201 O  O   . HOH L 6 .   ? -5.108  -5.384  12.268  1.00 28.13  ? 439 HOH A O   1 
HETATM 1202 O  O   . HOH L 6 .   ? 11.934  -5.548  9.669   1.00 32.21  ? 440 HOH A O   1 
HETATM 1203 O  O   . HOH L 6 .   ? 5.476   14.230  5.144   1.00 55.68  ? 441 HOH A O   1 
HETATM 1204 O  O   . HOH L 6 .   ? 5.593   23.456  -6.307  1.00 36.19  ? 442 HOH A O   1 
HETATM 1205 O  O   . HOH L 6 .   ? 4.223   -10.738 15.449  1.00 34.72  ? 443 HOH A O   1 
HETATM 1206 O  O   . HOH L 6 .   ? 12.657  -4.403  0.572   1.00 44.77  ? 444 HOH A O   1 
HETATM 1207 O  O   . HOH L 6 .   ? -8.273  8.847   -11.813 1.00 38.78  ? 445 HOH A O   1 
HETATM 1208 O  O   . HOH L 6 .   ? 5.528   1.375   -14.617 1.00 49.95  ? 446 HOH A O   1 
HETATM 1209 O  O   . HOH L 6 .   ? -4.661  -12.025 11.719  1.00 37.80  ? 447 HOH A O   1 
HETATM 1210 O  O   . HOH L 6 .   ? -3.902  3.390   13.554  1.00 21.73  ? 448 HOH A O   1 
HETATM 1211 O  O   . HOH L 6 .   ? -1.509  7.289   0.321   1.00 23.00  ? 449 HOH A O   1 
HETATM 1212 O  O   . HOH L 6 .   ? 13.543  4.637   11.022  1.00 50.13  ? 450 HOH A O   1 
HETATM 1213 O  O   . HOH L 6 .   ? -13.353 -7.234  6.059   1.00 44.99  ? 451 HOH A O   1 
HETATM 1214 O  O   . HOH L 6 .   ? 5.333   0.618   -7.473  1.00 54.26  ? 452 HOH A O   1 
HETATM 1215 O  O   . HOH L 6 .   ? -7.012  -3.864  11.472  1.00 27.69  ? 453 HOH A O   1 
HETATM 1216 O  O   . HOH L 6 .   ? 10.736  0.782   5.826   1.00 44.88  ? 454 HOH A O   1 
HETATM 1217 O  O   . HOH L 6 .   ? 16.503  5.819   -6.559  1.00 56.87  ? 455 HOH A O   1 
HETATM 1218 O  O   . HOH L 6 .   ? -0.451  -11.100 -2.511  1.00 53.51  ? 456 HOH A O   1 
HETATM 1219 O  O   . HOH L 6 .   ? -13.445 4.905   -1.172  1.00 49.50  ? 457 HOH A O   1 
HETATM 1220 O  O   . HOH L 6 .   ? -2.701  -15.537 2.898   1.00 55.70  ? 458 HOH A O   1 
HETATM 1221 O  O   . HOH L 6 .   ? -1.719  10.171  -15.005 1.00 45.31  ? 459 HOH A O   1 
HETATM 1222 O  O   . HOH L 6 .   ? 4.870   18.513  3.999   1.00 43.32  ? 460 HOH A O   1 
HETATM 1223 O  O   . HOH L 6 .   ? 8.545   -8.023  18.953  1.00 45.85  ? 461 HOH A O   1 
HETATM 1224 O  O   . HOH L 6 .   ? 3.104   -3.734  -2.823  1.00 29.92  ? 462 HOH A O   1 
HETATM 1225 O  O   . HOH L 6 .   ? 9.646   13.766  -1.250  1.00 28.98  ? 463 HOH A O   1 
HETATM 1226 O  O   . HOH L 6 .   ? 9.916   -4.713  -0.508  1.00 33.01  ? 464 HOH A O   1 
HETATM 1227 O  O   . HOH L 6 .   ? -4.767  5.959   -0.235  1.00 42.16  ? 465 HOH A O   1 
HETATM 1228 O  O   . HOH L 6 .   ? 15.271  7.325   -9.751  1.00 47.51  ? 466 HOH A O   1 
HETATM 1229 O  O   . HOH L 6 .   ? 13.499  20.422  -4.551  1.00 72.43  ? 467 HOH A O   1 
HETATM 1230 O  O   . HOH L 6 .   ? 15.841  -7.100  11.288  1.00 50.68  ? 468 HOH A O   1 
HETATM 1231 O  O   . HOH L 6 .   ? -10.854 -8.153  6.938   1.00 38.74  ? 469 HOH A O   1 
HETATM 1232 O  O   . HOH L 6 .   ? 7.030   26.122  -1.979  1.00 46.40  ? 470 HOH A O   1 
HETATM 1233 O  O   . HOH L 6 .   ? 4.275   -12.931 1.543   1.00 41.39  ? 471 HOH A O   1 
HETATM 1234 O  O   . HOH L 6 .   ? 5.640   -4.175  -10.891 1.00 58.89  ? 472 HOH A O   1 
HETATM 1235 O  O   . HOH L 6 .   ? 13.157  -5.871  -1.969  1.00 50.29  ? 473 HOH A O   1 
HETATM 1236 O  O   . HOH L 6 .   ? 6.829   11.790  3.301   1.00 61.91  ? 474 HOH A O   1 
HETATM 1237 O  O   . HOH L 6 .   ? 1.423   -9.951  -8.571  1.00 48.32  ? 475 HOH A O   1 
HETATM 1238 O  O   . HOH L 6 .   ? -10.859 -6.109  -8.116  1.00 61.03  ? 476 HOH A O   1 
HETATM 1239 O  O   . HOH L 6 .   ? 15.479  -2.828  10.089  1.00 50.20  ? 477 HOH A O   1 
HETATM 1240 O  O   . HOH L 6 .   ? 14.497  -0.092  12.242  1.00 51.81  ? 478 HOH A O   1 
HETATM 1241 O  O   . HOH L 6 .   ? 12.679  -3.123  -1.908  1.00 59.90  ? 479 HOH A O   1 
HETATM 1242 O  O   . HOH L 6 .   ? 9.420   -12.639 -4.222  1.00 45.19  ? 480 HOH A O   1 
HETATM 1243 O  O   . HOH L 6 .   ? -1.051  -10.471 -6.793  1.00 58.52  ? 481 HOH A O   1 
HETATM 1244 O  O   . HOH L 6 .   ? 4.730   6.371   7.156   1.00 35.51  ? 482 HOH A O   1 
HETATM 1245 O  O   . HOH L 6 .   ? -11.044 0.942   11.281  1.00 41.45  ? 483 HOH A O   1 
HETATM 1246 O  O   . HOH L 6 .   ? 16.913  2.183   2.189   1.00 52.58  ? 484 HOH A O   1 
HETATM 1247 O  O   . HOH L 6 .   ? -14.544 13.359  -4.145  1.00 53.82  ? 485 HOH A O   1 
HETATM 1248 O  O   . HOH L 6 .   ? -3.296  -12.110 -8.642  1.00 49.77  ? 486 HOH A O   1 
HETATM 1249 O  O   . HOH L 6 .   ? -0.641  20.301  -11.026 1.00 50.49  ? 487 HOH A O   1 
HETATM 1250 O  O   . HOH L 6 .   ? 4.595   -12.293 4.129   1.00 49.77  ? 488 HOH A O   1 
HETATM 1251 O  O   . HOH L 6 .   ? -10.265 -1.607  11.103  1.00 53.41  ? 489 HOH A O   1 
HETATM 1252 O  O   . HOH L 6 .   ? 17.948  1.371   5.861   1.00 55.96  ? 490 HOH A O   1 
HETATM 1253 O  O   . HOH L 6 .   ? 9.551   15.401  3.528   1.00 62.17  ? 491 HOH A O   1 
HETATM 1254 O  O   . HOH L 6 .   ? -20.010 1.030   -16.418 1.00 66.25  ? 492 HOH A O   1 
HETATM 1255 O  O   . HOH L 6 .   ? 7.527   -0.736  -8.755  1.00 62.82  ? 493 HOH A O   1 
HETATM 1256 O  O   . HOH L 6 .   ? 3.603   -13.151 -1.058  1.00 56.12  ? 494 HOH A O   1 
HETATM 1257 O  O   . HOH L 6 .   ? -0.482  3.615   6.221   1.00 40.06  ? 495 HOH A O   1 
HETATM 1258 O  O   . HOH L 6 .   ? 13.668  -3.365  6.588   1.00 43.24  ? 496 HOH A O   1 
HETATM 1259 O  O   . HOH L 6 .   ? -3.789  -8.901  -13.084 1.00 65.03  ? 497 HOH A O   1 
HETATM 1260 O  O   . HOH L 6 .   ? 9.013   8.818   -12.142 1.00 51.50  ? 498 HOH A O   1 
HETATM 1261 O  O   . HOH L 6 .   ? 12.255  10.989  1.942   1.00 49.91  ? 499 HOH A O   1 
HETATM 1262 O  O   . HOH L 6 .   ? 17.176  5.052   0.135   1.00 61.28  ? 500 HOH A O   1 
HETATM 1263 O  O   . HOH L 6 .   ? 16.731  -7.474  7.325   1.00 54.02  ? 501 HOH A O   1 
HETATM 1264 O  O   . HOH L 6 .   ? 3.715   25.025  -7.644  1.00 48.88  ? 502 HOH A O   1 
HETATM 1265 O  O   . HOH L 6 .   ? 11.759  -7.520  -3.755  1.00 47.09  ? 503 HOH A O   1 
HETATM 1266 O  O   . HOH L 6 .   ? 6.209   -9.212  19.549  1.00 54.75  ? 504 HOH A O   1 
HETATM 1267 O  O   . HOH L 6 .   ? 14.274  -4.729  8.840   1.00 51.59  ? 505 HOH A O   1 
HETATM 1268 O  O   . HOH L 6 .   ? -5.246  -15.343 4.161   1.00 52.52  ? 506 HOH A O   1 
HETATM 1269 O  O   . HOH L 6 .   ? -17.859 -1.890  -6.453  1.00 61.77  ? 507 HOH A O   1 
HETATM 1270 O  O   . HOH L 6 .   ? 6.111   22.679  -9.397  1.00 57.43  ? 508 HOH A O   1 
HETATM 1271 O  O   . HOH L 6 .   ? -17.561 -8.532  -2.179  1.00 49.48  ? 509 HOH A O   1 
HETATM 1272 O  O   . HOH L 6 .   ? -14.257 6.282   -3.191  1.00 42.47  ? 510 HOH A O   1 
HETATM 1273 O  O   . HOH L 6 .   ? 1.031   -14.446 -3.240  1.00 57.69  ? 511 HOH A O   1 
HETATM 1274 O  O   . HOH L 6 .   ? -16.743 5.412   -15.487 1.00 62.08  ? 512 HOH A O   1 
HETATM 1275 O  O   . HOH L 6 .   ? -15.323 0.017   -18.193 1.00 64.26  ? 513 HOH A O   1 
HETATM 1276 O  O   . HOH L 6 .   ? 10.246  12.932  1.264   1.00 43.40  ? 514 HOH A O   1 
HETATM 1277 O  O   . HOH L 6 .   ? -16.875 7.056   -3.716  1.00 53.42  ? 515 HOH A O   1 
HETATM 1278 O  O   . HOH L 6 .   ? -5.431  -6.821  -11.671 1.00 67.07  ? 516 HOH A O   1 
HETATM 1279 O  O   . HOH L 6 .   ? 7.372   -0.804  -13.739 1.00 70.35  ? 517 HOH A O   1 
HETATM 1280 O  O   . HOH L 6 .   ? -18.040 1.447   -19.025 1.00 58.77  ? 518 HOH A O   1 
HETATM 1281 O  O   . HOH L 6 .   ? 0.059   -18.686 -3.942  1.00 64.83  ? 519 HOH A O   1 
# 
